data_8SWO
# 
_entry.id   8SWO 
# 
_audit_conform.dict_name       mmcif_pdbx.dic 
_audit_conform.dict_version    5.383 
_audit_conform.dict_location   http://mmcif.pdb.org/dictionaries/ascii/mmcif_pdbx.dic 
# 
loop_
_database_2.database_id 
_database_2.database_code 
_database_2.pdbx_database_accession 
_database_2.pdbx_DOI 
PDB   8SWO         pdb_00008swo 10.2210/pdb8swo/pdb 
WWPDB D_1000274625 ?            ?                   
# 
_pdbx_database_status.status_code                     REL 
_pdbx_database_status.status_code_sf                  REL 
_pdbx_database_status.status_code_mr                  ? 
_pdbx_database_status.entry_id                        8SWO 
_pdbx_database_status.recvd_initial_deposition_date   2023-05-19 
_pdbx_database_status.SG_entry                        N 
_pdbx_database_status.deposit_site                    RCSB 
_pdbx_database_status.process_site                    RCSB 
_pdbx_database_status.status_code_cs                  ? 
_pdbx_database_status.status_code_nmr_data            ? 
_pdbx_database_status.methods_development_category    ? 
_pdbx_database_status.pdb_format_compatible           Y 
# 
loop_
_audit_author.name 
_audit_author.pdbx_ordinal 
_audit_author.identifier_ORCID 
'Zhang, W.'  1 0000-0003-4811-4384 
'Dantsu, Y.' 2 0000-0001-6774-8724 
# 
_citation.abstract                  ? 
_citation.abstract_id_CAS           ? 
_citation.book_id_ISBN              ? 
_citation.book_publisher            ? 
_citation.book_publisher_city       ? 
_citation.book_title                ? 
_citation.coordinate_linkage        ? 
_citation.country                   UK 
_citation.database_id_Medline       ? 
_citation.details                   ? 
_citation.id                        primary 
_citation.journal_abbrev            'Rsc Chem Biol' 
_citation.journal_id_ASTM           ? 
_citation.journal_id_CSD            ? 
_citation.journal_id_ISSN           2633-0679 
_citation.journal_full              ? 
_citation.journal_issue             ? 
_citation.journal_volume            4 
_citation.language                  ? 
_citation.page_first                942 
_citation.page_last                 951 
_citation.title                     
'Insight into the structures of unusual base pairs in RNA complexes containing a primer/template/adenosine ligand.' 
_citation.year                      2023 
_citation.database_id_CSD           ? 
_citation.pdbx_database_id_DOI      10.1039/d3cb00137g 
_citation.pdbx_database_id_PubMed   37920395 
_citation.pdbx_database_id_patent   ? 
_citation.unpublished_flag          ? 
# 
loop_
_citation_author.citation_id 
_citation_author.name 
_citation_author.ordinal 
_citation_author.identifier_ORCID 
primary 'Dantsu, Y.' 1 0000-0001-6774-8724 
primary 'Zhang, Y.'  2 ?                   
primary 'Zhang, W.'  3 0000-0003-4811-4384 
# 
_cell.angle_alpha                  90.00 
_cell.angle_alpha_esd              ? 
_cell.angle_beta                   90.00 
_cell.angle_beta_esd               ? 
_cell.angle_gamma                  120.00 
_cell.angle_gamma_esd              ? 
_cell.entry_id                     8SWO 
_cell.details                      ? 
_cell.formula_units_Z              ? 
_cell.length_a                     44.121 
_cell.length_a_esd                 ? 
_cell.length_b                     44.121 
_cell.length_b_esd                 ? 
_cell.length_c                     84.530 
_cell.length_c_esd                 ? 
_cell.volume                       ? 
_cell.volume_esd                   ? 
_cell.Z_PDB                        12 
_cell.reciprocal_angle_alpha       ? 
_cell.reciprocal_angle_beta        ? 
_cell.reciprocal_angle_gamma       ? 
_cell.reciprocal_angle_alpha_esd   ? 
_cell.reciprocal_angle_beta_esd    ? 
_cell.reciprocal_angle_gamma_esd   ? 
_cell.reciprocal_length_a          ? 
_cell.reciprocal_length_b          ? 
_cell.reciprocal_length_c          ? 
_cell.reciprocal_length_a_esd      ? 
_cell.reciprocal_length_b_esd      ? 
_cell.reciprocal_length_c_esd      ? 
_cell.pdbx_unique_axis             ? 
_cell.pdbx_esd_method              ? 
# 
_symmetry.entry_id                         8SWO 
_symmetry.cell_setting                     ? 
_symmetry.Int_Tables_number                150 
_symmetry.space_group_name_Hall            ? 
_symmetry.space_group_name_H-M             'P 3 2 1' 
_symmetry.pdbx_full_space_group_name_H-M   ? 
# 
loop_
_entity.id 
_entity.type 
_entity.src_method 
_entity.pdbx_description 
_entity.formula_weight 
_entity.pdbx_number_of_molecules 
_entity.pdbx_ec 
_entity.pdbx_mutation 
_entity.pdbx_fragment 
_entity.details 
1 polymer     syn 
;RNA (5'-R(*(TLN)P*(LCC)P*(LCC)P*(LCG)P*AP*CP*UP*UP*AP*AP*GP*UP*CP*G*(GA3))-3')
;
4513.789 2  ? ? ? ? 
2 non-polymer syn "GUANOSINE-P3-ADENOSINE-5',5'-TRIPHOSPHATE"                                      772.406  2  ? ? ? ? 
3 non-polymer syn 'MAGNESIUM ION'                                                                  24.305   2  ? ? ? ? 
4 water       nat water                                                                            18.015   31 ? ? ? ? 
# 
_entity_poly.entity_id                      1 
_entity_poly.type                           polyribonucleotide 
_entity_poly.nstd_linkage                   no 
_entity_poly.nstd_monomer                   yes 
_entity_poly.pdbx_seq_one_letter_code       '(TLN)(LCC)(LCC)(LCG)ACUUAAGUCG' 
_entity_poly.pdbx_seq_one_letter_code_can   UNNGACUUAAGUCG 
_entity_poly.pdbx_strand_id                 A,B 
_entity_poly.pdbx_target_identifier         ? 
# 
loop_
_entity_poly_seq.entity_id 
_entity_poly_seq.num 
_entity_poly_seq.mon_id 
_entity_poly_seq.hetero 
1 1  TLN n 
1 2  LCC n 
1 3  LCC n 
1 4  LCG n 
1 5  A   n 
1 6  C   n 
1 7  U   n 
1 8  U   n 
1 9  A   n 
1 10 A   n 
1 11 G   n 
1 12 U   n 
1 13 C   n 
1 14 G   n 
# 
_pdbx_entity_src_syn.entity_id              1 
_pdbx_entity_src_syn.pdbx_src_id            1 
_pdbx_entity_src_syn.pdbx_alt_source_flag   sample 
_pdbx_entity_src_syn.pdbx_beg_seq_num       1 
_pdbx_entity_src_syn.pdbx_end_seq_num       14 
_pdbx_entity_src_syn.organism_scientific    'synthetic construct' 
_pdbx_entity_src_syn.organism_common_name   ? 
_pdbx_entity_src_syn.ncbi_taxonomy_id       32630 
_pdbx_entity_src_syn.details                ? 
# 
_struct_ref.id                         1 
_struct_ref.db_name                    PDB 
_struct_ref.db_code                    8SWO 
_struct_ref.pdbx_db_accession          8SWO 
_struct_ref.pdbx_db_isoform            ? 
_struct_ref.entity_id                  1 
_struct_ref.pdbx_seq_one_letter_code   ? 
_struct_ref.pdbx_align_begin           1 
# 
loop_
_struct_ref_seq.align_id 
_struct_ref_seq.ref_id 
_struct_ref_seq.pdbx_PDB_id_code 
_struct_ref_seq.pdbx_strand_id 
_struct_ref_seq.seq_align_beg 
_struct_ref_seq.pdbx_seq_align_beg_ins_code 
_struct_ref_seq.seq_align_end 
_struct_ref_seq.pdbx_seq_align_end_ins_code 
_struct_ref_seq.pdbx_db_accession 
_struct_ref_seq.db_align_beg 
_struct_ref_seq.pdbx_db_align_beg_ins_code 
_struct_ref_seq.db_align_end 
_struct_ref_seq.pdbx_db_align_end_ins_code 
_struct_ref_seq.pdbx_auth_seq_align_beg 
_struct_ref_seq.pdbx_auth_seq_align_end 
1 1 8SWO A 1 ? 14 ? 8SWO 1 ? 14 ? 1 14 
2 1 8SWO B 1 ? 14 ? 8SWO 1 ? 14 ? 1 14 
# 
loop_
_chem_comp.id 
_chem_comp.type 
_chem_comp.mon_nstd_flag 
_chem_comp.name 
_chem_comp.pdbx_synonyms 
_chem_comp.formula 
_chem_comp.formula_weight 
A   'RNA linking' y "ADENOSINE-5'-MONOPHOSPHATE" ? 'C10 H14 N5 O7 P'    347.221 
C   'RNA linking' y "CYTIDINE-5'-MONOPHOSPHATE" ? 'C9 H14 N3 O8 P'     323.197 
G   'RNA linking' y "GUANOSINE-5'-MONOPHOSPHATE" ? 'C10 H14 N5 O8 P'    363.221 
G3A non-polymer   n "GUANOSINE-P3-ADENOSINE-5',5'-TRIPHOSPHATE" ? 'C20 H27 N10 O17 P3' 772.406 
HOH non-polymer   . WATER ? 'H2 O'               18.015  
LCC 'RNA linking' . 
'[(1R,3R,4R,7S)-7-HYDROXY-3-(5-METHYLCYTOSIN-1-YL)-2,5-DIOXABICYCLO[2.2.1]HEPT-1-YL]METHYL DIHYDROGEN PHOSPHATE' ? 
'C11 H16 N3 O8 P'    349.234 
LCG 'RNA linking' n '[(1R,3R,4R,7S)-7-HYDROXY-3-(GUANIN-9-YL)-2,5-DIOXABICYCLO[2.2.1]HEPT-1-YL]METHYL DIHYDROGEN PHOSPHATE' ? 
'C11 H14 N5 O8 P'    375.231 
MG  non-polymer   . 'MAGNESIUM ION' ? 'Mg 2'               24.305  
TLN 'RNA linking' n '[(1R,3R,4R,7S)-7-HYDROXY-3-(THYMIN-1-YL)-2,5-DIOXABICYCLO[2.2.1]HEPT-1-YL]METHYL DIHYDROGEN PHOSPHATE' ? 
'C11 H15 N2 O9 P'    350.219 
U   'RNA linking' y "URIDINE-5'-MONOPHOSPHATE" ? 'C9 H13 N2 O9 P'     324.181 
# 
_exptl.absorpt_coefficient_mu     ? 
_exptl.absorpt_correction_T_max   ? 
_exptl.absorpt_correction_T_min   ? 
_exptl.absorpt_correction_type    ? 
_exptl.absorpt_process_details    ? 
_exptl.entry_id                   8SWO 
_exptl.crystals_number            1 
_exptl.details                    ? 
_exptl.method                     'X-RAY DIFFRACTION' 
_exptl.method_details             ? 
# 
_exptl_crystal.colour                       ? 
_exptl_crystal.density_diffrn               ? 
_exptl_crystal.density_Matthews             2.45 
_exptl_crystal.density_method               ? 
_exptl_crystal.density_percent_sol          53.25 
_exptl_crystal.description                  ? 
_exptl_crystal.F_000                        ? 
_exptl_crystal.id                           1 
_exptl_crystal.preparation                  ? 
_exptl_crystal.size_max                     ? 
_exptl_crystal.size_mid                     ? 
_exptl_crystal.size_min                     ? 
_exptl_crystal.size_rad                     ? 
_exptl_crystal.colour_lustre                ? 
_exptl_crystal.colour_modifier              ? 
_exptl_crystal.colour_primary               ? 
_exptl_crystal.density_meas                 ? 
_exptl_crystal.density_meas_esd             ? 
_exptl_crystal.density_meas_gt              ? 
_exptl_crystal.density_meas_lt              ? 
_exptl_crystal.density_meas_temp            ? 
_exptl_crystal.density_meas_temp_esd        ? 
_exptl_crystal.density_meas_temp_gt         ? 
_exptl_crystal.density_meas_temp_lt         ? 
_exptl_crystal.pdbx_crystal_image_url       ? 
_exptl_crystal.pdbx_crystal_image_format    ? 
_exptl_crystal.pdbx_mosaicity               ? 
_exptl_crystal.pdbx_mosaicity_esd           ? 
_exptl_crystal.pdbx_mosaic_method           ? 
_exptl_crystal.pdbx_mosaic_block_size       ? 
_exptl_crystal.pdbx_mosaic_block_size_esd   ? 
# 
_exptl_crystal_grow.apparatus       ? 
_exptl_crystal_grow.atmosphere      ? 
_exptl_crystal_grow.crystal_id      1 
_exptl_crystal_grow.details         ? 
_exptl_crystal_grow.method          'VAPOR DIFFUSION, SITTING DROP' 
_exptl_crystal_grow.method_ref      ? 
_exptl_crystal_grow.pH              7.0 
_exptl_crystal_grow.pressure        ? 
_exptl_crystal_grow.pressure_esd    ? 
_exptl_crystal_grow.seeding         ? 
_exptl_crystal_grow.seeding_ref     ? 
_exptl_crystal_grow.temp_details    ? 
_exptl_crystal_grow.temp_esd        ? 
_exptl_crystal_grow.time            ? 
_exptl_crystal_grow.pdbx_details    
'0.02 M magnesium chloride hexahydrate, 0.05 M MOPS, pH 7.0, 55% v/v Tacsimate, pH 7.0, 2 mM hexammine cobalt(III) chloride' 
_exptl_crystal_grow.pdbx_pH_range   ? 
_exptl_crystal_grow.temp            291 
# 
_diffrn.ambient_environment              ? 
_diffrn.ambient_temp                     99 
_diffrn.ambient_temp_details             ? 
_diffrn.ambient_temp_esd                 ? 
_diffrn.crystal_id                       1 
_diffrn.crystal_support                  ? 
_diffrn.crystal_treatment                ? 
_diffrn.details                          ? 
_diffrn.id                               1 
_diffrn.ambient_pressure                 ? 
_diffrn.ambient_pressure_esd             ? 
_diffrn.ambient_pressure_gt              ? 
_diffrn.ambient_pressure_lt              ? 
_diffrn.ambient_temp_gt                  ? 
_diffrn.ambient_temp_lt                  ? 
_diffrn.pdbx_serial_crystal_experiment   N 
# 
_diffrn_detector.details                      ? 
_diffrn_detector.detector                     CCD 
_diffrn_detector.diffrn_id                    1 
_diffrn_detector.type                         'MAR CCD 130 mm' 
_diffrn_detector.area_resol_mean              ? 
_diffrn_detector.dtime                        ? 
_diffrn_detector.pdbx_frames_total            ? 
_diffrn_detector.pdbx_collection_time_total   ? 
_diffrn_detector.pdbx_collection_date         2022-10-15 
_diffrn_detector.pdbx_frequency               ? 
_diffrn_detector.id                           ? 
_diffrn_detector.number_of_axes               ? 
# 
_diffrn_radiation.collimation                      ? 
_diffrn_radiation.diffrn_id                        1 
_diffrn_radiation.filter_edge                      ? 
_diffrn_radiation.inhomogeneity                    ? 
_diffrn_radiation.monochromator                    ? 
_diffrn_radiation.polarisn_norm                    ? 
_diffrn_radiation.polarisn_ratio                   ? 
_diffrn_radiation.probe                            ? 
_diffrn_radiation.type                             ? 
_diffrn_radiation.xray_symbol                      ? 
_diffrn_radiation.wavelength_id                    1 
_diffrn_radiation.pdbx_monochromatic_or_laue_m_l   M 
_diffrn_radiation.pdbx_wavelength_list             ? 
_diffrn_radiation.pdbx_wavelength                  ? 
_diffrn_radiation.pdbx_diffrn_protocol             'SINGLE WAVELENGTH' 
_diffrn_radiation.pdbx_analyzer                    ? 
_diffrn_radiation.pdbx_scattering_type             x-ray 
# 
_diffrn_radiation_wavelength.id           1 
_diffrn_radiation_wavelength.wavelength   0.987 
_diffrn_radiation_wavelength.wt           1.0 
# 
_diffrn_source.current                     ? 
_diffrn_source.details                     ? 
_diffrn_source.diffrn_id                   1 
_diffrn_source.power                       ? 
_diffrn_source.size                        ? 
_diffrn_source.source                      SYNCHROTRON 
_diffrn_source.target                      ? 
_diffrn_source.type                        'APS BEAMLINE 21-ID-F' 
_diffrn_source.voltage                     ? 
_diffrn_source.take-off_angle              ? 
_diffrn_source.pdbx_wavelength_list        0.987 
_diffrn_source.pdbx_wavelength             ? 
_diffrn_source.pdbx_synchrotron_beamline   21-ID-F 
_diffrn_source.pdbx_synchrotron_site       APS 
# 
_reflns.B_iso_Wilson_estimate                          ? 
_reflns.entry_id                                       8SWO 
_reflns.data_reduction_details                         ? 
_reflns.data_reduction_method                          ? 
_reflns.d_resolution_high                              1.64 
_reflns.d_resolution_low                               50 
_reflns.details                                        ? 
_reflns.limit_h_max                                    ? 
_reflns.limit_h_min                                    ? 
_reflns.limit_k_max                                    ? 
_reflns.limit_k_min                                    ? 
_reflns.limit_l_max                                    ? 
_reflns.limit_l_min                                    ? 
_reflns.number_all                                     ? 
_reflns.number_obs                                     10994 
_reflns.observed_criterion                             ? 
_reflns.observed_criterion_F_max                       ? 
_reflns.observed_criterion_F_min                       ? 
_reflns.observed_criterion_I_max                       ? 
_reflns.observed_criterion_I_min                       ? 
_reflns.observed_criterion_sigma_F                     ? 
_reflns.observed_criterion_sigma_I                     ? 
_reflns.percent_possible_obs                           90.1 
_reflns.R_free_details                                 ? 
_reflns.Rmerge_F_all                                   ? 
_reflns.Rmerge_F_obs                                   ? 
_reflns.Friedel_coverage                               ? 
_reflns.number_gt                                      ? 
_reflns.threshold_expression                           ? 
_reflns.pdbx_redundancy                                10.1 
_reflns.pdbx_netI_over_av_sigmaI                       ? 
_reflns.pdbx_netI_over_sigmaI                          10.8 
_reflns.pdbx_res_netI_over_av_sigmaI_2                 ? 
_reflns.pdbx_res_netI_over_sigmaI_2                    ? 
_reflns.pdbx_chi_squared                               1.036 
_reflns.pdbx_scaling_rejects                           ? 
_reflns.pdbx_d_res_high_opt                            ? 
_reflns.pdbx_d_res_low_opt                             ? 
_reflns.pdbx_d_res_opt_method                          ? 
_reflns.phase_calculation_details                      ? 
_reflns.pdbx_Rrim_I_all                                ? 
_reflns.pdbx_Rpim_I_all                                ? 
_reflns.pdbx_d_opt                                     ? 
_reflns.pdbx_number_measured_all                       ? 
_reflns.pdbx_diffrn_id                                 1 
_reflns.pdbx_ordinal                                   1 
_reflns.pdbx_CC_half                                   0.976 
_reflns.pdbx_CC_star                                   0.994 
_reflns.pdbx_R_split                                   ? 
_reflns.pdbx_Rmerge_I_obs                              0.136 
_reflns.pdbx_Rmerge_I_all                              ? 
_reflns.pdbx_Rsym_value                                ? 
_reflns.pdbx_CC_split_method                           ? 
_reflns.pdbx_aniso_diffraction_limit_axis_1_ortho[1]   ? 
_reflns.pdbx_aniso_diffraction_limit_axis_1_ortho[2]   ? 
_reflns.pdbx_aniso_diffraction_limit_axis_1_ortho[3]   ? 
_reflns.pdbx_aniso_diffraction_limit_axis_2_ortho[1]   ? 
_reflns.pdbx_aniso_diffraction_limit_axis_2_ortho[2]   ? 
_reflns.pdbx_aniso_diffraction_limit_axis_2_ortho[3]   ? 
_reflns.pdbx_aniso_diffraction_limit_axis_3_ortho[1]   ? 
_reflns.pdbx_aniso_diffraction_limit_axis_3_ortho[2]   ? 
_reflns.pdbx_aniso_diffraction_limit_axis_3_ortho[3]   ? 
_reflns.pdbx_aniso_diffraction_limit_1                 ? 
_reflns.pdbx_aniso_diffraction_limit_2                 ? 
_reflns.pdbx_aniso_diffraction_limit_3                 ? 
_reflns.pdbx_aniso_B_tensor_eigenvector_1_ortho[1]     ? 
_reflns.pdbx_aniso_B_tensor_eigenvector_1_ortho[2]     ? 
_reflns.pdbx_aniso_B_tensor_eigenvector_1_ortho[3]     ? 
_reflns.pdbx_aniso_B_tensor_eigenvector_2_ortho[1]     ? 
_reflns.pdbx_aniso_B_tensor_eigenvector_2_ortho[2]     ? 
_reflns.pdbx_aniso_B_tensor_eigenvector_2_ortho[3]     ? 
_reflns.pdbx_aniso_B_tensor_eigenvector_3_ortho[1]     ? 
_reflns.pdbx_aniso_B_tensor_eigenvector_3_ortho[2]     ? 
_reflns.pdbx_aniso_B_tensor_eigenvector_3_ortho[3]     ? 
_reflns.pdbx_aniso_B_tensor_eigenvalue_1               ? 
_reflns.pdbx_aniso_B_tensor_eigenvalue_2               ? 
_reflns.pdbx_aniso_B_tensor_eigenvalue_3               ? 
_reflns.pdbx_orthogonalization_convention              ? 
_reflns.pdbx_percent_possible_ellipsoidal              ? 
_reflns.pdbx_percent_possible_spherical                ? 
_reflns.pdbx_percent_possible_ellipsoidal_anomalous    ? 
_reflns.pdbx_percent_possible_spherical_anomalous      ? 
_reflns.pdbx_redundancy_anomalous                      ? 
_reflns.pdbx_CC_half_anomalous                         ? 
_reflns.pdbx_absDiff_over_sigma_anomalous              ? 
_reflns.pdbx_percent_possible_anomalous                ? 
_reflns.pdbx_observed_signal_threshold                 ? 
_reflns.pdbx_signal_type                               ? 
_reflns.pdbx_signal_details                            ? 
_reflns.pdbx_signal_software_id                        ? 
# 
_reflns_shell.d_res_high                                    1.64 
_reflns_shell.d_res_low                                     1.70 
_reflns_shell.meanI_over_sigI_all                           ? 
_reflns_shell.meanI_over_sigI_obs                           8.1 
_reflns_shell.number_measured_all                           ? 
_reflns_shell.number_measured_obs                           ? 
_reflns_shell.number_possible                               ? 
_reflns_shell.number_unique_all                             ? 
_reflns_shell.number_unique_obs                             1205 
_reflns_shell.percent_possible_obs                          ? 
_reflns_shell.Rmerge_F_all                                  ? 
_reflns_shell.Rmerge_F_obs                                  ? 
_reflns_shell.meanI_over_sigI_gt                            ? 
_reflns_shell.meanI_over_uI_all                             ? 
_reflns_shell.meanI_over_uI_gt                              ? 
_reflns_shell.number_measured_gt                            ? 
_reflns_shell.number_unique_gt                              ? 
_reflns_shell.percent_possible_gt                           ? 
_reflns_shell.Rmerge_F_gt                                   ? 
_reflns_shell.Rmerge_I_gt                                   ? 
_reflns_shell.pdbx_redundancy                               10.4 
_reflns_shell.pdbx_chi_squared                              0.796 
_reflns_shell.pdbx_netI_over_sigmaI_all                     ? 
_reflns_shell.pdbx_netI_over_sigmaI_obs                     ? 
_reflns_shell.pdbx_Rrim_I_all                               ? 
_reflns_shell.pdbx_Rpim_I_all                               ? 
_reflns_shell.pdbx_rejects                                  ? 
_reflns_shell.pdbx_ordinal                                  1 
_reflns_shell.pdbx_diffrn_id                                1 
_reflns_shell.pdbx_CC_half                                  0.985 
_reflns_shell.pdbx_CC_star                                  0.996 
_reflns_shell.pdbx_R_split                                  ? 
_reflns_shell.percent_possible_all                          100 
_reflns_shell.Rmerge_I_all                                  ? 
_reflns_shell.Rmerge_I_obs                                  0.796 
_reflns_shell.pdbx_Rsym_value                               ? 
_reflns_shell.pdbx_percent_possible_ellipsoidal             ? 
_reflns_shell.pdbx_percent_possible_spherical               ? 
_reflns_shell.pdbx_percent_possible_ellipsoidal_anomalous   ? 
_reflns_shell.pdbx_percent_possible_spherical_anomalous     ? 
_reflns_shell.pdbx_redundancy_anomalous                     ? 
_reflns_shell.pdbx_CC_half_anomalous                        ? 
_reflns_shell.pdbx_absDiff_over_sigma_anomalous             ? 
_reflns_shell.pdbx_percent_possible_anomalous               ? 
# 
_refine.aniso_B[1][1]                            -0.01 
_refine.aniso_B[1][2]                            -0.00 
_refine.aniso_B[1][3]                            -0.00 
_refine.aniso_B[2][2]                            -0.01 
_refine.aniso_B[2][3]                            0.00 
_refine.aniso_B[3][3]                            0.02 
_refine.B_iso_max                                ? 
_refine.B_iso_mean                               35.887 
_refine.B_iso_min                                ? 
_refine.correlation_coeff_Fo_to_Fc               0.946 
_refine.correlation_coeff_Fo_to_Fc_free          0.938 
_refine.details                                  'HYDROGENS HAVE BEEN ADDED IN THE RIDING POSITIONS' 
_refine.diff_density_max                         ? 
_refine.diff_density_max_esd                     ? 
_refine.diff_density_min                         ? 
_refine.diff_density_min_esd                     ? 
_refine.diff_density_rms                         ? 
_refine.diff_density_rms_esd                     ? 
_refine.entry_id                                 8SWO 
_refine.pdbx_refine_id                           'X-RAY DIFFRACTION' 
_refine.ls_abs_structure_details                 ? 
_refine.ls_abs_structure_Flack                   ? 
_refine.ls_abs_structure_Flack_esd               ? 
_refine.ls_abs_structure_Rogers                  ? 
_refine.ls_abs_structure_Rogers_esd              ? 
_refine.ls_d_res_high                            1.64 
_refine.ls_d_res_low                             28.19 
_refine.ls_extinction_coef                       ? 
_refine.ls_extinction_coef_esd                   ? 
_refine.ls_extinction_expression                 ? 
_refine.ls_extinction_method                     ? 
_refine.ls_goodness_of_fit_all                   ? 
_refine.ls_goodness_of_fit_all_esd               ? 
_refine.ls_goodness_of_fit_obs                   ? 
_refine.ls_goodness_of_fit_obs_esd               ? 
_refine.ls_hydrogen_treatment                    ? 
_refine.ls_matrix_type                           ? 
_refine.ls_number_constraints                    ? 
_refine.ls_number_parameters                     ? 
_refine.ls_number_reflns_all                     ? 
_refine.ls_number_reflns_obs                     10409 
_refine.ls_number_reflns_R_free                  556 
_refine.ls_number_reflns_R_work                  ? 
_refine.ls_number_restraints                     ? 
_refine.ls_percent_reflns_obs                    89.80 
_refine.ls_percent_reflns_R_free                 5.1 
_refine.ls_R_factor_all                          ? 
_refine.ls_R_factor_obs                          0.24945 
_refine.ls_R_factor_R_free                       0.27450 
_refine.ls_R_factor_R_free_error                 ? 
_refine.ls_R_factor_R_free_error_details         ? 
_refine.ls_R_factor_R_work                       0.24802 
_refine.ls_R_Fsqd_factor_obs                     ? 
_refine.ls_R_I_factor_obs                        ? 
_refine.ls_redundancy_reflns_all                 ? 
_refine.ls_redundancy_reflns_obs                 ? 
_refine.ls_restrained_S_all                      ? 
_refine.ls_restrained_S_obs                      ? 
_refine.ls_shift_over_esd_max                    ? 
_refine.ls_shift_over_esd_mean                   ? 
_refine.ls_structure_factor_coef                 ? 
_refine.ls_weighting_details                     ? 
_refine.ls_weighting_scheme                      ? 
_refine.ls_wR_factor_all                         ? 
_refine.ls_wR_factor_obs                         ? 
_refine.ls_wR_factor_R_free                      ? 
_refine.ls_wR_factor_R_work                      ? 
_refine.occupancy_max                            ? 
_refine.occupancy_min                            ? 
_refine.solvent_model_details                    MASK 
_refine.solvent_model_param_bsol                 ? 
_refine.solvent_model_param_ksol                 ? 
_refine.pdbx_R_complete                          ? 
_refine.ls_R_factor_gt                           ? 
_refine.ls_goodness_of_fit_gt                    ? 
_refine.ls_goodness_of_fit_ref                   ? 
_refine.ls_shift_over_su_max                     ? 
_refine.ls_shift_over_su_max_lt                  ? 
_refine.ls_shift_over_su_mean                    ? 
_refine.ls_shift_over_su_mean_lt                 ? 
_refine.pdbx_ls_sigma_I                          ? 
_refine.pdbx_ls_sigma_F                          ? 
_refine.pdbx_ls_sigma_Fsqd                       ? 
_refine.pdbx_data_cutoff_high_absF               ? 
_refine.pdbx_data_cutoff_high_rms_absF           ? 
_refine.pdbx_data_cutoff_low_absF                ? 
_refine.pdbx_isotropic_thermal_model             ? 
_refine.pdbx_ls_cross_valid_method               THROUGHOUT 
_refine.pdbx_method_to_determine_struct          'MOLECULAR REPLACEMENT' 
_refine.pdbx_starting_model                      'PDB entry 5HBX' 
_refine.pdbx_stereochemistry_target_values       'MAXIMUM LIKELIHOOD' 
_refine.pdbx_R_Free_selection_details            RANDOM 
_refine.pdbx_stereochem_target_val_spec_case     ? 
_refine.pdbx_overall_ESU_R                       0.135 
_refine.pdbx_overall_ESU_R_Free                  0.126 
_refine.pdbx_solvent_vdw_probe_radii             1.20 
_refine.pdbx_solvent_ion_probe_radii             0.80 
_refine.pdbx_solvent_shrinkage_radii             0.80 
_refine.pdbx_real_space_R                        ? 
_refine.pdbx_density_correlation                 ? 
_refine.pdbx_pd_number_of_powder_patterns        ? 
_refine.pdbx_pd_number_of_points                 ? 
_refine.pdbx_pd_meas_number_of_points            ? 
_refine.pdbx_pd_proc_ls_prof_R_factor            ? 
_refine.pdbx_pd_proc_ls_prof_wR_factor           ? 
_refine.pdbx_pd_Marquardt_correlation_coeff      ? 
_refine.pdbx_pd_Fsqrd_R_factor                   ? 
_refine.pdbx_pd_ls_matrix_band_width             ? 
_refine.pdbx_overall_phase_error                 ? 
_refine.pdbx_overall_SU_R_free_Cruickshank_DPI   ? 
_refine.pdbx_overall_SU_R_free_Blow_DPI          ? 
_refine.pdbx_overall_SU_R_Blow_DPI               ? 
_refine.pdbx_TLS_residual_ADP_flag               ? 
_refine.pdbx_diffrn_id                           1 
_refine.overall_SU_B                             2.276 
_refine.overall_SU_ML                            0.078 
_refine.overall_SU_R_Cruickshank_DPI             ? 
_refine.overall_SU_R_free                        ? 
_refine.overall_FOM_free_R_set                   ? 
_refine.overall_FOM_work_R_set                   ? 
_refine.pdbx_average_fsc_overall                 ? 
_refine.pdbx_average_fsc_work                    ? 
_refine.pdbx_average_fsc_free                    ? 
# 
_refine_hist.pdbx_refine_id                   'X-RAY DIFFRACTION' 
_refine_hist.cycle_id                         1 
_refine_hist.details                          ? 
_refine_hist.d_res_high                       1.64 
_refine_hist.d_res_low                        28.19 
_refine_hist.number_atoms_solvent             31 
_refine_hist.number_atoms_total               731 
_refine_hist.number_reflns_all                ? 
_refine_hist.number_reflns_obs                ? 
_refine_hist.number_reflns_R_free             ? 
_refine_hist.number_reflns_R_work             ? 
_refine_hist.R_factor_all                     ? 
_refine_hist.R_factor_obs                     ? 
_refine_hist.R_factor_R_free                  ? 
_refine_hist.R_factor_R_work                  ? 
_refine_hist.pdbx_number_residues_total       ? 
_refine_hist.pdbx_B_iso_mean_ligand           ? 
_refine_hist.pdbx_B_iso_mean_solvent          ? 
_refine_hist.pdbx_number_atoms_protein        0 
_refine_hist.pdbx_number_atoms_nucleic_acid   598 
_refine_hist.pdbx_number_atoms_ligand         102 
_refine_hist.pdbx_number_atoms_lipid          ? 
_refine_hist.pdbx_number_atoms_carb           ? 
_refine_hist.pdbx_pseudo_atom_details         ? 
# 
loop_
_refine_ls_restr.pdbx_refine_id 
_refine_ls_restr.criterion 
_refine_ls_restr.dev_ideal 
_refine_ls_restr.dev_ideal_target 
_refine_ls_restr.number 
_refine_ls_restr.rejects 
_refine_ls_restr.type 
_refine_ls_restr.weight 
_refine_ls_restr.pdbx_restraint_function 
'X-RAY DIFFRACTION' ? 0.023 0.017  782  ? r_bond_refined_d             ? ? 
'X-RAY DIFFRACTION' ? 0.026 0.024  346  ? r_bond_other_d               ? ? 
'X-RAY DIFFRACTION' ? 3.845 2.024  1224 ? r_angle_refined_deg          ? ? 
'X-RAY DIFFRACTION' ? 4.561 3.109  822  ? r_angle_other_deg            ? ? 
'X-RAY DIFFRACTION' ? ?     ?      ?    ? r_dihedral_angle_1_deg       ? ? 
'X-RAY DIFFRACTION' ? ?     ?      ?    ? r_dihedral_angle_2_deg       ? ? 
'X-RAY DIFFRACTION' ? ?     ?      ?    ? r_dihedral_angle_3_deg       ? ? 
'X-RAY DIFFRACTION' ? ?     ?      ?    ? r_dihedral_angle_4_deg       ? ? 
'X-RAY DIFFRACTION' ? 0.352 0.200  140  ? r_chiral_restr               ? ? 
'X-RAY DIFFRACTION' ? 0.019 0.021  382  ? r_gen_planes_refined         ? ? 
'X-RAY DIFFRACTION' ? 0.002 0.021  134  ? r_gen_planes_other           ? ? 
'X-RAY DIFFRACTION' ? ?     ?      ?    ? r_nbd_refined                ? ? 
'X-RAY DIFFRACTION' ? ?     ?      ?    ? r_nbd_other                  ? ? 
'X-RAY DIFFRACTION' ? ?     ?      ?    ? r_nbtor_refined              ? ? 
'X-RAY DIFFRACTION' ? ?     ?      ?    ? r_nbtor_other                ? ? 
'X-RAY DIFFRACTION' ? ?     ?      ?    ? r_xyhbond_nbd_refined        ? ? 
'X-RAY DIFFRACTION' ? ?     ?      ?    ? r_xyhbond_nbd_other          ? ? 
'X-RAY DIFFRACTION' ? ?     ?      ?    ? r_metal_ion_refined          ? ? 
'X-RAY DIFFRACTION' ? ?     ?      ?    ? r_metal_ion_other            ? ? 
'X-RAY DIFFRACTION' ? ?     ?      ?    ? r_symmetry_vdw_refined       ? ? 
'X-RAY DIFFRACTION' ? ?     ?      ?    ? r_symmetry_vdw_other         ? ? 
'X-RAY DIFFRACTION' ? ?     ?      ?    ? r_symmetry_hbond_refined     ? ? 
'X-RAY DIFFRACTION' ? ?     ?      ?    ? r_symmetry_hbond_other       ? ? 
'X-RAY DIFFRACTION' ? ?     ?      ?    ? r_symmetry_metal_ion_refined ? ? 
'X-RAY DIFFRACTION' ? ?     ?      ?    ? r_symmetry_metal_ion_other   ? ? 
'X-RAY DIFFRACTION' ? ?     ?      ?    ? r_mcbond_it                  ? ? 
'X-RAY DIFFRACTION' ? ?     ?      ?    ? r_mcbond_other               ? ? 
'X-RAY DIFFRACTION' ? ?     ?      ?    ? r_mcangle_it                 ? ? 
'X-RAY DIFFRACTION' ? ?     ?      ?    ? r_mcangle_other              ? ? 
'X-RAY DIFFRACTION' ? 3.279 3.702  782  ? r_scbond_it                  ? ? 
'X-RAY DIFFRACTION' ? 3.278 3.703  783  ? r_scbond_other               ? ? 
'X-RAY DIFFRACTION' ? ?     ?      ?    ? r_scangle_it                 ? ? 
'X-RAY DIFFRACTION' ? 4.469 5.580  1225 ? r_scangle_other              ? ? 
'X-RAY DIFFRACTION' ? 7.189 34.392 990  ? r_long_range_B_refined       ? ? 
'X-RAY DIFFRACTION' ? 7.189 34.342 990  ? r_long_range_B_other         ? ? 
'X-RAY DIFFRACTION' ? ?     ?      ?    ? r_rigid_bond_restr           ? ? 
'X-RAY DIFFRACTION' ? ?     ?      ?    ? r_sphericity_free            ? ? 
'X-RAY DIFFRACTION' ? ?     ?      ?    ? r_sphericity_bonded          ? ? 
# 
_refine_ls_shell.pdbx_refine_id                   'X-RAY DIFFRACTION' 
_refine_ls_shell.d_res_high                       1.642 
_refine_ls_shell.d_res_low                        1.684 
_refine_ls_shell.number_reflns_all                ? 
_refine_ls_shell.number_reflns_obs                ? 
_refine_ls_shell.number_reflns_R_free             36 
_refine_ls_shell.number_reflns_R_work             836 
_refine_ls_shell.percent_reflns_obs               99.54 
_refine_ls_shell.percent_reflns_R_free            ? 
_refine_ls_shell.R_factor_all                     ? 
_refine_ls_shell.R_factor_obs                     ? 
_refine_ls_shell.R_factor_R_free_error            ? 
_refine_ls_shell.R_factor_R_work                  0.244 
_refine_ls_shell.redundancy_reflns_all            ? 
_refine_ls_shell.redundancy_reflns_obs            ? 
_refine_ls_shell.wR_factor_all                    ? 
_refine_ls_shell.wR_factor_obs                    ? 
_refine_ls_shell.wR_factor_R_free                 ? 
_refine_ls_shell.wR_factor_R_work                 ? 
_refine_ls_shell.pdbx_R_complete                  ? 
_refine_ls_shell.pdbx_total_number_of_bins_used   20 
_refine_ls_shell.pdbx_phase_error                 ? 
_refine_ls_shell.pdbx_fsc_work                    ? 
_refine_ls_shell.pdbx_fsc_free                    ? 
_refine_ls_shell.R_factor_R_free                  0.355 
# 
_struct.entry_id                     8SWO 
_struct.title                        'GpppA dinucleotide ligand binding to RNA UC template' 
_struct.pdbx_model_details           ? 
_struct.pdbx_formula_weight          ? 
_struct.pdbx_formula_weight_method   ? 
_struct.pdbx_model_type_details      ? 
_struct.pdbx_CASP_flag               N 
# 
_struct_keywords.entry_id        8SWO 
_struct_keywords.text            'RNA, GpppA' 
_struct_keywords.pdbx_keywords   RNA 
# 
loop_
_struct_asym.id 
_struct_asym.pdbx_blank_PDB_chainid_flag 
_struct_asym.pdbx_modified 
_struct_asym.entity_id 
_struct_asym.details 
A N N 1 ? 
B N N 1 ? 
C N N 2 ? 
D N N 3 ? 
E N N 2 ? 
F N N 3 ? 
G N N 4 ? 
H N N 4 ? 
# 
loop_
_struct_conn.id 
_struct_conn.conn_type_id 
_struct_conn.pdbx_leaving_atom_flag 
_struct_conn.pdbx_PDB_id 
_struct_conn.ptnr1_label_asym_id 
_struct_conn.ptnr1_label_comp_id 
_struct_conn.ptnr1_label_seq_id 
_struct_conn.ptnr1_label_atom_id 
_struct_conn.pdbx_ptnr1_label_alt_id 
_struct_conn.pdbx_ptnr1_PDB_ins_code 
_struct_conn.pdbx_ptnr1_standard_comp_id 
_struct_conn.ptnr1_symmetry 
_struct_conn.ptnr2_label_asym_id 
_struct_conn.ptnr2_label_comp_id 
_struct_conn.ptnr2_label_seq_id 
_struct_conn.ptnr2_label_atom_id 
_struct_conn.pdbx_ptnr2_label_alt_id 
_struct_conn.pdbx_ptnr2_PDB_ins_code 
_struct_conn.ptnr1_auth_asym_id 
_struct_conn.ptnr1_auth_comp_id 
_struct_conn.ptnr1_auth_seq_id 
_struct_conn.ptnr2_auth_asym_id 
_struct_conn.ptnr2_auth_comp_id 
_struct_conn.ptnr2_auth_seq_id 
_struct_conn.ptnr2_symmetry 
_struct_conn.pdbx_ptnr3_label_atom_id 
_struct_conn.pdbx_ptnr3_label_seq_id 
_struct_conn.pdbx_ptnr3_label_comp_id 
_struct_conn.pdbx_ptnr3_label_asym_id 
_struct_conn.pdbx_ptnr3_label_alt_id 
_struct_conn.pdbx_ptnr3_PDB_ins_code 
_struct_conn.details 
_struct_conn.pdbx_dist_value 
_struct_conn.pdbx_value_order 
_struct_conn.pdbx_role 
covale1  covale both ? A TLN 1  "O3'" ? ? ? 1_555 A LCC 2  P   ? ? A TLN 1   A LCC 2   1_555 ? ? ? ? ? ? ?            1.611 ? ? 
covale2  covale both ? A LCC 2  "O3'" ? ? ? 1_555 A LCC 3  P   ? ? A LCC 2   A LCC 3   1_555 ? ? ? ? ? ? ?            1.617 ? ? 
covale3  covale both ? A LCC 3  "O3'" ? ? ? 1_555 A LCG 4  P   ? ? A LCC 3   A LCG 4   1_555 ? ? ? ? ? ? ?            1.645 ? ? 
covale4  covale both ? A LCG 4  "O3'" ? ? ? 1_555 A A   5  P   ? ? A LCG 4   A A   5   1_555 ? ? ? ? ? ? ?            1.574 ? ? 
covale5  covale both ? B TLN 1  "O3'" ? ? ? 1_555 B LCC 2  P   ? ? B TLN 1   B LCC 2   1_555 ? ? ? ? ? ? ?            1.634 ? ? 
covale6  covale both ? B LCC 2  "O3'" ? ? ? 1_555 B LCC 3  P   ? ? B LCC 2   B LCC 3   1_555 ? ? ? ? ? ? ?            1.665 ? ? 
covale7  covale both ? B LCC 3  "O3'" ? ? ? 1_555 B LCG 4  P   ? ? B LCC 3   B LCG 4   1_555 ? ? ? ? ? ? ?            1.595 ? ? 
covale8  covale both ? B LCG 4  "O3'" ? ? ? 1_555 B A   5  P   ? ? B LCG 4   B A   5   1_555 ? ? ? ? ? ? ?            1.578 ? ? 
metalc1  metalc ?    ? C G3A .  O42   ? ? ? 1_555 F MG  .  MG  ? ? A G3A 101 B MG  102 1_555 ? ? ? ? ? ? ?            2.373 ? ? 
metalc2  metalc ?    ? C G3A .  O43   ? ? ? 1_555 F MG  .  MG  ? ? A G3A 101 B MG  102 1_555 ? ? ? ? ? ? ?            2.547 ? ? 
metalc3  metalc ?    ? C G3A .  O42   ? ? ? 1_555 F MG  .  MG  ? ? A G3A 101 B MG  102 2_875 ? ? ? ? ? ? ?            2.374 ? ? 
metalc4  metalc ?    ? C G3A .  O43   ? ? ? 1_555 F MG  .  MG  ? ? A G3A 101 B MG  102 2_875 ? ? ? ? ? ? ?            2.548 ? ? 
metalc5  metalc ?    ? D MG  .  MG    ? ? ? 1_555 E G3A .  O42 ? ? A MG  102 B G3A 101 1_555 ? ? ? ? ? ? ?            2.421 ? ? 
metalc6  metalc ?    ? D MG  .  MG    ? ? ? 1_555 E G3A .  O43 ? ? A MG  102 B G3A 101 1_555 ? ? ? ? ? ? ?            2.446 ? ? 
metalc7  metalc ?    ? D MG  .  MG    ? ? ? 1_555 E G3A .  O42 ? ? A MG  102 B G3A 101 2_875 ? ? ? ? ? ? ?            2.421 ? ? 
metalc8  metalc ?    ? D MG  .  MG    ? ? ? 1_555 E G3A .  O43 ? ? A MG  102 B G3A 101 2_875 ? ? ? ? ? ? ?            2.447 ? ? 
hydrog1  hydrog ?    ? A LCG 4  N1    ? ? ? 1_555 B C   13 N3  ? ? A LCG 4   B C   13  1_555 ? ? ? ? ? ? WATSON-CRICK ?     ? ? 
hydrog2  hydrog ?    ? A LCG 4  N2    ? ? ? 1_555 B C   13 O2  ? ? A LCG 4   B C   13  1_555 ? ? ? ? ? ? WATSON-CRICK ?     ? ? 
hydrog3  hydrog ?    ? A LCG 4  O6    ? ? ? 1_555 B C   13 N4  ? ? A LCG 4   B C   13  1_555 ? ? ? ? ? ? WATSON-CRICK ?     ? ? 
hydrog4  hydrog ?    ? A A   5  N1    ? ? ? 1_555 B U   12 N3  ? ? A A   5   B U   12  1_555 ? ? ? ? ? ? WATSON-CRICK ?     ? ? 
hydrog5  hydrog ?    ? A A   5  N6    ? ? ? 1_555 B U   12 O4  ? ? A A   5   B U   12  1_555 ? ? ? ? ? ? WATSON-CRICK ?     ? ? 
hydrog6  hydrog ?    ? A C   6  N3    ? ? ? 1_555 B G   11 N1  ? ? A C   6   B G   11  1_555 ? ? ? ? ? ? WATSON-CRICK ?     ? ? 
hydrog7  hydrog ?    ? A C   6  N4    ? ? ? 1_555 B G   11 O6  ? ? A C   6   B G   11  1_555 ? ? ? ? ? ? WATSON-CRICK ?     ? ? 
hydrog8  hydrog ?    ? A C   6  O2    ? ? ? 1_555 B G   11 N2  ? ? A C   6   B G   11  1_555 ? ? ? ? ? ? WATSON-CRICK ?     ? ? 
hydrog9  hydrog ?    ? A U   7  N3    ? ? ? 1_555 B A   10 N1  ? ? A U   7   B A   10  1_555 ? ? ? ? ? ? WATSON-CRICK ?     ? ? 
hydrog10 hydrog ?    ? A U   7  O4    ? ? ? 1_555 B A   10 N6  ? ? A U   7   B A   10  1_555 ? ? ? ? ? ? WATSON-CRICK ?     ? ? 
hydrog11 hydrog ?    ? A U   8  N3    ? ? ? 1_555 B A   9  N1  ? ? A U   8   B A   9   1_555 ? ? ? ? ? ? WATSON-CRICK ?     ? ? 
hydrog12 hydrog ?    ? A U   8  O4    ? ? ? 1_555 B A   9  N6  ? ? A U   8   B A   9   1_555 ? ? ? ? ? ? WATSON-CRICK ?     ? ? 
hydrog13 hydrog ?    ? A A   9  N1    ? ? ? 1_555 B U   8  N3  ? ? A A   9   B U   8   1_555 ? ? ? ? ? ? WATSON-CRICK ?     ? ? 
hydrog14 hydrog ?    ? A A   9  N6    ? ? ? 1_555 B U   8  O4  ? ? A A   9   B U   8   1_555 ? ? ? ? ? ? WATSON-CRICK ?     ? ? 
hydrog15 hydrog ?    ? A A   10 N1    ? ? ? 1_555 B U   7  N3  ? ? A A   10  B U   7   1_555 ? ? ? ? ? ? WATSON-CRICK ?     ? ? 
hydrog16 hydrog ?    ? A A   10 N6    ? ? ? 1_555 B U   7  O4  ? ? A A   10  B U   7   1_555 ? ? ? ? ? ? WATSON-CRICK ?     ? ? 
hydrog17 hydrog ?    ? A G   11 N1    ? ? ? 1_555 B C   6  N3  ? ? A G   11  B C   6   1_555 ? ? ? ? ? ? WATSON-CRICK ?     ? ? 
hydrog18 hydrog ?    ? A G   11 N2    ? ? ? 1_555 B C   6  O2  ? ? A G   11  B C   6   1_555 ? ? ? ? ? ? WATSON-CRICK ?     ? ? 
hydrog19 hydrog ?    ? A G   11 O6    ? ? ? 1_555 B C   6  N4  ? ? A G   11  B C   6   1_555 ? ? ? ? ? ? WATSON-CRICK ?     ? ? 
hydrog20 hydrog ?    ? A U   12 N3    ? ? ? 1_555 B A   5  N1  ? ? A U   12  B A   5   1_555 ? ? ? ? ? ? WATSON-CRICK ?     ? ? 
hydrog21 hydrog ?    ? A U   12 O4    ? ? ? 1_555 B A   5  N6  ? ? A U   12  B A   5   1_555 ? ? ? ? ? ? WATSON-CRICK ?     ? ? 
hydrog22 hydrog ?    ? A C   13 N3    ? ? ? 1_555 B LCG 4  N1  ? ? A C   13  B LCG 4   1_555 ? ? ? ? ? ? WATSON-CRICK ?     ? ? 
hydrog23 hydrog ?    ? A C   13 N4    ? ? ? 1_555 B LCG 4  O6  ? ? A C   13  B LCG 4   1_555 ? ? ? ? ? ? WATSON-CRICK ?     ? ? 
hydrog24 hydrog ?    ? A C   13 O2    ? ? ? 1_555 B LCG 4  N2  ? ? A C   13  B LCG 4   1_555 ? ? ? ? ? ? WATSON-CRICK ?     ? ? 
# 
loop_
_struct_conn_type.id 
_struct_conn_type.criteria 
_struct_conn_type.reference 
covale ? ? 
metalc ? ? 
hydrog ? ? 
# 
_atom_sites.entry_id                    8SWO 
_atom_sites.Cartn_transf_matrix[1][1]   ? 
_atom_sites.Cartn_transf_matrix[1][2]   ? 
_atom_sites.Cartn_transf_matrix[1][3]   ? 
_atom_sites.Cartn_transf_matrix[2][1]   ? 
_atom_sites.Cartn_transf_matrix[2][2]   ? 
_atom_sites.Cartn_transf_matrix[2][3]   ? 
_atom_sites.Cartn_transf_matrix[3][1]   ? 
_atom_sites.Cartn_transf_matrix[3][2]   ? 
_atom_sites.Cartn_transf_matrix[3][3]   ? 
_atom_sites.Cartn_transf_vector[1]      ? 
_atom_sites.Cartn_transf_vector[2]      ? 
_atom_sites.Cartn_transf_vector[3]      ? 
_atom_sites.fract_transf_matrix[1][1]   -0.01412406 
_atom_sites.fract_transf_matrix[1][2]   0.02120346 
_atom_sites.fract_transf_matrix[1][3]   0.00598916 
_atom_sites.fract_transf_matrix[2][1]   -0.01547339 
_atom_sites.fract_transf_matrix[2][2]   -0.00011711 
_atom_sites.fract_transf_matrix[2][3]   0.02110644 
_atom_sites.fract_transf_matrix[3][1]   0.00893944 
_atom_sites.fract_transf_matrix[3][2]   0.00409718 
_atom_sites.fract_transf_matrix[3][3]   0.00657635 
_atom_sites.fract_transf_vector[1]      1.154189 
_atom_sites.fract_transf_vector[2]      1.778825 
_atom_sites.fract_transf_vector[3]      0.251668 
_atom_sites.solution_primary            ? 
_atom_sites.solution_secondary          ? 
_atom_sites.solution_hydrogens          ? 
_atom_sites.special_details             ? 
# 
loop_
_atom_type.symbol 
C  
MG 
N  
O  
P  
# 
loop_
_atom_site.group_PDB 
_atom_site.id 
_atom_site.type_symbol 
_atom_site.label_atom_id 
_atom_site.label_alt_id 
_atom_site.label_comp_id 
_atom_site.label_asym_id 
_atom_site.label_entity_id 
_atom_site.label_seq_id 
_atom_site.pdbx_PDB_ins_code 
_atom_site.Cartn_x 
_atom_site.Cartn_y 
_atom_site.Cartn_z 
_atom_site.occupancy 
_atom_site.B_iso_or_equiv 
_atom_site.pdbx_formal_charge 
_atom_site.auth_seq_id 
_atom_site.auth_comp_id 
_atom_site.auth_asym_id 
_atom_site.auth_atom_id 
_atom_site.pdbx_PDB_model_num 
HETATM 1   O  "O5'" . TLN A 1 1  ? -4.484  -13.226 -15.759 1.00 62.96  ? 1   TLN A "O5'" 1 
HETATM 2   C  "C5'" . TLN A 1 1  ? -4.398  -13.600 -17.158 1.00 56.93  ? 1   TLN A "C5'" 1 
HETATM 3   C  "C4'" . TLN A 1 1  ? -4.850  -12.412 -18.011 1.00 59.02  ? 1   TLN A "C4'" 1 
HETATM 4   O  "O4'" . TLN A 1 1  ? -6.268  -12.361 -18.253 1.00 59.98  ? 1   TLN A "O4'" 1 
HETATM 5   C  "C1'" . TLN A 1 1  ? -6.495  -11.008 -18.776 1.00 57.54  ? 1   TLN A "C1'" 1 
HETATM 6   N  N1    . TLN A 1 1  ? -7.533  -10.307 -18.026 1.00 49.40  ? 1   TLN A N1    1 
HETATM 7   C  C6    . TLN A 1 1  ? -8.055  -10.886 -16.830 1.00 45.34  ? 1   TLN A C6    1 
HETATM 8   C  C5    . TLN A 1 1  ? -9.059  -10.185 -16.154 1.00 42.45  ? 1   TLN A C5    1 
HETATM 9   C  C5M   . TLN A 1 1  ? -9.636  -10.684 -14.955 1.00 42.75  ? 1   TLN A C5M   1 
HETATM 10  C  C4    . TLN A 1 1  ? -9.495  -8.980  -16.632 1.00 43.74  ? 1   TLN A C4    1 
HETATM 11  O  O4    . TLN A 1 1  ? -10.370 -8.338  -16.036 1.00 56.08  ? 1   TLN A O4    1 
HETATM 12  N  N3    . TLN A 1 1  ? -8.975  -8.425  -17.776 1.00 42.58  ? 1   TLN A N3    1 
HETATM 13  C  C2    . TLN A 1 1  ? -7.984  -9.113  -18.469 1.00 45.15  ? 1   TLN A C2    1 
HETATM 14  O  O2    . TLN A 1 1  ? -7.549  -8.617  -19.507 1.00 54.16  ? 1   TLN A O2    1 
HETATM 15  C  "C3'" . TLN A 1 1  ? -4.610  -11.090 -17.404 1.00 53.47  ? 1   TLN A "C3'" 1 
HETATM 16  C  "C2'" . TLN A 1 1  ? -5.134  -10.373 -18.609 1.00 56.47  ? 1   TLN A "C2'" 1 
HETATM 17  O  "O2'" . TLN A 1 1  ? -4.345  -10.894 -19.711 1.00 62.15  ? 1   TLN A "O2'" 1 
HETATM 18  O  "O3'" . TLN A 1 1  ? -3.164  -10.862 -17.117 1.00 58.05  ? 1   TLN A "O3'" 1 
HETATM 19  C  "C6'" . TLN A 1 1  ? -4.118  -12.341 -19.379 1.00 60.14  ? 1   TLN A "C6'" 1 
HETATM 20  O  "O5'" . LCC A 1 2  ? -3.126  -8.397  -16.265 1.00 42.54  ? 2   LCC A "O5'" 1 
HETATM 21  C  "C5'" . LCC A 1 2  ? -2.646  -7.613  -17.330 1.00 41.71  ? 2   LCC A "C5'" 1 
HETATM 22  C  "C4'" . LCC A 1 2  ? -3.667  -6.523  -17.409 1.00 39.39  ? 2   LCC A "C4'" 1 
HETATM 23  O  "O4'" . LCC A 1 2  ? -5.076  -7.046  -17.507 1.00 38.10  ? 2   LCC A "O4'" 1 
HETATM 24  C  "C1'" . LCC A 1 2  ? -5.939  -5.924  -17.136 1.00 34.46  ? 2   LCC A "C1'" 1 
HETATM 25  N  N1    . LCC A 1 2  ? -6.819  -6.301  -15.987 1.00 32.01  ? 2   LCC A N1    1 
HETATM 26  C  C6    . LCC A 1 2  ? -6.623  -7.418  -15.191 1.00 35.12  ? 2   LCC A C6    1 
HETATM 27  C  C5    . LCC A 1 2  ? -7.451  -7.674  -14.095 1.00 33.38  ? 2   LCC A C5    1 
HETATM 28  C  C5M   . LCC A 1 2  ? -7.220  -8.824  -13.308 1.00 41.33  ? 2   LCC A C5M   1 
HETATM 29  C  C4    . LCC A 1 2  ? -8.481  -6.757  -13.810 1.00 35.95  ? 2   LCC A C4    1 
HETATM 30  N  N4    . LCC A 1 2  ? -9.283  -7.018  -12.785 1.00 35.05  ? 2   LCC A N4    1 
HETATM 31  N  N3    . LCC A 1 2  ? -8.616  -5.671  -14.579 1.00 31.16  ? 2   LCC A N3    1 
HETATM 32  C  C2    . LCC A 1 2  ? -7.833  -5.439  -15.612 1.00 32.22  ? 2   LCC A C2    1 
HETATM 33  O  O2    . LCC A 1 2  ? -7.969  -4.451  -16.293 1.00 34.98  ? 2   LCC A O2    1 
HETATM 34  C  "C3'" . LCC A 1 2  ? -3.771  -5.733  -16.214 1.00 38.42  ? 2   LCC A "C3'" 1 
HETATM 35  C  "C2'" . LCC A 1 2  ? -4.843  -4.853  -16.811 1.00 33.24  ? 2   LCC A "C2'" 1 
HETATM 36  O  "O2'" . LCC A 1 2  ? -4.296  -4.455  -18.007 1.00 38.43  ? 2   LCC A "O2'" 1 
HETATM 37  O  "O3'" . LCC A 1 2  ? -2.491  -4.995  -15.892 1.00 38.63  ? 2   LCC A "O3'" 1 
HETATM 38  C  "C6'" . LCC A 1 2  ? -3.416  -5.535  -18.532 1.00 40.61  ? 2   LCC A "C6'" 1 
HETATM 39  P  P     . LCC A 1 2  ? -2.729  -10.001 -15.828 1.00 52.21  ? 2   LCC A P     1 
HETATM 40  O  O1P   . LCC A 1 2  ? -3.206  -10.134 -14.409 1.00 49.38  ? 2   LCC A O1P   1 
HETATM 41  O  OXT   . LCC A 1 2  ? -1.314  -10.188 -16.129 1.00 47.90  ? 2   LCC A OXT   1 
HETATM 42  O  "O5'" . LCC A 1 3  ? -3.160  -3.051  -14.352 1.00 33.50  ? 3   LCC A "O5'" 1 
HETATM 43  C  "C5'" . LCC A 1 3  ? -2.991  -2.028  -15.333 1.00 29.94  ? 3   LCC A "C5'" 1 
HETATM 44  C  "C4'" . LCC A 1 3  ? -4.126  -1.101  -15.070 1.00 29.54  ? 3   LCC A "C4'" 1 
HETATM 45  O  "O4'" . LCC A 1 3  ? -5.396  -1.870  -15.184 1.00 31.94  ? 3   LCC A "O4'" 1 
HETATM 46  C  "C1'" . LCC A 1 3  ? -6.325  -1.046  -14.392 1.00 32.31  ? 3   LCC A "C1'" 1 
HETATM 47  N  N1    . LCC A 1 3  ? -6.933  -1.806  -13.309 1.00 32.97  ? 3   LCC A N1    1 
HETATM 48  C  C6    . LCC A 1 3  ? -6.422  -3.098  -12.991 1.00 30.36  ? 3   LCC A C6    1 
HETATM 49  C  C5    . LCC A 1 3  ? -6.959  -3.891  -12.010 1.00 33.27  ? 3   LCC A C5    1 
HETATM 50  C  C5M   . LCC A 1 3  ? -6.353  -5.132  -11.713 1.00 31.75  ? 3   LCC A C5M   1 
HETATM 51  C  C4    . LCC A 1 3  ? -8.183  -3.389  -11.428 1.00 31.32  ? 3   LCC A C4    1 
HETATM 52  N  N4    . LCC A 1 3  ? -8.737  -4.118  -10.497 1.00 33.84  ? 3   LCC A N4    1 
HETATM 53  N  N3    . LCC A 1 3  ? -8.646  -2.163  -11.774 1.00 31.84  ? 3   LCC A N3    1 
HETATM 54  C  C2    . LCC A 1 3  ? -8.028  -1.353  -12.663 1.00 31.15  ? 3   LCC A C2    1 
HETATM 55  O  O2    . LCC A 1 3  ? -8.525  -0.262  -12.940 1.00 32.75  ? 3   LCC A O2    1 
HETATM 56  C  "C3'" . LCC A 1 3  ? -4.267  -0.586  -13.679 1.00 30.42  ? 3   LCC A "C3'" 1 
HETATM 57  C  "C2'" . LCC A 1 3  ? -5.473  0.112   -13.894 1.00 29.49  ? 3   LCC A "C2'" 1 
HETATM 58  O  "O2'" . LCC A 1 3  ? -5.153  0.859   -15.119 1.00 29.00  ? 3   LCC A "O2'" 1 
HETATM 59  O  "O3'" . LCC A 1 3  ? -3.159  0.286   -13.466 1.00 31.97  ? 3   LCC A "O3'" 1 
HETATM 60  C  "C6'" . LCC A 1 3  ? -4.149  0.059   -15.953 1.00 30.25  ? 3   LCC A "C6'" 1 
HETATM 61  P  P     . LCC A 1 3  ? -2.245  -4.427  -14.398 1.00 36.80  ? 3   LCC A P     1 
HETATM 62  O  O1P   . LCC A 1 3  ? -2.619  -5.172  -13.192 1.00 36.93  ? 3   LCC A O1P   1 
HETATM 63  O  OXT   . LCC A 1 3  ? -0.798  -3.987  -14.521 1.00 37.30  ? 3   LCC A OXT   1 
HETATM 64  P  P     . LCG A 1 4  ? -2.395  0.409   -12.014 1.00 32.68  ? 4   LCG A P     1 
HETATM 65  O  OP1   . LCG A 1 4  ? -1.135  1.182   -12.273 1.00 36.17  ? 4   LCG A OP1   1 
HETATM 66  O  "O5'" . LCG A 1 4  ? -3.412  1.346   -11.195 1.00 30.34  ? 4   LCG A "O5'" 1 
HETATM 67  C  "C5'" . LCG A 1 4  ? -3.701  2.668   -11.553 1.00 30.93  ? 4   LCG A "C5'" 1 
HETATM 68  C  "C3'" . LCG A 1 4  ? -4.875  2.862   -9.236  1.00 28.89  ? 4   LCG A "C3'" 1 
HETATM 69  C  "C6'" . LCG A 1 4  ? -5.348  4.518   -10.967 1.00 32.90  ? 4   LCG A "C6'" 1 
HETATM 70  N  N9    . LCG A 1 4  ? -7.217  0.928   -9.372  1.00 31.59  ? 4   LCG A N9    1 
HETATM 71  C  C8    . LCG A 1 4  ? -6.557  -0.173  -9.614  1.00 30.51  ? 4   LCG A C8    1 
HETATM 72  C  C4    . LCG A 1 4  ? -8.219  0.566   -8.548  1.00 29.06  ? 4   LCG A C4    1 
HETATM 73  N  N7    . LCG A 1 4  ? -7.036  -1.211  -8.929  1.00 31.50  ? 4   LCG A N7    1 
HETATM 74  C  C5    . LCG A 1 4  ? -8.112  -0.736  -8.294  1.00 29.19  ? 4   LCG A C5    1 
HETATM 75  C  C6    . LCG A 1 4  ? -8.978  -1.345  -7.469  1.00 30.69  ? 4   LCG A C6    1 
HETATM 76  C  "C2'" . LCG A 1 4  ? -6.296  3.358   -9.095  1.00 28.80  ? 4   LCG A "C2'" 1 
HETATM 77  O  O6    . LCG A 1 4  ? -8.931  -2.574  -7.211  1.00 32.81  ? 4   LCG A O6    1 
HETATM 78  C  "C4'" . LCG A 1 4  ? -4.932  3.009   -10.733 1.00 30.05  ? 4   LCG A "C4'" 1 
HETATM 79  C  "C1'" . LCG A 1 4  ? -7.011  2.274   -9.968  1.00 28.93  ? 4   LCG A "C1'" 1 
HETATM 80  C  C2    . LCG A 1 4  ? -10.060 0.771   -7.188  1.00 27.21  ? 4   LCG A C2    1 
HETATM 81  N  N1    . LCG A 1 4  ? -9.935  -0.582  -6.915  1.00 31.90  ? 4   LCG A N1    1 
HETATM 82  O  "O4'" . LCG A 1 4  ? -6.121  2.160   -11.074 1.00 31.71  ? 4   LCG A "O4'" 1 
HETATM 83  O  OP2   . LCG A 1 4  ? -2.225  -0.932  -11.350 1.00 32.88  ? 4   LCG A OP2   1 
HETATM 84  N  N2    . LCG A 1 4  ? -11.002 1.461   -6.638  1.00 28.64  ? 4   LCG A N2    1 
HETATM 85  N  N3    . LCG A 1 4  ? -9.170  1.368   -8.023  1.00 28.68  ? 4   LCG A N3    1 
HETATM 86  O  "O2'" . LCG A 1 4  ? -6.341  4.594   -9.822  1.00 30.50  ? 4   LCG A "O2'" 1 
HETATM 87  O  "O3'" . LCG A 1 4  ? -3.803  3.741   -8.724  1.00 28.13  ? 4   LCG A "O3'" 1 
ATOM   88  P  P     . A   A 1 5  ? -3.058  3.402   -7.380  1.00 31.28  ? 5   A   A P     1 
ATOM   89  O  OP1   . A   A 1 5  ? -1.870  4.343   -7.306  1.00 37.95  ? 5   A   A OP1   1 
ATOM   90  O  OP2   . A   A 1 5  ? -2.829  1.959   -7.247  1.00 33.18  ? 5   A   A OP2   1 
ATOM   91  O  "O5'" . A   A 1 5  ? -4.130  3.828   -6.265  1.00 30.63  ? 5   A   A "O5'" 1 
ATOM   92  C  "C5'" . A   A 1 5  ? -4.647  5.150   -6.154  1.00 32.11  ? 5   A   A "C5'" 1 
ATOM   93  C  "C4'" . A   A 1 5  ? -5.889  5.171   -5.286  1.00 29.29  ? 5   A   A "C4'" 1 
ATOM   94  O  "O4'" . A   A 1 5  ? -6.986  4.384   -5.879  1.00 32.02  ? 5   A   A "O4'" 1 
ATOM   95  C  "C3'" . A   A 1 5  ? -5.715  4.589   -3.890  1.00 29.35  ? 5   A   A "C3'" 1 
ATOM   96  O  "O3'" . A   A 1 5  ? -5.097  5.557   -3.059  1.00 31.36  ? 5   A   A "O3'" 1 
ATOM   97  C  "C2'" . A   A 1 5  ? -7.166  4.299   -3.537  1.00 30.99  ? 5   A   A "C2'" 1 
ATOM   98  O  "O2'" . A   A 1 5  ? -7.772  5.552   -3.330  1.00 31.29  ? 5   A   A "O2'" 1 
ATOM   99  C  "C1'" . A   A 1 5  ? -7.661  3.674   -4.840  1.00 30.64  ? 5   A   A "C1'" 1 
ATOM   100 N  N9    . A   A 1 5  ? -7.354  2.249   -4.941  1.00 31.66  ? 5   A   A N9    1 
ATOM   101 C  C8    . A   A 1 5  ? -6.306  1.621   -5.567  1.00 28.39  ? 5   A   A C8    1 
ATOM   102 N  N7    . A   A 1 5  ? -6.310  0.320   -5.429  1.00 32.64  ? 5   A   A N7    1 
ATOM   103 C  C5    . A   A 1 5  ? -7.441  0.069   -4.666  1.00 31.54  ? 5   A   A C5    1 
ATOM   104 C  C6    . A   A 1 5  ? -8.023  -1.125  -4.198  1.00 35.39  ? 5   A   A C6    1 
ATOM   105 N  N6    . A   A 1 5  ? -7.493  -2.327  -4.393  1.00 35.29  ? 5   A   A N6    1 
ATOM   106 N  N1    . A   A 1 5  ? -9.139  -1.025  -3.441  1.00 32.40  ? 5   A   A N1    1 
ATOM   107 C  C2    . A   A 1 5  ? -9.661  0.186   -3.234  1.00 33.05  ? 5   A   A C2    1 
ATOM   108 N  N3    . A   A 1 5  ? -9.212  1.379   -3.632  1.00 31.59  ? 5   A   A N3    1 
ATOM   109 C  C4    . A   A 1 5  ? -8.071  1.249   -4.325  1.00 32.24  ? 5   A   A C4    1 
ATOM   110 P  P     . C   A 1 6  ? -4.292  5.127   -1.716  1.00 33.04  ? 6   C   A P     1 
ATOM   111 O  OP1   . C   A 1 6  ? -3.710  6.390   -1.186  1.00 36.49  ? 6   C   A OP1   1 
ATOM   112 O  OP2   . C   A 1 6  ? -3.430  3.957   -2.026  1.00 35.19  ? 6   C   A OP2   1 
ATOM   113 O  "O5'" . C   A 1 6  ? -5.424  4.593   -0.716  1.00 34.54  ? 6   C   A "O5'" 1 
ATOM   114 C  "C5'" . C   A 1 6  ? -6.469  5.398   -0.210  1.00 33.76  ? 6   C   A "C5'" 1 
ATOM   115 C  "C4'" . C   A 1 6  ? -7.529  4.539   0.406   1.00 33.67  ? 6   C   A "C4'" 1 
ATOM   116 O  "O4'" . C   A 1 6  ? -8.019  3.575   -0.560  1.00 33.96  ? 6   C   A "O4'" 1 
ATOM   117 C  "C3'" . C   A 1 6  ? -7.093  3.664   1.578   1.00 33.52  ? 6   C   A "C3'" 1 
ATOM   118 O  "O3'" . C   A 1 6  ? -6.989  4.414   2.759   1.00 35.25  ? 6   C   A "O3'" 1 
ATOM   119 C  "C2'" . C   A 1 6  ? -8.196  2.637   1.601   1.00 35.10  ? 6   C   A "C2'" 1 
ATOM   120 O  "O2'" . C   A 1 6  ? -9.398  3.099   2.216   1.00 38.40  ? 6   C   A "O2'" 1 
ATOM   121 C  "C1'" . C   A 1 6  ? -8.333  2.371   0.110   1.00 32.09  ? 6   C   A "C1'" 1 
ATOM   122 N  N1    . C   A 1 6  ? -7.464  1.310   -0.412  1.00 32.09  ? 6   C   A N1    1 
ATOM   123 C  C2    . C   A 1 6  ? -7.892  -0.010  -0.231  1.00 33.17  ? 6   C   A C2    1 
ATOM   124 O  O2    . C   A 1 6  ? -8.948  -0.213  0.388   1.00 34.63  ? 6   C   A O2    1 
ATOM   125 N  N3    . C   A 1 6  ? -7.172  -1.018  -0.776  1.00 29.95  ? 6   C   A N3    1 
ATOM   126 C  C4    . C   A 1 6  ? -6.060  -0.749  -1.459  1.00 30.07  ? 6   C   A C4    1 
ATOM   127 N  N4    . C   A 1 6  ? -5.367  -1.764  -1.952  1.00 32.61  ? 6   C   A N4    1 
ATOM   128 C  C5    . C   A 1 6  ? -5.595  0.582   -1.647  1.00 28.89  ? 6   C   A C5    1 
ATOM   129 C  C6    . C   A 1 6  ? -6.331  1.576   -1.127  1.00 31.58  ? 6   C   A C6    1 
ATOM   130 P  P     . U   A 1 7  ? -5.910  4.017   3.915   1.00 34.04  ? 7   U   A P     1 
ATOM   131 O  OP1   . U   A 1 7  ? -5.955  5.153   4.903   1.00 33.89  ? 7   U   A OP1   1 
ATOM   132 O  OP2   . U   A 1 7  ? -4.650  3.630   3.284   1.00 32.39  ? 7   U   A OP2   1 
ATOM   133 O  "O5'" . U   A 1 7  ? -6.488  2.692   4.541   1.00 33.22  ? 7   U   A "O5'" 1 
ATOM   134 C  "C5'" . U   A 1 7  ? -7.736  2.672   5.240   1.00 33.50  ? 7   U   A "C5'" 1 
ATOM   135 C  "C4'" . U   A 1 7  ? -8.103  1.266   5.588   1.00 34.58  ? 7   U   A "C4'" 1 
ATOM   136 O  "O4'" . U   A 1 7  ? -8.289  0.452   4.392   1.00 33.06  ? 7   U   A "O4'" 1 
ATOM   137 C  "C3'" . U   A 1 7  ? -7.042  0.498   6.358   1.00 30.03  ? 7   U   A "C3'" 1 
ATOM   138 O  "O3'" . U   A 1 7  ? -7.014  0.928   7.697   1.00 33.71  ? 7   U   A "O3'" 1 
ATOM   139 C  "C2'" . U   A 1 7  ? -7.517  -0.922  6.152   1.00 30.65  ? 7   U   A "C2'" 1 
ATOM   140 O  "O2'" . U   A 1 7  ? -8.698  -1.267  6.869   1.00 34.54  ? 7   U   A "O2'" 1 
ATOM   141 C  "C1'" . U   A 1 7  ? -7.864  -0.881  4.670   1.00 30.80  ? 7   U   A "C1'" 1 
ATOM   142 N  N1    . U   A 1 7  ? -6.779  -1.232  3.730   1.00 29.40  ? 7   U   A N1    1 
ATOM   143 C  C2    . U   A 1 7  ? -6.583  -2.581  3.504   1.00 28.33  ? 7   U   A C2    1 
ATOM   144 O  O2    . U   A 1 7  ? -7.129  -3.445  4.164   1.00 33.22  ? 7   U   A O2    1 
ATOM   145 N  N3    . U   A 1 7  ? -5.646  -2.877  2.544   1.00 31.92  ? 7   U   A N3    1 
ATOM   146 C  C4    . U   A 1 7  ? -4.937  -1.990  1.768   1.00 32.55  ? 7   U   A C4    1 
ATOM   147 O  O4    . U   A 1 7  ? -4.130  -2.421  0.952   1.00 34.47  ? 7   U   A O4    1 
ATOM   148 C  C5    . U   A 1 7  ? -5.167  -0.611  2.083   1.00 33.10  ? 7   U   A C5    1 
ATOM   149 C  C6    . U   A 1 7  ? -6.108  -0.291  2.985   1.00 30.55  ? 7   U   A C6    1 
ATOM   150 P  P     . U   A 1 8  ? -5.666  1.019   8.484   1.00 35.81  ? 8   U   A P     1 
ATOM   151 O  OP1   . U   A 1 8  ? -6.018  1.633   9.818   1.00 40.04  ? 8   U   A OP1   1 
ATOM   152 O  OP2   . U   A 1 8  ? -4.543  1.588   7.693   1.00 36.93  ? 8   U   A OP2   1 
ATOM   153 O  "O5'" . U   A 1 8  ? -5.239  -0.499  8.642   1.00 33.28  ? 8   U   A "O5'" 1 
ATOM   154 C  "C5'" . U   A 1 8  ? -5.882  -1.279  9.653   1.00 34.31  ? 8   U   A "C5'" 1 
ATOM   155 C  "C4'" . U   A 1 8  ? -5.446  -2.718  9.531   1.00 31.71  ? 8   U   A "C4'" 1 
ATOM   156 O  "O4'" . U   A 1 8  ? -5.801  -3.218  8.224   1.00 31.42  ? 8   U   A "O4'" 1 
ATOM   157 C  "C3'" . U   A 1 8  ? -3.951  -2.947  9.591   1.00 29.84  ? 8   U   A "C3'" 1 
ATOM   158 O  "O3'" . U   A 1 8  ? -3.404  -2.849  10.928  1.00 29.65  ? 8   U   A "O3'" 1 
ATOM   159 C  "C2'" . U   A 1 8  ? -3.861  -4.343  8.982   1.00 29.77  ? 8   U   A "C2'" 1 
ATOM   160 O  "O2'" . U   A 1 8  ? -4.287  -5.344  9.896   1.00 32.89  ? 8   U   A "O2'" 1 
ATOM   161 C  "C1'" . U   A 1 8  ? -4.861  -4.230  7.829   1.00 30.11  ? 8   U   A "C1'" 1 
ATOM   162 N  N1    . U   A 1 8  ? -4.174  -3.816  6.590   1.00 30.53  ? 8   U   A N1    1 
ATOM   163 C  C2    . U   A 1 8  ? -3.562  -4.807  5.851   1.00 29.71  ? 8   U   A C2    1 
ATOM   164 O  O2    . U   A 1 8  ? -3.663  -5.991  6.129   1.00 33.56  ? 8   U   A O2    1 
ATOM   165 N  N3    . U   A 1 8  ? -2.899  -4.365  4.736   1.00 28.73  ? 8   U   A N3    1 
ATOM   166 C  C4    . U   A 1 8  ? -2.770  -3.053  4.299   1.00 29.71  ? 8   U   A C4    1 
ATOM   167 O  O4    . U   A 1 8  ? -2.124  -2.800  3.279   1.00 28.86  ? 8   U   A O4    1 
ATOM   168 C  C5    . U   A 1 8  ? -3.384  -2.094  5.143   1.00 29.98  ? 8   U   A C5    1 
ATOM   169 C  C6    . U   A 1 8  ? -4.091  -2.498  6.207   1.00 30.74  ? 8   U   A C6    1 
ATOM   170 P  P     . A   A 1 9  ? -1.940  -2.403  11.170  1.00 33.50  ? 9   A   A P     1 
ATOM   171 O  OP1   . A   A 1 9  ? -1.723  -2.306  12.644  1.00 35.90  ? 9   A   A OP1   1 
ATOM   172 O  OP2   . A   A 1 9  ? -1.634  -1.212  10.288  1.00 32.98  ? 9   A   A OP2   1 
ATOM   173 O  "O5'" . A   A 1 9  ? -1.059  -3.586  10.603  1.00 32.38  ? 9   A   A "O5'" 1 
ATOM   174 C  "C5'" . A   A 1 9  ? -1.007  -4.837  11.294  1.00 32.55  ? 9   A   A "C5'" 1 
ATOM   175 C  "C4'" . A   A 1 9  ? -0.227  -5.875  10.523  1.00 32.40  ? 9   A   A "C4'" 1 
ATOM   176 O  "O4'" . A   A 1 9  ? -0.863  -6.106  9.234   1.00 33.56  ? 9   A   A "O4'" 1 
ATOM   177 C  "C3'" . A   A 1 9  ? 1.229   -5.577  10.149  1.00 30.60  ? 9   A   A "C3'" 1 
ATOM   178 O  "O3'" . A   A 1 9  ? 2.031   -5.804  11.279  1.00 31.55  ? 9   A   A "O3'" 1 
ATOM   179 C  "C2'" . A   A 1 9  ? 1.426   -6.623  9.068   1.00 30.78  ? 9   A   A "C2'" 1 
ATOM   180 O  "O2'" . A   A 1 9  ? 1.390   -7.960  9.573   1.00 33.49  ? 9   A   A "O2'" 1 
ATOM   181 C  "C1'" . A   A 1 9  ? 0.130   -6.436  8.274   1.00 29.52  ? 9   A   A "C1'" 1 
ATOM   182 N  N9    . A   A 1 9  ? 0.194   -5.377  7.256   1.00 31.74  ? 9   A   A N9    1 
ATOM   183 C  C8    . A   A 1 9  ? -0.310  -4.101  7.284   1.00 29.58  ? 9   A   A C8    1 
ATOM   184 N  N7    . A   A 1 9  ? -0.074  -3.419  6.190   1.00 33.96  ? 9   A   A N7    1 
ATOM   185 C  C5    . A   A 1 9  ? 0.588   -4.321  5.372   1.00 28.40  ? 9   A   A C5    1 
ATOM   186 C  C6    . A   A 1 9  ? 1.099   -4.211  4.067   1.00 29.33  ? 9   A   A C6    1 
ATOM   187 N  N6    . A   A 1 9  ? 1.052   -3.078  3.349   1.00 31.30  ? 9   A   A N6    1 
ATOM   188 N  N1    . A   A 1 9  ? 1.742   -5.281  3.555   1.00 29.27  ? 9   A   A N1    1 
ATOM   189 C  C2    . A   A 1 9  ? 1.862   -6.380  4.311   1.00 29.49  ? 9   A   A C2    1 
ATOM   190 N  N3    . A   A 1 9  ? 1.374   -6.618  5.526   1.00 32.17  ? 9   A   A N3    1 
ATOM   191 C  C4    . A   A 1 9  ? 0.774   -5.522  6.020   1.00 29.84  ? 9   A   A C4    1 
ATOM   192 P  P     . A   A 1 10 ? 3.418   -5.099  11.488  1.00 34.45  ? 10  A   A P     1 
ATOM   193 O  OP1   . A   A 1 10 ? 3.915   -5.498  12.811  1.00 33.87  ? 10  A   A OP1   1 
ATOM   194 O  OP2   . A   A 1 10 ? 3.328   -3.688  11.128  1.00 33.84  ? 10  A   A OP2   1 
ATOM   195 O  "O5'" . A   A 1 10 ? 4.394   -5.766  10.405  1.00 33.89  ? 10  A   A "O5'" 1 
ATOM   196 C  "C5'" . A   A 1 10 ? 4.870   -7.087  10.620  1.00 35.26  ? 10  A   A "C5'" 1 
ATOM   197 C  "C4'" . A   A 1 10 ? 5.645   -7.575  9.415   1.00 30.89  ? 10  A   A "C4'" 1 
ATOM   198 O  "O4'" . A   A 1 10 ? 4.776   -7.618  8.262   1.00 31.51  ? 10  A   A "O4'" 1 
ATOM   199 C  "C3'" . A   A 1 10 ? 6.840   -6.764  8.942   1.00 31.68  ? 10  A   A "C3'" 1 
ATOM   200 O  "O3'" . A   A 1 10 ? 7.973   -7.025  9.720   1.00 35.02  ? 10  A   A "O3'" 1 
ATOM   201 C  "C2'" . A   A 1 10 ? 7.000   -7.316  7.536   1.00 30.91  ? 10  A   A "C2'" 1 
ATOM   202 O  "O2'" . A   A 1 10 ? 7.479   -8.670  7.632   1.00 32.62  ? 10  A   A "O2'" 1 
ATOM   203 C  "C1'" . A   A 1 10 ? 5.536   -7.328  7.094   1.00 31.08  ? 10  A   A "C1'" 1 
ATOM   204 N  N9    . A   A 1 10 ? 5.060   -6.056  6.546   1.00 30.22  ? 10  A   A N9    1 
ATOM   205 C  C8    . A   A 1 10 ? 4.301   -5.071  7.136   1.00 33.63  ? 10  A   A C8    1 
ATOM   206 N  N7    . A   A 1 10 ? 4.038   -4.056  6.341   1.00 30.07  ? 10  A   A N7    1 
ATOM   207 C  C5    . A   A 1 10 ? 4.704   -4.373  5.166   1.00 28.22  ? 10  A   A C5    1 
ATOM   208 C  C6    . A   A 1 10 ? 4.790   -3.723  3.924   1.00 30.89  ? 10  A   A C6    1 
ATOM   209 N  N6    . A   A 1 10 ? 4.234   -2.535  3.665   1.00 33.50  ? 10  A   A N6    1 
ATOM   210 N  N1    . A   A 1 10 ? 5.513   -4.324  2.948   1.00 31.83  ? 10  A   A N1    1 
ATOM   211 C  C2    . A   A 1 10 ? 6.057   -5.525  3.196   1.00 33.29  ? 10  A   A C2    1 
ATOM   212 N  N3    . A   A 1 10 ? 6.059   -6.231  4.326   1.00 29.52  ? 10  A   A N3    1 
ATOM   213 C  C4    . A   A 1 10 ? 5.300   -5.625  5.261   1.00 29.55  ? 10  A   A C4    1 
ATOM   214 P  P     . G   A 1 11 ? 9.058   -5.866  9.919   1.00 37.76  ? 11  G   A P     1 
ATOM   215 O  OP1   . G   A 1 11 ? 10.022  -6.306  11.008  1.00 38.02  ? 11  G   A OP1   1 
ATOM   216 O  OP2   . G   A 1 11 ? 8.348   -4.532  10.133  1.00 41.27  ? 11  G   A OP2   1 
ATOM   217 O  "O5'" . G   A 1 11 ? 9.772   -5.750  8.498   1.00 36.70  ? 11  G   A "O5'" 1 
ATOM   218 C  "C5'" . G   A 1 11 ? 10.654  -6.794  8.033   1.00 42.97  ? 11  G   A "C5'" 1 
ATOM   219 C  "C4'" . G   A 1 11 ? 10.941  -6.560  6.572   1.00 41.74  ? 11  G   A "C4'" 1 
ATOM   220 O  "O4'" . G   A 1 11 ? 9.707   -6.443  5.806   1.00 39.93  ? 11  G   A "O4'" 1 
ATOM   221 C  "C3'" . G   A 1 11 ? 11.679  -5.265  6.215   1.00 40.30  ? 11  G   A "C3'" 1 
ATOM   222 O  "O3'" . G   A 1 11 ? 13.040  -5.354  6.642   1.00 40.11  ? 11  G   A "O3'" 1 
ATOM   223 C  "C2'" . G   A 1 11 ? 11.416  -5.281  4.705   1.00 40.50  ? 11  G   A "C2'" 1 
ATOM   224 O  "O2'" . G   A 1 11 ? 12.050  -6.306  3.971   1.00 40.36  ? 11  G   A "O2'" 1 
ATOM   225 C  "C1'" . G   A 1 11 ? 9.919   -5.571  4.712   1.00 40.99  ? 11  G   A "C1'" 1 
ATOM   226 N  N9    . G   A 1 11 ? 9.093   -4.379  4.869   1.00 37.06  ? 11  G   A N9    1 
ATOM   227 C  C8    . G   A 1 11 ? 8.434   -3.936  5.983   1.00 33.19  ? 11  G   A C8    1 
ATOM   228 N  N7    . G   A 1 11 ? 7.765   -2.826  5.786   1.00 36.15  ? 11  G   A N7    1 
ATOM   229 C  C5    . G   A 1 11 ? 7.996   -2.507  4.455   1.00 32.03  ? 11  G   A C5    1 
ATOM   230 C  C6    . G   A 1 11 ? 7.571   -1.389  3.680   1.00 29.96  ? 11  G   A C6    1 
ATOM   231 O  O6    . G   A 1 11 ? 6.817   -0.442  3.984   1.00 33.87  ? 11  G   A O6    1 
ATOM   232 N  N1    . G   A 1 11 ? 8.074   -1.464  2.382   1.00 34.59  ? 11  G   A N1    1 
ATOM   233 C  C2    . G   A 1 11 ? 8.869   -2.472  1.888   1.00 35.71  ? 11  G   A C2    1 
ATOM   234 N  N2    . G   A 1 11 ? 9.274   -2.371  0.611   1.00 37.16  ? 11  G   A N2    1 
ATOM   235 N  N3    . G   A 1 11 ? 9.303   -3.507  2.630   1.00 35.35  ? 11  G   A N3    1 
ATOM   236 C  C4    . G   A 1 11 ? 8.812   -3.462  3.886   1.00 35.96  ? 11  G   A C4    1 
ATOM   237 P  P     . U   A 1 12 ? 13.939  -4.043  6.917   1.00 41.51  ? 12  U   A P     1 
ATOM   238 O  OP1   . U   A 1 12 ? 15.279  -4.525  7.431   1.00 46.00  ? 12  U   A OP1   1 
ATOM   239 O  OP2   . U   A 1 12 ? 13.179  -3.055  7.746   1.00 41.83  ? 12  U   A OP2   1 
ATOM   240 O  "O5'" . U   A 1 12 ? 14.169  -3.396  5.474   1.00 40.76  ? 12  U   A "O5'" 1 
ATOM   241 C  "C5'" . U   A 1 12 ? 14.754  -4.094  4.366   1.00 39.06  ? 12  U   A "C5'" 1 
ATOM   242 C  "C4'" . U   A 1 12 ? 14.718  -3.222  3.126   1.00 46.05  ? 12  U   A "C4'" 1 
ATOM   243 O  "O4'" . U   A 1 12 ? 13.343  -3.120  2.649   1.00 40.39  ? 12  U   A "O4'" 1 
ATOM   244 C  "C3'" . U   A 1 12 ? 15.149  -1.765  3.261   1.00 44.77  ? 12  U   A "C3'" 1 
ATOM   245 O  "O3'" . U   A 1 12 ? 16.564  -1.604  3.197   1.00 42.87  ? 12  U   A "O3'" 1 
ATOM   246 C  "C2'" . U   A 1 12 ? 14.493  -1.171  2.027   1.00 36.16  ? 12  U   A "C2'" 1 
ATOM   247 O  "O2'" . U   A 1 12 ? 15.057  -1.689  0.845   1.00 40.94  ? 12  U   A "O2'" 1 
ATOM   248 C  "C1'" . U   A 1 12 ? 13.118  -1.833  2.073   1.00 36.85  ? 12  U   A "C1'" 1 
ATOM   249 N  N1    . U   A 1 12 ? 12.117  -1.101  2.879   1.00 35.81  ? 12  U   A N1    1 
ATOM   250 C  C2    . U   A 1 12 ? 11.455  -0.062  2.262   1.00 33.86  ? 12  U   A C2    1 
ATOM   251 O  O2    . U   A 1 12 ? 11.650  0.242   1.107   1.00 37.10  ? 12  U   A O2    1 
ATOM   252 N  N3    . U   A 1 12 ? 10.539  0.591   3.050   1.00 39.24  ? 12  U   A N3    1 
ATOM   253 C  C4    . U   A 1 12 ? 10.255  0.347   4.374   1.00 38.21  ? 12  U   A C4    1 
ATOM   254 O  O4    . U   A 1 12 ? 9.382   1.006   4.943   1.00 40.88  ? 12  U   A O4    1 
ATOM   255 C  C5    . U   A 1 12 ? 10.990  -0.734  4.945   1.00 34.56  ? 12  U   A C5    1 
ATOM   256 C  C6    . U   A 1 12 ? 11.893  -1.386  4.206   1.00 33.34  ? 12  U   A C6    1 
ATOM   257 P  P     . C   A 1 13 ? 17.270  -0.358  3.885   1.00 43.28  ? 13  C   A P     1 
ATOM   258 O  OP1   . C   A 1 13 ? 18.735  -0.548  3.691   1.00 45.13  ? 13  C   A OP1   1 
ATOM   259 O  OP2   . C   A 1 13 ? 16.747  -0.140  5.216   1.00 38.25  ? 13  C   A OP2   1 
ATOM   260 O  "O5'" . C   A 1 13 ? 16.866  0.891   2.982   1.00 36.35  ? 13  C   A "O5'" 1 
ATOM   261 C  "C5'" . C   A 1 13 ? 17.245  0.939   1.600   1.00 40.60  ? 13  C   A "C5'" 1 
ATOM   262 C  "C4'" . C   A 1 13 ? 16.519  2.062   0.893   1.00 38.71  ? 13  C   A "C4'" 1 
ATOM   263 O  "O4'" . C   A 1 13 ? 15.074  1.813   0.919   1.00 38.55  ? 13  C   A "O4'" 1 
ATOM   264 C  "C3'" . C   A 1 13 ? 16.641  3.435   1.524   1.00 40.86  ? 13  C   A "C3'" 1 
ATOM   265 O  "O3'" . C   A 1 13 ? 17.895  4.053   1.255   1.00 37.41  ? 13  C   A "O3'" 1 
ATOM   266 C  "C2'" . C   A 1 13 ? 15.462  4.137   0.867   1.00 32.83  ? 13  C   A "C2'" 1 
ATOM   267 O  "O2'" . C   A 1 13 ? 15.673  4.290   -0.522  1.00 36.59  ? 13  C   A "O2'" 1 
ATOM   268 C  "C1'" . C   A 1 13 ? 14.390  3.055   1.005   1.00 34.57  ? 13  C   A "C1'" 1 
ATOM   269 N  N1    . C   A 1 13 ? 13.640  3.124   2.272   1.00 31.61  ? 13  C   A N1    1 
ATOM   270 C  C2    . C   A 1 13 ? 12.602  4.060   2.350   1.00 34.03  ? 13  C   A C2    1 
ATOM   271 O  O2    . C   A 1 13 ? 12.334  4.729   1.346   1.00 35.26  ? 13  C   A O2    1 
ATOM   272 N  N3    . C   A 1 13 ? 11.846  4.119   3.473   1.00 32.61  ? 13  C   A N3    1 
ATOM   273 C  C4    . C   A 1 13 ? 12.155  3.353   4.522   1.00 35.21  ? 13  C   A C4    1 
ATOM   274 N  N4    . C   A 1 13 ? 11.418  3.479   5.629   1.00 35.59  ? 13  C   A N4    1 
ATOM   275 C  C5    . C   A 1 13 ? 13.234  2.418   4.482   1.00 33.56  ? 13  C   A C5    1 
ATOM   276 C  C6    . C   A 1 13 ? 13.944  2.341   3.351   1.00 34.12  ? 13  C   A C6    1 
ATOM   277 P  P     . G   A 1 14 ? 18.544  5.104   2.311   1.00 40.09  ? 14  G   A P     1 
ATOM   278 O  OP1   . G   A 1 14 ? 19.862  5.591   1.770   1.00 46.26  ? 14  G   A OP1   1 
ATOM   279 O  OP2   . G   A 1 14 ? 18.610  4.487   3.687   1.00 42.04  ? 14  G   A OP2   1 
ATOM   280 O  "O5'" . G   A 1 14 ? 17.524  6.355   2.353   1.00 36.12  ? 14  G   A "O5'" 1 
ATOM   281 C  "C5'" . G   A 1 14 ? 17.504  7.269   1.233   1.00 39.02  ? 14  G   A "C5'" 1 
ATOM   282 C  "C4'" . G   A 1 14 ? 16.365  8.244   1.386   1.00 38.14  ? 14  G   A "C4'" 1 
ATOM   283 O  "O4'" . G   A 1 14 ? 15.123  7.541   1.639   1.00 34.43  ? 14  G   A "O4'" 1 
ATOM   284 C  "C3'" . G   A 1 14 ? 16.446  9.211   2.568   1.00 39.65  ? 14  G   A "C3'" 1 
ATOM   285 O  "O3'" . G   A 1 14 ? 17.359  10.274  2.342   1.00 47.21  ? 14  G   A "O3'" 1 
ATOM   286 C  "C2'" . G   A 1 14 ? 14.999  9.700   2.599   1.00 36.99  ? 14  G   A "C2'" 1 
ATOM   287 O  "O2'" . G   A 1 14 ? 14.743  10.684  1.623   1.00 40.44  ? 14  G   A "O2'" 1 
ATOM   288 C  "C1'" . G   A 1 14 ? 14.230  8.414   2.295   1.00 36.37  ? 14  G   A "C1'" 1 
ATOM   289 N  N9    . G   A 1 14 ? 13.710  7.781   3.497   1.00 35.84  ? 14  G   A N9    1 
ATOM   290 C  C8    . G   A 1 14 ? 14.208  6.683   4.147   1.00 34.43  ? 14  G   A C8    1 
ATOM   291 N  N7    . G   A 1 14 ? 13.531  6.373   5.223   1.00 32.23  ? 14  G   A N7    1 
ATOM   292 C  C5    . G   A 1 14 ? 12.532  7.331   5.293   1.00 31.11  ? 14  G   A C5    1 
ATOM   293 C  C6    . G   A 1 14 ? 11.498  7.505   6.242   1.00 34.30  ? 14  G   A C6    1 
ATOM   294 O  O6    . G   A 1 14 ? 11.247  6.825   7.244   1.00 32.87  ? 14  G   A O6    1 
ATOM   295 N  N1    . G   A 1 14 ? 10.710  8.610   5.931   1.00 31.70  ? 14  G   A N1    1 
ATOM   296 C  C2    . G   A 1 14 ? 10.886  9.436   4.854   1.00 33.24  ? 14  G   A C2    1 
ATOM   297 N  N2    . G   A 1 14 ? 10.021  10.448  4.721   1.00 34.22  ? 14  G   A N2    1 
ATOM   298 N  N3    . G   A 1 14 ? 11.854  9.275   3.959   1.00 33.08  ? 14  G   A N3    1 
ATOM   299 C  C4    . G   A 1 14 ? 12.639  8.210   4.242   1.00 35.71  ? 14  G   A C4    1 
HETATM 300 O  "O5'" . TLN B 1 1  ? 4.545   6.900   20.899  1.00 52.34  ? 1   TLN B "O5'" 1 
HETATM 301 C  "C5'" . TLN B 1 1  ? 3.766   8.104   20.936  1.00 46.52  ? 1   TLN B "C5'" 1 
HETATM 302 C  "C4'" . TLN B 1 1  ? 4.390   9.119   19.967  1.00 44.39  ? 1   TLN B "C4'" 1 
HETATM 303 O  "O4'" . TLN B 1 1  ? 5.776   9.470   20.230  1.00 45.73  ? 1   TLN B "O4'" 1 
HETATM 304 C  "C1'" . TLN B 1 1  ? 6.226   10.022  18.986  1.00 42.88  ? 1   TLN B "C1'" 1 
HETATM 305 N  N1    . TLN B 1 1  ? 7.290   9.258   18.325  1.00 37.86  ? 1   TLN B N1    1 
HETATM 306 C  C6    . TLN B 1 1  ? 7.567   7.931   18.705  1.00 40.72  ? 1   TLN B C6    1 
HETATM 307 C  C5    . TLN B 1 1  ? 8.608   7.266   18.059  1.00 44.22  ? 1   TLN B C5    1 
HETATM 308 C  C5M   . TLN B 1 1  ? 8.859   5.957   18.436  1.00 46.60  ? 1   TLN B C5M   1 
HETATM 309 C  C4    . TLN B 1 1  ? 9.364   7.919   17.072  1.00 39.77  ? 1   TLN B C4    1 
HETATM 310 O  O4    . TLN B 1 1  ? 10.294  7.391   16.459  1.00 46.17  ? 1   TLN B O4    1 
HETATM 311 N  N3    . TLN B 1 1  ? 9.071   9.207   16.730  1.00 39.37  ? 1   TLN B N3    1 
HETATM 312 C  C2    . TLN B 1 1  ? 8.060   9.881   17.351  1.00 33.77  ? 1   TLN B C2    1 
HETATM 313 O  O2    . TLN B 1 1  ? 7.856   11.053  17.027  1.00 35.88  ? 1   TLN B O2    1 
HETATM 314 C  "C3'" . TLN B 1 1  ? 4.277   8.814   18.499  1.00 42.30  ? 1   TLN B "C3'" 1 
HETATM 315 C  "C2'" . TLN B 1 1  ? 4.926   10.111  18.163  1.00 36.29  ? 1   TLN B "C2'" 1 
HETATM 316 O  "O2'" . TLN B 1 1  ? 4.158   11.101  18.821  1.00 42.28  ? 1   TLN B "O2'" 1 
HETATM 317 O  "O3'" . TLN B 1 1  ? 2.857   8.779   17.982  1.00 43.50  ? 1   TLN B "O3'" 1 
HETATM 318 C  "C6'" . TLN B 1 1  ? 3.612   10.413  20.062  1.00 40.79  ? 1   TLN B "C6'" 1 
HETATM 319 O  "O5'" . LCC B 1 2  ? 3.061   9.434   15.537  1.00 37.94  ? 2   LCC B "O5'" 1 
HETATM 320 C  "C5'" . LCC B 1 2  ? 2.498   10.735  15.458  1.00 40.62  ? 2   LCC B "C5'" 1 
HETATM 321 C  "C4'" . LCC B 1 2  ? 3.386   11.471  14.457  1.00 39.69  ? 2   LCC B "C4'" 1 
HETATM 322 O  "O4'" . LCC B 1 2  ? 4.794   11.485  14.831  1.00 38.08  ? 2   LCC B "O4'" 1 
HETATM 323 C  "C1'" . LCC B 1 2  ? 5.491   11.806  13.622  1.00 38.47  ? 2   LCC B "C1'" 1 
HETATM 324 N  N1    . LCC B 1 2  ? 6.436   10.693  13.342  1.00 33.50  ? 2   LCC B N1    1 
HETATM 325 C  C6    . LCC B 1 2  ? 6.376   9.463   14.006  1.00 32.85  ? 2   LCC B C6    1 
HETATM 326 C  C5    . LCC B 1 2  ? 7.309   8.481   13.709  1.00 35.03  ? 2   LCC B C5    1 
HETATM 327 C  C5M   . LCC B 1 2  ? 7.241   7.230   14.380  1.00 37.66  ? 2   LCC B C5M   1 
HETATM 328 C  C4    . LCC B 1 2  ? 8.287   8.788   12.746  1.00 33.33  ? 2   LCC B C4    1 
HETATM 329 N  N4    . LCC B 1 2  ? 9.217   7.890   12.452  1.00 36.47  ? 2   LCC B N4    1 
HETATM 330 N  N3    . LCC B 1 2  ? 8.353   9.969   12.164  1.00 34.79  ? 2   LCC B N3    1 
HETATM 331 C  C2    . LCC B 1 2  ? 7.435   10.912  12.433  1.00 30.88  ? 2   LCC B C2    1 
HETATM 332 O  O2    . LCC B 1 2  ? 7.528   11.967  11.817  1.00 31.87  ? 2   LCC B O2    1 
HETATM 333 C  "C3'" . LCC B 1 2  ? 3.457   10.860  13.078  1.00 40.33  ? 2   LCC B "C3'" 1 
HETATM 334 C  "C2'" . LCC B 1 2  ? 4.364   11.963  12.606  1.00 39.32  ? 2   LCC B "C2'" 1 
HETATM 335 O  "O2'" . LCC B 1 2  ? 3.676   13.186  12.930  1.00 38.98  ? 2   LCC B "O2'" 1 
HETATM 336 O  "O3'" . LCC B 1 2  ? 2.151   10.864  12.353  1.00 40.24  ? 2   LCC B "O3'" 1 
HETATM 337 C  "C6'" . LCC B 1 2  ? 2.890   12.921  14.237  1.00 39.00  ? 2   LCC B "C6'" 1 
HETATM 338 P  P     . LCC B 1 2  ? 2.582   8.207   16.477  1.00 40.21  ? 2   LCC B P     1 
HETATM 339 O  O1P   . LCC B 1 2  ? 3.287   7.007   15.997  1.00 43.10  ? 2   LCC B O1P   1 
HETATM 340 O  OXT   . LCC B 1 2  ? 1.061   8.147   16.654  1.00 37.08  ? 2   LCC B OXT   1 
HETATM 341 O  "O5'" . LCC B 1 3  ? 2.791   10.579  9.937   1.00 35.28  ? 3   LCC B "O5'" 1 
HETATM 342 C  "C5'" . LCC B 1 3  ? 2.519   11.939  9.534   1.00 36.07  ? 3   LCC B "C5'" 1 
HETATM 343 C  "C4'" . LCC B 1 3  ? 3.578   12.234  8.498   1.00 31.35  ? 3   LCC B "C4'" 1 
HETATM 344 O  "O4'" . LCC B 1 3  ? 4.926   12.113  9.104   1.00 36.04  ? 3   LCC B "O4'" 1 
HETATM 345 C  "C1'" . LCC B 1 3  ? 5.800   11.924  7.942   1.00 36.78  ? 3   LCC B "C1'" 1 
HETATM 346 N  N1    . LCC B 1 3  ? 6.528   10.632  8.070   1.00 32.47  ? 3   LCC B N1    1 
HETATM 347 C  C6    . LCC B 1 3  ? 6.093   9.654   9.036   1.00 30.27  ? 3   LCC B C6    1 
HETATM 348 C  C5    . LCC B 1 3  ? 6.784   8.488   9.218   1.00 32.54  ? 3   LCC B C5    1 
HETATM 349 C  C5M   . LCC B 1 3  ? 6.316   7.542   10.113  1.00 31.08  ? 3   LCC B C5M   1 
HETATM 350 C  C4    . LCC B 1 3  ? 7.946   8.363   8.409   1.00 32.01  ? 3   LCC B C4    1 
HETATM 351 N  N4    . LCC B 1 3  ? 8.676   7.318   8.519   1.00 34.96  ? 3   LCC B N4    1 
HETATM 352 N  N3    . LCC B 1 3  ? 8.351   9.273   7.530   1.00 29.72  ? 3   LCC B N3    1 
HETATM 353 C  C2    . LCC B 1 3  ? 7.645   10.408  7.382   1.00 28.36  ? 3   LCC B C2    1 
HETATM 354 O  O2    . LCC B 1 3  ? 8.017   11.191  6.497   1.00 32.40  ? 3   LCC B O2    1 
HETATM 355 C  "C3'" . LCC B 1 3  ? 3.622   11.332  7.333   1.00 31.75  ? 3   LCC B "C3'" 1 
HETATM 356 C  "C2'" . LCC B 1 3  ? 4.774   12.097  6.796   1.00 29.49  ? 3   LCC B "C2'" 1 
HETATM 357 O  "O2'" . LCC B 1 3  ? 4.392   13.474  6.794   1.00 32.02  ? 3   LCC B "O2'" 1 
HETATM 358 O  "O3'" . LCC B 1 3  ? 2.477   11.504  6.518   1.00 34.48  ? 3   LCC B "O3'" 1 
HETATM 359 C  "C6'" . LCC B 1 3  ? 3.422   13.571  7.872   1.00 32.87  ? 3   LCC B "C6'" 1 
HETATM 360 P  P     . LCC B 1 3  ? 1.930   9.892   11.020  1.00 36.96  ? 3   LCC B P     1 
HETATM 361 O  O1P   . LCC B 1 3  ? 2.489   8.528   11.180  1.00 35.92  ? 3   LCC B O1P   1 
HETATM 362 O  OXT   . LCC B 1 3  ? 0.436   10.029  10.716  1.00 37.88  ? 3   LCC B OXT   1 
HETATM 363 P  P     . LCG B 1 4  ? 1.938   10.322  5.593   1.00 33.78  ? 4   LCG B P     1 
HETATM 364 O  OP1   . LCG B 1 4  ? 0.596   10.743  5.043   1.00 35.91  ? 4   LCG B OP1   1 
HETATM 365 O  "O5'" . LCG B 1 4  ? 3.034   10.252  4.418   1.00 31.76  ? 4   LCG B "O5'" 1 
HETATM 366 C  "C5'" . LCG B 1 4  ? 3.149   11.194  3.460   1.00 31.43  ? 4   LCG B "C5'" 1 
HETATM 367 C  "C3'" . LCG B 1 4  ? 4.359   9.494   2.009   1.00 29.52  ? 4   LCG B "C3'" 1 
HETATM 368 C  "C6'" . LCG B 1 4  ? 4.565   11.781  1.538   1.00 33.37  ? 4   LCG B "C6'" 1 
HETATM 369 N  N9    . LCG B 1 4  ? 6.896   8.784   3.596   1.00 30.51  ? 4   LCG B N9    1 
HETATM 370 C  C8    . LCG B 1 4  ? 6.286   8.391   4.727   1.00 28.94  ? 4   LCG B C8    1 
HETATM 371 C  C4    . LCG B 1 4  ? 7.890   7.888   3.425   1.00 28.78  ? 4   LCG B C4    1 
HETATM 372 N  N7    . LCG B 1 4  ? 6.864   7.304   5.252   1.00 32.10  ? 4   LCG B N7    1 
HETATM 373 C  C5    . LCG B 1 4  ? 7.890   7.039   4.423   1.00 30.55  ? 4   LCG B C5    1 
HETATM 374 C  C6    . LCG B 1 4  ? 8.874   6.094   4.439   1.00 30.33  ? 4   LCG B C6    1 
HETATM 375 C  "C2'" . LCG B 1 4  ? 5.706   9.753   1.444   1.00 32.54  ? 4   LCG B "C2'" 1 
HETATM 376 O  O6    . LCG B 1 4  ? 8.932   5.210   5.307   1.00 35.59  ? 4   LCG B O6    1 
HETATM 377 C  "C4'" . LCG B 1 4  ? 4.353   10.847  2.653   1.00 33.05  ? 4   LCG B "C4'" 1 
HETATM 378 C  "C1'" . LCG B 1 4  ? 6.533   9.972   2.724   1.00 32.62  ? 4   LCG B "C1'" 1 
HETATM 379 C  C2    . LCG B 1 4  ? 9.778   6.968   2.420   1.00 30.74  ? 4   LCG B C2    1 
HETATM 380 N  N1    . LCG B 1 4  ? 9.789   6.122   3.443   1.00 32.21  ? 4   LCG B N1    1 
HETATM 381 O  "O4'" . LCG B 1 4  ? 5.619   10.834  3.472   1.00 36.20  ? 4   LCG B "O4'" 1 
HETATM 382 O  OP2   . LCG B 1 4  ? 1.982   9.098   6.342   1.00 33.05  ? 4   LCG B OP2   1 
HETATM 383 N  N2    . LCG B 1 4  ? 10.681  7.004   1.430   1.00 30.98  ? 4   LCG B N2    1 
HETATM 384 N  N3    . LCG B 1 4  ? 8.838   7.942   2.463   1.00 31.26  ? 4   LCG B N3    1 
HETATM 385 O  "O2'" . LCG B 1 4  ? 5.639   10.974  0.781   1.00 32.91  ? 4   LCG B "O2'" 1 
HETATM 386 O  "O3'" . LCG B 1 4  ? 3.275   9.470   1.039   1.00 32.68  ? 4   LCG B "O3'" 1 
ATOM   387 P  P     . A   B 1 5  ? 2.645   8.102   0.569   1.00 33.29  ? 5   A   B P     1 
ATOM   388 O  OP1   . A   B 1 5  ? 1.446   8.394   -0.306  1.00 37.34  ? 5   A   B OP1   1 
ATOM   389 O  OP2   . A   B 1 5  ? 2.500   7.142   1.623   1.00 36.09  ? 5   A   B OP2   1 
ATOM   390 O  "O5'" . A   B 1 5  ? 3.749   7.501   -0.411  1.00 31.59  ? 5   A   B "O5'" 1 
ATOM   391 C  "C5'" . A   B 1 5  ? 4.109   8.111   -1.624  1.00 33.38  ? 5   A   B "C5'" 1 
ATOM   392 C  "C4'" . A   B 1 5  ? 5.375   7.485   -2.197  1.00 33.64  ? 5   A   B "C4'" 1 
ATOM   393 O  "O4'" . A   B 1 5  ? 6.481   7.645   -1.280  1.00 32.13  ? 5   A   B "O4'" 1 
ATOM   394 C  "C3'" . A   B 1 5  ? 5.360   5.993   -2.489  1.00 32.71  ? 5   A   B "C3'" 1 
ATOM   395 O  "O3'" . A   B 1 5  ? 4.683   5.820   -3.731  1.00 31.95  ? 5   A   B "O3'" 1 
ATOM   396 C  "C2'" . A   B 1 5  ? 6.857   5.721   -2.565  1.00 30.64  ? 5   A   B "C2'" 1 
ATOM   397 O  "O2'" . A   B 1 5  ? 7.310   6.253   -3.812  1.00 33.86  ? 5   A   B "O2'" 1 
ATOM   398 C  "C1'" . A   B 1 5  ? 7.319   6.507   -1.331  1.00 30.76  ? 5   A   B "C1'" 1 
ATOM   399 N  N9    . A   B 1 5  ? 7.150   5.787   -0.078  1.00 30.71  ? 5   A   B N9    1 
ATOM   400 C  C8    . A   B 1 5  ? 6.166   5.917   0.869   1.00 31.83  ? 5   A   B C8    1 
ATOM   401 N  N7    . A   B 1 5  ? 6.322   5.136   1.902   1.00 31.77  ? 5   A   B N7    1 
ATOM   402 C  C5    . A   B 1 5  ? 7.433   4.375   1.576   1.00 29.83  ? 5   A   B C5    1 
ATOM   403 C  C6    . A   B 1 5  ? 8.092   3.336   2.245   1.00 32.53  ? 5   A   B C6    1 
ATOM   404 N  N6    . A   B 1 5  ? 7.697   2.856   3.424   1.00 33.56  ? 5   A   B N6    1 
ATOM   405 N  N1    . A   B 1 5  ? 9.175   2.791   1.645   1.00 32.22  ? 5   A   B N1    1 
ATOM   406 C  C2    . A   B 1 5  ? 9.583   3.296   0.472   1.00 32.97  ? 5   A   B C2    1 
ATOM   407 N  N3    . A   B 1 5  ? 9.023   4.248   -0.270  1.00 35.54  ? 5   A   B N3    1 
ATOM   408 C  C4    . A   B 1 5  ? 7.965   4.780   0.367   1.00 32.65  ? 5   A   B C4    1 
ATOM   409 P  P     . C   B 1 6  ? 3.820   4.467   -4.054  1.00 34.75  ? 6   C   B P     1 
ATOM   410 O  OP1   . C   B 1 6  ? 3.114   4.721   -5.366  1.00 42.29  ? 6   C   B OP1   1 
ATOM   411 O  OP2   . C   B 1 6  ? 3.072   4.105   -2.844  1.00 37.20  ? 6   C   B OP2   1 
ATOM   412 O  "O5'" . C   B 1 6  ? 4.926   3.351   -4.207  1.00 35.76  ? 6   C   B "O5'" 1 
ATOM   413 C  "C5'" . C   B 1 6  ? 5.908   3.379   -5.230  1.00 33.84  ? 6   C   B "C5'" 1 
ATOM   414 C  "C4'" . C   B 1 6  ? 7.021   2.411   -4.915  1.00 35.59  ? 6   C   B "C4'" 1 
ATOM   415 O  "O4'" . C   B 1 6  ? 7.664   2.727   -3.637  1.00 36.60  ? 6   C   B "O4'" 1 
ATOM   416 C  "C3'" . C   B 1 6  ? 6.602   0.959   -4.751  1.00 38.43  ? 6   C   B "C3'" 1 
ATOM   417 O  "O3'" . C   B 1 6  ? 6.404   0.358   -6.018  1.00 38.83  ? 6   C   B "O3'" 1 
ATOM   418 C  "C2'" . C   B 1 6  ? 7.774   0.395   -3.978  1.00 33.97  ? 6   C   B "C2'" 1 
ATOM   419 O  "O2'" . C   B 1 6  ? 8.996   0.315   -4.702  1.00 39.21  ? 6   C   B "O2'" 1 
ATOM   420 C  "C1'" . C   B 1 6  ? 8.021   1.520   -2.972  1.00 33.80  ? 6   C   B "C1'" 1 
ATOM   421 N  N1    . C   B 1 6  ? 7.262   1.416   -1.717  1.00 35.42  ? 6   C   B N1    1 
ATOM   422 C  C2    . C   B 1 6  ? 7.816   0.639   -0.706  1.00 31.65  ? 6   C   B C2    1 
ATOM   423 O  O2    . C   B 1 6  ? 8.877   0.030   -0.936  1.00 33.99  ? 6   C   B O2    1 
ATOM   424 N  N3    . C   B 1 6  ? 7.162   0.522   0.476   1.00 33.51  ? 6   C   B N3    1 
ATOM   425 C  C4    . C   B 1 6  ? 6.036   1.201   0.682   1.00 29.17  ? 6   C   B C4    1 
ATOM   426 N  N4    . C   B 1 6  ? 5.451   1.100   1.874   1.00 31.36  ? 6   C   B N4    1 
ATOM   427 C  C5    . C   B 1 6  ? 5.450   2.011   -0.334  1.00 31.46  ? 6   C   B C5    1 
ATOM   428 C  C6    . C   B 1 6  ? 6.085   2.079   -1.511  1.00 30.32  ? 6   C   B C6    1 
ATOM   429 P  P     . U   B 1 7  ? 5.343   -0.842  -6.150  1.00 40.32  ? 7   U   B P     1 
ATOM   430 O  OP1   . U   B 1 7  ? 5.252   -1.219  -7.576  1.00 43.79  ? 7   U   B OP1   1 
ATOM   431 O  OP2   . U   B 1 7  ? 4.142   -0.544  -5.406  1.00 37.25  ? 7   U   B OP2   1 
ATOM   432 O  "O5'" . U   B 1 7  ? 6.044   -2.009  -5.334  1.00 37.02  ? 7   U   B "O5'" 1 
ATOM   433 C  "C5'" . U   B 1 7  ? 7.205   -2.601  -5.859  1.00 35.03  ? 7   U   B "C5'" 1 
ATOM   434 C  "C4'" . U   B 1 7  ? 7.674   -3.685  -4.952  1.00 34.81  ? 7   U   B "C4'" 1 
ATOM   435 O  "O4'" . U   B 1 7  ? 8.152   -3.126  -3.687  1.00 35.47  ? 7   U   B "O4'" 1 
ATOM   436 C  "C3'" . U   B 1 7  ? 6.626   -4.703  -4.534  1.00 34.16  ? 7   U   B "C3'" 1 
ATOM   437 O  "O3'" . U   B 1 7  ? 6.386   -5.672  -5.567  1.00 39.32  ? 7   U   B "O3'" 1 
ATOM   438 C  "C2'" . U   B 1 7  ? 7.310   -5.287  -3.314  1.00 34.73  ? 7   U   B "C2'" 1 
ATOM   439 O  "O2'" . U   B 1 7  ? 8.420   -6.032  -3.779  1.00 38.15  ? 7   U   B "O2'" 1 
ATOM   440 C  "C1'" . U   B 1 7  ? 7.764   -4.003  -2.616  1.00 36.51  ? 7   U   B "C1'" 1 
ATOM   441 N  N1    . U   B 1 7  ? 6.753   -3.352  -1.743  1.00 36.47  ? 7   U   B N1    1 
ATOM   442 C  C2    . U   B 1 7  ? 6.656   -3.851  -0.449  1.00 34.11  ? 7   U   B C2    1 
ATOM   443 O  O2    . U   B 1 7  ? 7.342   -4.776  -0.041  1.00 34.01  ? 7   U   B O2    1 
ATOM   444 N  N3    . U   B 1 7  ? 5.751   -3.205  0.357   1.00 33.64  ? 7   U   B N3    1 
ATOM   445 C  C4    . U   B 1 7  ? 4.927   -2.156  0.019   1.00 31.45  ? 7   U   B C4    1 
ATOM   446 O  O4    . U   B 1 7  ? 4.193   -1.670  0.877   1.00 32.18  ? 7   U   B O4    1 
ATOM   447 C  C5    . U   B 1 7  ? 5.081   -1.688  -1.329  1.00 32.02  ? 7   U   B C5    1 
ATOM   448 C  C6    . U   B 1 7  ? 5.977   -2.276  -2.139  1.00 34.95  ? 7   U   B C6    1 
ATOM   449 P  P     . U   B 1 8  ? 4.984   -6.423  -5.674  1.00 38.44  ? 8   U   B P     1 
ATOM   450 O  OP1   . U   B 1 8  ? 5.045   -7.334  -6.887  1.00 41.67  ? 8   U   B OP1   1 
ATOM   451 O  OP2   . U   B 1 8  ? 3.830   -5.485  -5.513  1.00 39.00  ? 8   U   B OP2   1 
ATOM   452 O  "O5'" . U   B 1 8  ? 4.929   -7.357  -4.374  1.00 40.07  ? 8   U   B "O5'" 1 
ATOM   453 C  "C5'" . U   B 1 8  ? 5.912   -8.348  -4.081  1.00 40.68  ? 8   U   B "C5'" 1 
ATOM   454 C  "C4'" . U   B 1 8  ? 5.731   -8.886  -2.683  1.00 38.56  ? 8   U   B "C4'" 1 
ATOM   455 O  "O4'" . U   B 1 8  ? 5.974   -7.824  -1.700  1.00 36.97  ? 8   U   B "O4'" 1 
ATOM   456 C  "C3'" . U   B 1 8  ? 4.339   -9.384  -2.325  1.00 36.51  ? 8   U   B "C3'" 1 
ATOM   457 O  "O3'" . U   B 1 8  ? 3.999   -10.675 -2.863  1.00 37.89  ? 8   U   B "O3'" 1 
ATOM   458 C  "C2'" . U   B 1 8  ? 4.436   -9.378  -0.807  1.00 33.20  ? 8   U   B "C2'" 1 
ATOM   459 O  "O2'" . U   B 1 8  ? 5.188   -10.446 -0.255  1.00 37.57  ? 8   U   B "O2'" 1 
ATOM   460 C  "C1'" . U   B 1 8  ? 5.130   -8.032  -0.575  1.00 33.75  ? 8   U   B "C1'" 1 
ATOM   461 N  N1    . U   B 1 8  ? 4.211   -6.885  -0.425  1.00 31.74  ? 8   U   B N1    1 
ATOM   462 C  C2    . U   B 1 8  ? 3.689   -6.717  0.840   1.00 28.74  ? 8   U   B C2    1 
ATOM   463 O  O2    . U   B 1 8  ? 3.969   -7.459  1.764   1.00 31.30  ? 8   U   B O2    1 
ATOM   464 N  N3    . U   B 1 8  ? 2.891   -5.611  0.999   1.00 32.76  ? 8   U   B N3    1 
ATOM   465 C  C4    . U   B 1 8  ? 2.477   -4.730  0.027   1.00 32.91  ? 8   U   B C4    1 
ATOM   466 O  O4    . U   B 1 8  ? 1.745   -3.780  0.339   1.00 31.73  ? 8   U   B O4    1 
ATOM   467 C  C5    . U   B 1 8  ? 3.030   -4.981  -1.272  1.00 31.62  ? 8   U   B C5    1 
ATOM   468 C  C6    . U   B 1 8  ? 3.863   -6.021  -1.450  1.00 32.99  ? 8   U   B C6    1 
ATOM   469 P  P     . A   B 1 9  ? 2.545   -10.967 -3.349  1.00 36.90  ? 9   A   B P     1 
ATOM   470 O  OP1   . A   B 1 9  ? 2.576   -12.205 -4.166  1.00 45.35  ? 9   A   B OP1   1 
ATOM   471 O  OP2   . A   B 1 9  ? 1.930   -9.704  -3.891  1.00 41.93  ? 9   A   B OP2   1 
ATOM   472 O  "O5'" . A   B 1 9  ? 1.754   -11.254 -1.991  1.00 31.97  ? 9   A   B "O5'" 1 
ATOM   473 C  "C5'" . A   B 1 9  ? 2.115   -12.352 -1.172  1.00 33.50  ? 9   A   B "C5'" 1 
ATOM   474 C  "C4'" . A   B 1 9  ? 1.297   -12.382 0.084   1.00 31.70  ? 9   A   B "C4'" 1 
ATOM   475 O  "O4'" . A   B 1 9  ? 1.723   -11.325 1.008   1.00 33.13  ? 9   A   B "O4'" 1 
ATOM   476 C  "C3'" . A   B 1 9  ? -0.206  -12.149 -0.053  1.00 34.56  ? 9   A   B "C3'" 1 
ATOM   477 O  "O3'" . A   B 1 9  ? -0.901  -13.272 -0.591  1.00 36.51  ? 9   A   B "O3'" 1 
ATOM   478 C  "C2'" . A   B 1 9  ? -0.571  -11.772 1.383   1.00 34.34  ? 9   A   B "C2'" 1 
ATOM   479 O  "O2'" . A   B 1 9  ? -0.573  -12.808 2.368   1.00 32.20  ? 9   A   B "O2'" 1 
ATOM   480 C  "C1'" . A   B 1 9  ? 0.591   -10.856 1.733   1.00 35.31  ? 9   A   B "C1'" 1 
ATOM   481 N  N9    . A   B 1 9  ? 0.335   -9.455  1.382   1.00 30.97  ? 9   A   B N9    1 
ATOM   482 C  C8    . A   B 1 9  ? 0.707   -8.770  0.250   1.00 32.86  ? 9   A   B C8    1 
ATOM   483 N  N7    . A   B 1 9  ? 0.318   -7.514  0.243   1.00 30.74  ? 9   A   B N7    1 
ATOM   484 C  C5    . A   B 1 9  ? -0.339  -7.363  1.455   1.00 28.06  ? 9   A   B C5    1 
ATOM   485 C  C6    . A   B 1 9  ? -1.001  -6.270  2.032   1.00 28.10  ? 9   A   B C6    1 
ATOM   486 N  N6    . A   B 1 9  ? -1.041  -5.062  1.479   1.00 29.23  ? 9   A   B N6    1 
ATOM   487 N  N1    . A   B 1 9  ? -1.589  -6.451  3.239   1.00 29.26  ? 9   A   B N1    1 
ATOM   488 C  C2    . A   B 1 9  ? -1.552  -7.680  3.789   1.00 30.86  ? 9   A   B C2    1 
ATOM   489 N  N3    . A   B 1 9  ? -0.965  -8.784  3.337   1.00 29.46  ? 9   A   B N3    1 
ATOM   490 C  C4    . A   B 1 9  ? -0.348  -8.550  2.162   1.00 29.06  ? 9   A   B C4    1 
ATOM   491 P  P     . A   B 1 10 ? -2.199  -13.078 -1.501  1.00 37.64  ? 10  A   B P     1 
ATOM   492 O  OP1   . A   B 1 10 ? -2.550  -14.436 -2.052  1.00 44.37  ? 10  A   B OP1   1 
ATOM   493 O  OP2   . A   B 1 10 ? -1.994  -11.931 -2.437  1.00 37.45  ? 10  A   B OP2   1 
ATOM   494 O  "O5'" . A   B 1 10 ? -3.341  -12.739 -0.427  1.00 41.69  ? 10  A   B "O5'" 1 
ATOM   495 C  "C5'" . A   B 1 10 ? -3.623  -13.618 0.674   1.00 39.01  ? 10  A   B "C5'" 1 
ATOM   496 C  "C4'" . A   B 1 10 ? -4.476  -12.937 1.720   1.00 43.72  ? 10  A   B "C4'" 1 
ATOM   497 O  "O4'" . A   B 1 10 ? -3.728  -11.865 2.350   1.00 39.36  ? 10  A   B "O4'" 1 
ATOM   498 C  "C3'" . A   B 1 10 ? -5.751  -12.276 1.219   1.00 43.20  ? 10  A   B "C3'" 1 
ATOM   499 O  "O3'" . A   B 1 10 ? -6.727  -13.291 1.172   1.00 50.02  ? 10  A   B "O3'" 1 
ATOM   500 C  "C2'" . A   B 1 10 ? -6.029  -11.261 2.322   1.00 43.15  ? 10  A   B "C2'" 1 
ATOM   501 O  "O2'" . A   B 1 10 ? -6.677  -11.806 3.452   1.00 45.13  ? 10  A   B "O2'" 1 
ATOM   502 C  "C1'" . A   B 1 10 ? -4.614  -10.783 2.640   1.00 39.08  ? 10  A   B "C1'" 1 
ATOM   503 N  N9    . A   B 1 10 ? -4.255  -9.654  1.783   1.00 36.94  ? 10  A   B N9    1 
ATOM   504 C  C8    . A   B 1 10 ? -3.617  -9.622  0.570   1.00 37.34  ? 10  A   B C8    1 
ATOM   505 N  N7    . A   B 1 10 ? -3.531  -8.424  0.052   1.00 35.16  ? 10  A   B N7    1 
ATOM   506 C  C5    . A   B 1 10 ? -4.147  -7.611  0.989   1.00 30.56  ? 10  A   B C5    1 
ATOM   507 C  C6    . A   B 1 10 ? -4.365  -6.225  1.044   1.00 32.72  ? 10  A   B C6    1 
ATOM   508 N  N6    . A   B 1 10 ? -3.999  -5.389  0.089   1.00 30.53  ? 10  A   B N6    1 
ATOM   509 N  N1    . A   B 1 10 ? -5.088  -5.744  2.078   1.00 33.86  ? 10  A   B N1    1 
ATOM   510 C  C2    . A   B 1 10 ? -5.476  -6.592  3.031   1.00 32.36  ? 10  A   B C2    1 
ATOM   511 N  N3    . A   B 1 10 ? -5.330  -7.918  3.091   1.00 30.74  ? 10  A   B N3    1 
ATOM   512 C  C4    . A   B 1 10 ? -4.615  -8.359  2.049   1.00 33.19  ? 10  A   B C4    1 
ATOM   513 P  P     . G   B 1 11 ? -8.043  -13.117 0.221   1.00 50.20  ? 11  G   B P     1 
ATOM   514 O  OP1   . G   B 1 11 ? -8.992  -14.251 0.499   1.00 49.34  ? 11  G   B OP1   1 
ATOM   515 O  OP2   . G   B 1 11 ? -7.623  -12.977 -1.220  1.00 42.36  ? 11  G   B OP2   1 
ATOM   516 O  "O5'" . G   B 1 11 ? -8.727  -11.702 0.656   1.00 55.29  ? 11  G   B "O5'" 1 
ATOM   517 C  "C5'" . G   B 1 11 ? -9.804  -11.698 1.623   1.00 47.50  ? 11  G   B "C5'" 1 
ATOM   518 C  "C4'" . G   B 1 11 ? -10.093 -10.294 2.101   1.00 41.69  ? 11  G   B "C4'" 1 
ATOM   519 O  "O4'" . G   B 1 11 ? -8.881  -9.514  2.252   1.00 35.10  ? 11  G   B "O4'" 1 
ATOM   520 C  "C3'" . G   B 1 11 ? -10.927 -9.395  1.187   1.00 42.55  ? 11  G   B "C3'" 1 
ATOM   521 O  "O3'" . G   B 1 11 ? -12.301 -9.751  1.162   1.00 38.95  ? 11  G   B "O3'" 1 
ATOM   522 C  "C2'" . G   B 1 11 ? -10.713 -8.070  1.910   1.00 37.10  ? 11  G   B "C2'" 1 
ATOM   523 O  "O2'" . G   B 1 11 ? -11.438 -8.006  3.116   1.00 38.23  ? 11  G   B "O2'" 1 
ATOM   524 C  "C1'" . G   B 1 11 ? -9.212  -8.142  2.158   1.00 38.33  ? 11  G   B "C1'" 1 
ATOM   525 N  N9    . G   B 1 11 ? -8.444  -7.516  1.091   1.00 36.24  ? 11  G   B N9    1 
ATOM   526 C  C8    . G   B 1 11 ? -7.693  -8.132  0.124   1.00 34.65  ? 11  G   B C8    1 
ATOM   527 N  N7    . G   B 1 11 ? -7.128  -7.290  -0.704  1.00 35.34  ? 11  G   B N7    1 
ATOM   528 C  C5    . G   B 1 11 ? -7.538  -6.044  -0.257  1.00 31.21  ? 11  G   B C5    1 
ATOM   529 C  C6    . G   B 1 11 ? -7.232  -4.753  -0.751  1.00 31.32  ? 11  G   B C6    1 
ATOM   530 O  O6    . G   B 1 11 ? -6.529  -4.451  -1.721  1.00 35.64  ? 11  G   B O6    1 
ATOM   531 N  N1    . G   B 1 11 ? -7.862  -3.764  -0.002  1.00 32.33  ? 11  G   B N1    1 
ATOM   532 C  C2    . G   B 1 11 ? -8.668  -3.978  1.085   1.00 30.92  ? 11  G   B C2    1 
ATOM   533 N  N2    . G   B 1 11 ? -9.188  -2.893  1.672   1.00 30.21  ? 11  G   B N2    1 
ATOM   534 N  N3    . G   B 1 11 ? -8.948  -5.186  1.560   1.00 32.11  ? 11  G   B N3    1 
ATOM   535 C  C4    . G   B 1 11 ? -8.355  -6.167  0.842   1.00 31.22  ? 11  G   B C4    1 
ATOM   536 P  P     . U   B 1 12 ? -13.259 -9.414  -0.101  1.00 41.46  ? 12  U   B P     1 
ATOM   537 O  OP1   . U   B 1 12 ? -14.521 -10.200 0.102   1.00 43.84  ? 12  U   B OP1   1 
ATOM   538 O  OP2   . U   B 1 12 ? -12.489 -9.546  -1.386  1.00 41.46  ? 12  U   B OP2   1 
ATOM   539 O  "O5'" . U   B 1 12 ? -13.579 -7.864  0.020   1.00 39.78  ? 12  U   B "O5'" 1 
ATOM   540 C  "C5'" . U   B 1 12 ? -14.273 -7.310  1.127   1.00 35.88  ? 12  U   B "C5'" 1 
ATOM   541 C  "C4'" . U   B 1 12 ? -14.218 -5.818  1.073   1.00 35.00  ? 12  U   B "C4'" 1 
ATOM   542 O  "O4'" . U   B 1 12 ? -12.840 -5.349  1.110   1.00 39.42  ? 12  U   B "O4'" 1 
ATOM   543 C  "C3'" . U   B 1 12 ? -14.765 -5.188  -0.192  1.00 35.95  ? 12  U   B "C3'" 1 
ATOM   544 O  "O3'" . U   B 1 12 ? -16.199 -5.166  -0.246  1.00 37.25  ? 12  U   B "O3'" 1 
ATOM   545 C  "C2'" . U   B 1 12 ? -14.149 -3.803  -0.101  1.00 34.51  ? 12  U   B "C2'" 1 
ATOM   546 O  "O2'" . U   B 1 12 ? -14.740 -3.003  0.895   1.00 38.29  ? 12  U   B "O2'" 1 
ATOM   547 C  "C1'" . U   B 1 12 ? -12.733 -4.145  0.359   1.00 37.68  ? 12  U   B "C1'" 1 
ATOM   548 N  N1    . U   B 1 12 ? -11.771 -4.343  -0.732  1.00 32.73  ? 12  U   B N1    1 
ATOM   549 C  C2    . U   B 1 12 ? -11.269 -3.203  -1.343  1.00 29.74  ? 12  U   B C2    1 
ATOM   550 O  O2    . U   B 1 12 ? -11.549 -2.087  -0.977  1.00 32.65  ? 12  U   B O2    1 
ATOM   551 N  N3    . U   B 1 12 ? -10.315 -3.437  -2.294  1.00 32.36  ? 12  U   B N3    1 
ATOM   552 C  C4    . U   B 1 12 ? -9.876  -4.657  -2.745  1.00 29.79  ? 12  U   B C4    1 
ATOM   553 O  O4    . U   B 1 12 ? -9.046  -4.701  -3.645  1.00 36.12  ? 12  U   B O4    1 
ATOM   554 C  C5    . U   B 1 12 ? -10.510 -5.788  -2.127  1.00 30.46  ? 12  U   B C5    1 
ATOM   555 C  C6    . U   B 1 12 ? -11.437 -5.593  -1.192  1.00 31.84  ? 12  U   B C6    1 
ATOM   556 P  P     . C   B 1 13 ? -16.952 -5.155  -1.684  1.00 38.85  ? 13  C   B P     1 
ATOM   557 O  OP1   . C   B 1 13 ? -18.451 -5.232  -1.480  1.00 40.40  ? 13  C   B OP1   1 
ATOM   558 O  OP2   . C   B 1 13 ? -16.317 -6.081  -2.630  1.00 38.17  ? 13  C   B OP2   1 
ATOM   559 O  "O5'" . C   B 1 13 ? -16.713 -3.705  -2.289  1.00 36.43  ? 13  C   B "O5'" 1 
ATOM   560 C  "C5'" . C   B 1 13 ? -17.275 -2.584  -1.625  1.00 33.37  ? 13  C   B "C5'" 1 
ATOM   561 C  "C4'" . C   B 1 13 ? -16.649 -1.322  -2.130  1.00 30.18  ? 13  C   B "C4'" 1 
ATOM   562 O  "O4'" . C   B 1 13 ? -15.198 -1.351  -1.938  1.00 35.23  ? 13  C   B "O4'" 1 
ATOM   563 C  "C3'" . C   B 1 13 ? -16.798 -1.005  -3.615  1.00 32.21  ? 13  C   B "C3'" 1 
ATOM   564 O  "O3'" . C   B 1 13 ? -18.073 -0.455  -3.844  1.00 35.81  ? 13  C   B "O3'" 1 
ATOM   565 C  "C2'" . C   B 1 13 ? -15.706 0.048   -3.776  1.00 29.28  ? 13  C   B "C2'" 1 
ATOM   566 O  "O2'" . C   B 1 13 ? -16.022 1.320   -3.288  1.00 33.76  ? 13  C   B "O2'" 1 
ATOM   567 C  "C1'" . C   B 1 13 ? -14.577 -0.592  -2.975  1.00 29.50  ? 13  C   B "C1'" 1 
ATOM   568 N  N1    . C   B 1 13 ? -13.745 -1.519  -3.767  1.00 31.62  ? 13  C   B N1    1 
ATOM   569 C  C2    . C   B 1 13 ? -12.741 -0.976  -4.571  1.00 31.18  ? 13  C   B C2    1 
ATOM   570 O  O2    . C   B 1 13 ? -12.671 0.251   -4.673  1.00 29.68  ? 13  C   B O2    1 
ATOM   571 N  N3    . C   B 1 13 ? -11.961 -1.808  -5.309  1.00 30.91  ? 13  C   B N3    1 
ATOM   572 C  C4    . C   B 1 13 ? -12.105 -3.128  -5.201  1.00 31.70  ? 13  C   B C4    1 
ATOM   573 N  N4    . C   B 1 13 ? -11.285 -3.917  -5.917  1.00 32.98  ? 13  C   B N4    1 
ATOM   574 C  C5    . C   B 1 13 ? -13.112 -3.709  -4.378  1.00 35.51  ? 13  C   B C5    1 
ATOM   575 C  C6    . C   B 1 13 ? -13.901 -2.877  -3.682  1.00 32.13  ? 13  C   B C6    1 
ATOM   576 P  P     . G   B 1 14 ? -18.863 -0.775  -5.202  1.00 39.30  ? 14  G   B P     1 
ATOM   577 O  OP1   . G   B 1 14 ? -20.254 -0.228  -5.045  1.00 48.28  ? 14  G   B OP1   1 
ATOM   578 O  OP2   . G   B 1 14 ? -18.711 -2.223  -5.542  1.00 39.54  ? 14  G   B OP2   1 
ATOM   579 O  "O5'" . G   B 1 14 ? -18.043 0.017   -6.333  1.00 34.26  ? 14  G   B "O5'" 1 
ATOM   580 C  "C5'" . G   B 1 14 ? -17.949 1.453   -6.370  1.00 33.84  ? 14  G   B "C5'" 1 
ATOM   581 C  "C4'" . G   B 1 14 ? -16.956 1.891   -7.441  1.00 34.38  ? 14  G   B "C4'" 1 
ATOM   582 O  "O4'" . G   B 1 14 ? -15.612 1.525   -7.040  1.00 35.58  ? 14  G   B "O4'" 1 
ATOM   583 C  "C3'" . G   B 1 14 ? -17.054 1.288   -8.844  1.00 38.97  ? 14  G   B "C3'" 1 
ATOM   584 O  "O3'" . G   B 1 14 ? -18.203 1.842   -9.488  1.00 41.01  ? 14  G   B "O3'" 1 
ATOM   585 C  "C2'" . G   B 1 14 ? -15.687 1.733   -9.383  1.00 37.40  ? 14  G   B "C2'" 1 
ATOM   586 O  "O2'" . G   B 1 14 ? -15.606 3.111   -9.671  1.00 43.11  ? 14  G   B "O2'" 1 
ATOM   587 C  "C1'" . G   B 1 14 ? -14.789 1.424   -8.187  1.00 34.83  ? 14  G   B "C1'" 1 
ATOM   588 N  N9    . G   B 1 14 ? -14.183 0.100   -8.265  1.00 31.03  ? 14  G   B N9    1 
ATOM   589 C  C8    . G   B 1 14 ? -14.561 -1.066  -7.658  1.00 35.50  ? 14  G   B C8    1 
ATOM   590 N  N7    . G   B 1 14 ? -13.802 -2.086  -7.958  1.00 34.76  ? 14  G   B N7    1 
ATOM   591 C  C5    . G   B 1 14 ? -12.850 -1.582  -8.838  1.00 31.30  ? 14  G   B C5    1 
ATOM   592 C  C6    . G   B 1 14 ? -11.775 -2.218  -9.519  1.00 36.04  ? 14  G   B C6    1 
ATOM   593 O  O6    . G   B 1 14 ? -11.411 -3.412  -9.496  1.00 34.63  ? 14  G   B O6    1 
ATOM   594 N  N1    . G   B 1 14 ? -11.082 -1.290  -10.309 1.00 32.78  ? 14  G   B N1    1 
ATOM   595 C  C2    . G   B 1 14 ? -11.416 0.019   -10.475 1.00 29.16  ? 14  G   B C2    1 
ATOM   596 N  N2    . G   B 1 14 ? -10.645 0.746   -11.281 1.00 30.54  ? 14  G   B N2    1 
ATOM   597 N  N3    . G   B 1 14 ? -12.407 0.635   -9.823  1.00 29.67  ? 14  G   B N3    1 
ATOM   598 C  C4    . G   B 1 14 ? -13.089 -0.235  -9.046  1.00 31.02  ? 14  G   B C4    1 
HETATM 599 O  O36   . G3A C 2 .  ? -11.688 -5.321  -12.368 1.00 34.71  ? 101 G3A A O36   1 
HETATM 600 C  C36   . G3A C 2 .  ? -11.764 -4.175  -12.897 1.00 30.56  ? 101 G3A A C36   1 
HETATM 601 N  N31   . G3A C 2 .  ? -10.733 -3.877  -13.812 1.00 34.57  ? 101 G3A A N31   1 
HETATM 602 C  C32   . G3A C 2 .  ? -10.694 -2.632  -14.440 1.00 29.91  ? 101 G3A A C32   1 
HETATM 603 N  N32   . G3A C 2 .  ? -9.760  -2.365  -15.369 1.00 35.23  ? 101 G3A A N32   1 
HETATM 604 N  N33   . G3A C 2 .  ? -11.654 -1.686  -14.151 1.00 32.53  ? 101 G3A A N33   1 
HETATM 605 C  C35   . G3A C 2 .  ? -12.677 -3.204  -12.645 1.00 31.54  ? 101 G3A A C35   1 
HETATM 606 C  C34   . G3A C 2 .  ? -12.628 -2.003  -13.268 1.00 32.46  ? 101 G3A A C34   1 
HETATM 607 N  N37   . G3A C 2 .  ? -13.741 -3.151  -11.852 1.00 32.16  ? 101 G3A A N37   1 
HETATM 608 C  C38   . G3A C 2 .  ? -14.320 -1.966  -11.979 1.00 33.22  ? 101 G3A A C38   1 
HETATM 609 N  N39   . G3A C 2 .  ? -13.667 -1.279  -12.870 1.00 31.42  ? 101 G3A A N39   1 
HETATM 610 C  C41   . G3A C 2 .  ? -13.804 0.121   -13.399 1.00 35.13  ? 101 G3A A C41   1 
HETATM 611 O  O44   . G3A C 2 .  ? -14.906 0.625   -12.544 1.00 35.19  ? 101 G3A A O44   1 
HETATM 612 C  C42   . G3A C 2 .  ? -14.230 0.306   -14.834 1.00 36.17  ? 101 G3A A C42   1 
HETATM 613 O  O42   . G3A C 2 .  ? -13.867 1.591   -15.279 1.00 39.30  ? 101 G3A A O42   1 
HETATM 614 C  C43   . G3A C 2 .  ? -15.744 0.181   -14.620 1.00 38.29  ? 101 G3A A C43   1 
HETATM 615 O  O43   . G3A C 2 .  ? -16.486 0.756   -15.726 1.00 43.41  ? 101 G3A A O43   1 
HETATM 616 C  C44   . G3A C 2 .  ? -15.995 1.029   -13.344 1.00 39.93  ? 101 G3A A C44   1 
HETATM 617 C  C45   . G3A C 2 .  ? -17.343 0.716   -12.664 1.00 38.28  ? 101 G3A A C45   1 
HETATM 618 O  O45   . G3A C 2 .  ? -17.393 -0.705  -12.429 1.00 46.28  ? 101 G3A A O45   1 
HETATM 619 P  PA    . G3A C 2 .  ? -18.666 -1.536  -11.829 1.00 55.06  ? 101 G3A A PA    1 
HETATM 620 O  O1A   . G3A C 2 .  ? -19.801 -0.854  -11.225 1.00 73.87  ? 101 G3A A O1A   1 
HETATM 621 O  O2A   . G3A C 2 .  ? -17.962 -2.496  -10.965 1.00 53.05  ? 101 G3A A O2A   1 
HETATM 622 O  O1    . G3A C 2 .  ? -18.841 -2.174  -13.330 1.00 68.15  ? 101 G3A A O1    1 
HETATM 623 P  PB    . G3A C 2 .  ? -19.719 -1.607  -14.579 1.00 74.20  ? 101 G3A A PB    1 
HETATM 624 O  O2B   . G3A C 2 .  ? -18.837 -0.763  -15.327 1.00 75.49  ? 101 G3A A O2B   1 
HETATM 625 O  O3B   . G3A C 2 .  ? -20.929 -1.099  -14.538 1.00 66.23  ? 101 G3A A O3B   1 
HETATM 626 O  O3A   . G3A C 2 .  ? -19.699 -3.205  -15.155 1.00 80.96  ? 101 G3A A O3A   1 
HETATM 627 P  PG    . G3A C 2 .  ? -20.429 -4.493  -14.345 1.00 94.26  ? 101 G3A A PG    1 
HETATM 628 O  O1G   . G3A C 2 .  ? -21.797 -4.694  -14.729 1.00 90.01  ? 101 G3A A O1G   1 
HETATM 629 O  O2G   . G3A C 2 .  ? -20.542 -4.429  -12.962 1.00 96.66  ? 101 G3A A O2G   1 
HETATM 630 O  O25   . G3A C 2 .  ? -19.514 -5.534  -15.211 1.00 82.14  ? 101 G3A A O25   1 
HETATM 631 C  C25   . G3A C 2 .  ? -19.009 -6.765  -14.654 1.00 78.75  ? 101 G3A A C25   1 
HETATM 632 C  C24   . G3A C 2 .  ? -17.540 -6.520  -14.323 1.00 76.95  ? 101 G3A A C24   1 
HETATM 633 C  C23   . G3A C 2 .  ? -17.233 -6.342  -12.821 1.00 73.67  ? 101 G3A A C23   1 
HETATM 634 O  O23   . G3A C 2 .  ? -16.405 -7.385  -12.411 1.00 82.02  ? 101 G3A A O23   1 
HETATM 635 C  C22   . G3A C 2 .  ? -16.433 -5.008  -12.730 1.00 68.45  ? 101 G3A A C22   1 
HETATM 636 O  O22   . G3A C 2 .  ? -15.695 -4.830  -11.462 1.00 65.43  ? 101 G3A A O22   1 
HETATM 637 O  O24   . G3A C 2 .  ? -17.244 -5.240  -14.931 1.00 79.06  ? 101 G3A A O24   1 
HETATM 638 C  C21   . G3A C 2 .  ? -16.027 -4.822  -14.253 1.00 65.82  ? 101 G3A A C21   1 
HETATM 639 N  N19   . G3A C 2 .  ? -15.143 -3.961  -15.184 1.00 57.97  ? 101 G3A A N19   1 
HETATM 640 C  C14   . G3A C 2 .  ? -14.208 -4.829  -15.418 1.00 44.55  ? 101 G3A A C14   1 
HETATM 641 N  N13   . G3A C 2 .  ? -14.073 -5.988  -14.815 1.00 42.80  ? 101 G3A A N13   1 
HETATM 642 C  C12   . G3A C 2 .  ? -13.041 -6.818  -15.031 1.00 45.70  ? 101 G3A A C12   1 
HETATM 643 N  N11   . G3A C 2 .  ? -12.144 -6.390  -15.939 1.00 48.14  ? 101 G3A A N11   1 
HETATM 644 C  C18   . G3A C 2 .  ? -14.928 -2.965  -16.053 1.00 52.21  ? 101 G3A A C18   1 
HETATM 645 N  N17   . G3A C 2 .  ? -13.771 -3.210  -16.727 1.00 49.71  ? 101 G3A A N17   1 
HETATM 646 C  C15   . G3A C 2 .  ? -13.327 -4.371  -16.292 1.00 40.89  ? 101 G3A A C15   1 
HETATM 647 C  C16   . G3A C 2 .  ? -12.301 -5.228  -16.548 1.00 39.28  ? 101 G3A A C16   1 
HETATM 648 N  N16   . G3A C 2 .  ? -11.363 -4.977  -17.395 1.00 43.21  ? 101 G3A A N16   1 
HETATM 649 MG MG    . MG  D 3 .  ? 14.266  16.474  5.235   0.33 44.88  ? 102 MG  A MG    1 
HETATM 650 O  O36   . G3A E 2 .  ? 11.417  8.643   10.526  1.00 38.03  ? 101 G3A B O36   1 
HETATM 651 C  C36   . G3A E 2 .  ? 11.413  9.627   9.749   1.00 39.35  ? 101 G3A B C36   1 
HETATM 652 N  N31   . G3A E 2 .  ? 10.405  10.492  9.996   1.00 33.66  ? 101 G3A B N31   1 
HETATM 653 C  C32   . G3A E 2 .  ? 10.230  11.590  9.254   1.00 34.25  ? 101 G3A B C32   1 
HETATM 654 N  N32   . G3A E 2 .  ? 9.213   12.413  9.551   1.00 32.48  ? 101 G3A B N32   1 
HETATM 655 N  N33   . G3A E 2 .  ? 11.069  11.896  8.285   1.00 33.98  ? 101 G3A B N33   1 
HETATM 656 C  C35   . G3A E 2 .  ? 12.257  9.936   8.713   1.00 36.31  ? 101 G3A B C35   1 
HETATM 657 C  C34   . G3A E 2 .  ? 12.063  11.055  8.021   1.00 38.17  ? 101 G3A B C34   1 
HETATM 658 N  N37   . G3A E 2 .  ? 13.346  9.379   8.187   1.00 38.19  ? 101 G3A B N37   1 
HETATM 659 C  C38   . G3A E 2 .  ? 13.747  10.140  7.216   1.00 35.80  ? 101 G3A B C38   1 
HETATM 660 N  N39   . G3A E 2 .  ? 12.948  11.185  7.077   1.00 34.26  ? 101 G3A B N39   1 
HETATM 661 C  C41   . G3A E 2 .  ? 13.062  12.248  6.109   1.00 36.27  ? 101 G3A B C41   1 
HETATM 662 O  O44   . G3A E 2 .  ? 14.112  11.834  5.167   1.00 41.45  ? 101 G3A B O44   1 
HETATM 663 C  C42   . G3A E 2 .  ? 13.453  13.557  6.712   1.00 39.24  ? 101 G3A B C42   1 
HETATM 664 O  O42   . G3A E 2 .  ? 12.943  14.574  5.944   1.00 43.44  ? 101 G3A B O42   1 
HETATM 665 C  C43   . G3A E 2 .  ? 14.984  13.499  6.613   1.00 41.14  ? 101 G3A B C43   1 
HETATM 666 O  O43   . G3A E 2 .  ? 15.433  14.833  6.625   1.00 41.49  ? 101 G3A B O43   1 
HETATM 667 C  C44   . G3A E 2 .  ? 15.209  12.801  5.255   1.00 42.86  ? 101 G3A B C44   1 
HETATM 668 C  C45   . G3A E 2 .  ? 16.544  12.012  5.203   1.00 44.88  ? 101 G3A B C45   1 
HETATM 669 O  O45   . G3A E 2 .  ? 16.692  11.436  6.495   1.00 46.82  ? 101 G3A B O45   1 
HETATM 670 P  PA    . G3A E 2 .  ? 17.838  10.450  6.988   1.00 57.48  ? 101 G3A B PA    1 
HETATM 671 O  O1A   . G3A E 2 .  ? 18.506  9.808   5.924   1.00 59.66  ? 101 G3A B O1A   1 
HETATM 672 O  O2A   . G3A E 2 .  ? 17.585  9.713   8.148   1.00 49.88  ? 101 G3A B O2A   1 
HETATM 673 O  O1    . G3A E 2 .  ? 18.759  11.804  7.415   1.00 63.36  ? 101 G3A B O1    1 
HETATM 674 P  PB    . G3A E 2 .  ? 18.628  12.996  8.620   1.00 70.07  ? 101 G3A B PB    1 
HETATM 675 O  O2B   . G3A E 2 .  ? 19.835  13.101  9.469   1.00 68.17  ? 101 G3A B O2B   1 
HETATM 676 O  O3B   . G3A E 2 .  ? 18.132  14.224  7.943   1.00 65.83  ? 101 G3A B O3B   1 
HETATM 677 O  O3A   . G3A E 2 .  ? 17.492  12.549  9.674   1.00 68.46  ? 101 G3A B O3A   1 
HETATM 678 P  PG    . G3A E 2 .  ? 17.354  13.228  11.154  1.00 58.12  ? 101 G3A B PG    1 
HETATM 679 O  O1G   . G3A E 2 .  ? 17.488  12.095  12.091  1.00 60.06  ? 101 G3A B O1G   1 
HETATM 680 O  O2G   . G3A E 2 .  ? 18.170  14.451  11.353  1.00 62.32  ? 101 G3A B O2G   1 
HETATM 681 O  O25   . G3A E 2 .  ? 15.779  13.691  11.013  1.00 52.76  ? 101 G3A B O25   1 
HETATM 682 C  C25   . G3A E 2 .  ? 15.484  14.946  10.428  1.00 47.71  ? 101 G3A B C25   1 
HETATM 683 C  C24   . G3A E 2 .  ? 14.081  15.359  10.854  1.00 49.18  ? 101 G3A B C24   1 
HETATM 684 C  C23   . G3A E 2 .  ? 13.998  15.377  12.367  1.00 46.57  ? 101 G3A B C23   1 
HETATM 685 O  O23   . G3A E 2 .  ? 14.353  16.715  12.841  1.00 45.09  ? 101 G3A B O23   1 
HETATM 686 C  C22   . G3A E 2 .  ? 12.513  15.129  12.556  1.00 46.55  ? 101 G3A B C22   1 
HETATM 687 O  O22   . G3A E 2 .  ? 11.821  16.391  12.291  1.00 42.44  ? 101 G3A B O22   1 
HETATM 688 O  O24   . G3A E 2 .  ? 13.059  14.382  10.409  1.00 46.22  ? 101 G3A B O24   1 
HETATM 689 C  C21   . G3A E 2 .  ? 12.197  14.054  11.502  1.00 46.64  ? 101 G3A B C21   1 
HETATM 690 N  N19   . G3A E 2 .  ? 12.457  12.642  11.971  1.00 43.64  ? 101 G3A B N19   1 
HETATM 691 C  C14   . G3A E 2 .  ? 11.717  11.980  12.884  1.00 41.61  ? 101 G3A B C14   1 
HETATM 692 N  N13   . G3A E 2 .  ? 10.647  12.406  13.549  1.00 42.59  ? 101 G3A B N13   1 
HETATM 693 C  C12   . G3A E 2 .  ? 10.083  11.538  14.449  1.00 36.08  ? 101 G3A B C12   1 
HETATM 694 N  N11   . G3A E 2 .  ? 10.559  10.301  14.657  1.00 34.97  ? 101 G3A B N11   1 
HETATM 695 C  C18   . G3A E 2 .  ? 13.428  11.773  11.644  1.00 37.48  ? 101 G3A B C18   1 
HETATM 696 N  N17   . G3A E 2 .  ? 13.309  10.652  12.346  1.00 38.87  ? 101 G3A B N17   1 
HETATM 697 C  C15   . G3A E 2 .  ? 12.245  10.749  13.138  1.00 36.57  ? 101 G3A B C15   1 
HETATM 698 C  C16   . G3A E 2 .  ? 11.644  9.929   14.023  1.00 36.28  ? 101 G3A B C16   1 
HETATM 699 N  N16   . G3A E 2 .  ? 12.105  8.712   14.297  1.00 38.55  ? 101 G3A B N16   1 
HETATM 700 MG MG    . MG  F 3 .  ? -15.377 2.888   -16.572 0.33 46.47  ? 102 MG  B MG    1 
HETATM 701 O  O     . HOH G 4 .  ? -1.386  -0.357  2.649   1.00 43.42  ? 201 HOH A O     1 
HETATM 702 O  O     . HOH G 4 .  ? -3.470  -7.843  9.695   1.00 40.01  ? 202 HOH A O     1 
HETATM 703 O  O     . HOH G 4 .  ? -11.284 0.862   -15.114 1.00 42.77  ? 203 HOH A O     1 
HETATM 704 O  O     . HOH G 4 .  ? 14.454  4.500   6.945   1.00 47.91  ? 204 HOH A O     1 
HETATM 705 O  O     . HOH G 4 .  ? -3.153  -3.445  -10.923 1.00 36.89  ? 205 HOH A O     1 
HETATM 706 O  O     . HOH G 4 .  ? 8.365   1.268   7.465   1.00 45.25  ? 206 HOH A O     1 
HETATM 707 O  O     . HOH G 4 .  ? -0.141  -0.713  5.754   1.00 39.26  ? 207 HOH A O     1 
HETATM 708 O  O     . HOH G 4 .  ? -9.962  0.400   8.693   1.00 43.06  ? 208 HOH A O     1 
HETATM 709 O  O     . HOH G 4 .  ? -5.365  -3.421  -8.698  1.00 40.23  ? 209 HOH A O     1 
HETATM 710 O  O     . HOH G 4 .  ? 2.079   -9.261  11.951  0.33 29.19  ? 210 HOH A O     1 
HETATM 711 O  O     . HOH G 4 .  ? 14.206  -0.002  -1.238  1.00 50.04  ? 211 HOH A O     1 
HETATM 712 O  O     . HOH G 4 .  ? 1.801   -9.051  6.914   1.00 35.35  ? 212 HOH A O     1 
HETATM 713 O  O     . HOH G 4 .  ? 12.146  1.762   7.796   1.00 42.58  ? 213 HOH A O     1 
HETATM 714 O  O     . HOH G 4 .  ? -3.377  1.491   5.069   1.00 35.67  ? 214 HOH A O     1 
HETATM 715 O  O     . HOH G 4 .  ? 16.757  2.794   5.668   1.00 48.49  ? 215 HOH A O     1 
HETATM 716 O  O     . HOH G 4 .  ? -2.892  -0.988  -3.452  1.00 39.77  ? 216 HOH A O     1 
HETATM 717 O  O     . HOH G 4 .  ? 9.077   12.602  2.509   1.00 44.18  ? 217 HOH A O     1 
HETATM 718 O  O     . HOH G 4 .  ? -5.029  7.630   -8.959  0.33 36.03  ? 218 HOH A O     1 
HETATM 719 O  O     . HOH G 4 .  ? 13.779  -8.040  9.470   1.00 65.88  ? 219 HOH A O     1 
HETATM 720 O  O     . HOH G 4 .  ? 11.155  -10.331 10.492  1.00 58.33  ? 220 HOH A O     1 
HETATM 721 O  O     . HOH G 4 .  ? 12.365  -9.535  8.538   1.00 55.69  ? 221 HOH A O     1 
HETATM 722 O  O     . HOH H 4 .  ? 1.275   -9.515  4.618   1.00 174.20 ? 201 HOH B O     1 
HETATM 723 O  O     . HOH H 4 .  ? -10.470 -15.013 2.719   0.33 41.33  ? 202 HOH B O     1 
HETATM 724 O  O     . HOH H 4 .  ? -8.168  -13.958 4.413   0.33 39.85  ? 203 HOH B O     1 
HETATM 725 O  O     . HOH H 4 .  ? -0.097  -5.917  -2.088  1.00 37.26  ? 204 HOH B O     1 
HETATM 726 O  O     . HOH H 4 .  ? 5.235   5.863   7.164   1.00 41.96  ? 205 HOH B O     1 
HETATM 727 O  O     . HOH H 4 .  ? 3.118   7.443   8.522   1.00 37.57  ? 206 HOH B O     1 
HETATM 728 O  O     . HOH H 4 .  ? 3.833   -9.236  4.129   1.00 44.12  ? 207 HOH B O     1 
HETATM 729 O  O     . HOH H 4 .  ? 9.508   10.609  0.925   1.00 55.61  ? 208 HOH B O     1 
HETATM 730 O  O     . HOH H 4 .  ? 7.666   13.449  0.380   0.33 42.39  ? 209 HOH B O     1 
HETATM 731 O  O     . HOH H 4 .  ? -0.295  9.800   -5.477  0.33 29.68  ? 210 HOH B O     1 
# 
loop_
_pdbx_poly_seq_scheme.asym_id 
_pdbx_poly_seq_scheme.entity_id 
_pdbx_poly_seq_scheme.seq_id 
_pdbx_poly_seq_scheme.mon_id 
_pdbx_poly_seq_scheme.ndb_seq_num 
_pdbx_poly_seq_scheme.pdb_seq_num 
_pdbx_poly_seq_scheme.auth_seq_num 
_pdbx_poly_seq_scheme.pdb_mon_id 
_pdbx_poly_seq_scheme.auth_mon_id 
_pdbx_poly_seq_scheme.pdb_strand_id 
_pdbx_poly_seq_scheme.pdb_ins_code 
_pdbx_poly_seq_scheme.hetero 
A 1 1  TLN 1  1  1  TLN TLN A . n 
A 1 2  LCC 2  2  2  LCC LCC A . n 
A 1 3  LCC 3  3  3  LCC LCC A . n 
A 1 4  LCG 4  4  4  LCG LCG A . n 
A 1 5  A   5  5  5  A   A   A . n 
A 1 6  C   6  6  6  C   C   A . n 
A 1 7  U   7  7  7  U   U   A . n 
A 1 8  U   8  8  8  U   U   A . n 
A 1 9  A   9  9  9  A   A   A . n 
A 1 10 A   10 10 10 A   A   A . n 
A 1 11 G   11 11 11 G   G   A . n 
A 1 12 U   12 12 12 U   U   A . n 
A 1 13 C   13 13 13 C   C   A . n 
A 1 14 G   14 14 14 G   G   A . n 
B 1 1  TLN 1  1  1  TLN TLN B . n 
B 1 2  LCC 2  2  2  LCC LCC B . n 
B 1 3  LCC 3  3  3  LCC LCC B . n 
B 1 4  LCG 4  4  4  LCG LCG B . n 
B 1 5  A   5  5  5  A   A   B . n 
B 1 6  C   6  6  6  C   C   B . n 
B 1 7  U   7  7  7  U   U   B . n 
B 1 8  U   8  8  8  U   U   B . n 
B 1 9  A   9  9  9  A   A   B . n 
B 1 10 A   10 10 10 A   A   B . n 
B 1 11 G   11 11 11 G   G   B . n 
B 1 12 U   12 12 12 U   U   B . n 
B 1 13 C   13 13 13 C   C   B . n 
B 1 14 G   14 14 14 G   G   B . n 
# 
_pdbx_contact_author.id                 2 
_pdbx_contact_author.email              wz15@iu.edu 
_pdbx_contact_author.name_first         Wen 
_pdbx_contact_author.name_last          Zhang 
_pdbx_contact_author.name_mi            ? 
_pdbx_contact_author.role               'principal investigator/group leader' 
_pdbx_contact_author.identifier_ORCID   0000-0003-4811-4384 
# 
loop_
_pdbx_nonpoly_scheme.asym_id 
_pdbx_nonpoly_scheme.entity_id 
_pdbx_nonpoly_scheme.mon_id 
_pdbx_nonpoly_scheme.ndb_seq_num 
_pdbx_nonpoly_scheme.pdb_seq_num 
_pdbx_nonpoly_scheme.auth_seq_num 
_pdbx_nonpoly_scheme.pdb_mon_id 
_pdbx_nonpoly_scheme.auth_mon_id 
_pdbx_nonpoly_scheme.pdb_strand_id 
_pdbx_nonpoly_scheme.pdb_ins_code 
C 2 G3A 1  101 15 G3A GA3 A . 
D 3 MG  1  102 1  MG  MG  A . 
E 2 G3A 1  101 15 G3A GA3 B . 
F 3 MG  1  102 2  MG  MG  B . 
G 4 HOH 1  201 18 HOH HOH A . 
G 4 HOH 2  202 19 HOH HOH A . 
G 4 HOH 3  203 33 HOH HOH A . 
G 4 HOH 4  204 24 HOH HOH A . 
G 4 HOH 5  205 1  HOH HOH A . 
G 4 HOH 6  206 31 HOH HOH A . 
G 4 HOH 7  207 32 HOH HOH A . 
G 4 HOH 8  208 7  HOH HOH A . 
G 4 HOH 9  209 9  HOH HOH A . 
G 4 HOH 10 210 5  HOH HOH A . 
G 4 HOH 11 211 14 HOH HOH A . 
G 4 HOH 12 212 2  HOH HOH A . 
G 4 HOH 13 213 13 HOH HOH A . 
G 4 HOH 14 214 17 HOH HOH A . 
G 4 HOH 15 215 15 HOH HOH A . 
G 4 HOH 16 216 10 HOH HOH A . 
G 4 HOH 17 217 21 HOH HOH A . 
G 4 HOH 18 218 11 HOH HOH A . 
G 4 HOH 19 219 27 HOH HOH A . 
G 4 HOH 20 220 25 HOH HOH A . 
G 4 HOH 21 221 26 HOH HOH A . 
H 4 HOH 1  201 3  HOH HOH B . 
H 4 HOH 2  202 8  HOH HOH B . 
H 4 HOH 3  203 34 HOH HOH B . 
H 4 HOH 4  204 6  HOH HOH B . 
H 4 HOH 5  205 23 HOH HOH B . 
H 4 HOH 6  206 22 HOH HOH B . 
H 4 HOH 7  207 4  HOH HOH B . 
H 4 HOH 8  208 29 HOH HOH B . 
H 4 HOH 9  209 20 HOH HOH B . 
H 4 HOH 10 210 12 HOH HOH B . 
# 
_pdbx_struct_assembly.id                   1 
_pdbx_struct_assembly.details              author_defined_assembly 
_pdbx_struct_assembly.method_details       ? 
_pdbx_struct_assembly.oligomeric_details   dimeric 
_pdbx_struct_assembly.oligomeric_count     2 
# 
_pdbx_struct_assembly_gen.assembly_id       1 
_pdbx_struct_assembly_gen.oper_expression   1 
_pdbx_struct_assembly_gen.asym_id_list      A,B,C,D,E,F,G,H 
# 
loop_
_pdbx_struct_assembly_prop.biol_id 
_pdbx_struct_assembly_prop.type 
_pdbx_struct_assembly_prop.value 
_pdbx_struct_assembly_prop.details 
1 'ABSA (A^2)' 4000 ? 
1 MORE         -6   ? 
1 'SSA (A^2)'  5680 ? 
# 
_pdbx_struct_oper_list.id                   1 
_pdbx_struct_oper_list.type                 'identity operation' 
_pdbx_struct_oper_list.name                 1_555 
_pdbx_struct_oper_list.symmetry_operation   x,y,z 
_pdbx_struct_oper_list.matrix[1][1]         1.0000000000 
_pdbx_struct_oper_list.matrix[1][2]         0.0000000000 
_pdbx_struct_oper_list.matrix[1][3]         0.0000000000 
_pdbx_struct_oper_list.vector[1]            0.0000000000 
_pdbx_struct_oper_list.matrix[2][1]         0.0000000000 
_pdbx_struct_oper_list.matrix[2][2]         1.0000000000 
_pdbx_struct_oper_list.matrix[2][3]         0.0000000000 
_pdbx_struct_oper_list.vector[2]            0.0000000000 
_pdbx_struct_oper_list.matrix[3][1]         0.0000000000 
_pdbx_struct_oper_list.matrix[3][2]         0.0000000000 
_pdbx_struct_oper_list.matrix[3][3]         1.0000000000 
_pdbx_struct_oper_list.vector[3]            0.0000000000 
# 
loop_
_pdbx_struct_special_symmetry.id 
_pdbx_struct_special_symmetry.PDB_model_num 
_pdbx_struct_special_symmetry.auth_asym_id 
_pdbx_struct_special_symmetry.auth_comp_id 
_pdbx_struct_special_symmetry.auth_seq_id 
_pdbx_struct_special_symmetry.PDB_ins_code 
_pdbx_struct_special_symmetry.label_asym_id 
_pdbx_struct_special_symmetry.label_comp_id 
_pdbx_struct_special_symmetry.label_seq_id 
1 1 A MG  102 ? D MG  . 
2 1 B MG  102 ? F MG  . 
3 1 A HOH 210 ? G HOH . 
4 1 A HOH 218 ? G HOH . 
5 1 B HOH 202 ? H HOH . 
6 1 B HOH 203 ? H HOH . 
7 1 B HOH 209 ? H HOH . 
8 1 B HOH 210 ? H HOH . 
# 
loop_
_pdbx_struct_conn_angle.id 
_pdbx_struct_conn_angle.ptnr1_label_atom_id 
_pdbx_struct_conn_angle.ptnr1_label_alt_id 
_pdbx_struct_conn_angle.ptnr1_label_asym_id 
_pdbx_struct_conn_angle.ptnr1_label_comp_id 
_pdbx_struct_conn_angle.ptnr1_label_seq_id 
_pdbx_struct_conn_angle.ptnr1_auth_atom_id 
_pdbx_struct_conn_angle.ptnr1_auth_asym_id 
_pdbx_struct_conn_angle.ptnr1_auth_comp_id 
_pdbx_struct_conn_angle.ptnr1_auth_seq_id 
_pdbx_struct_conn_angle.ptnr1_PDB_ins_code 
_pdbx_struct_conn_angle.ptnr1_symmetry 
_pdbx_struct_conn_angle.ptnr2_label_atom_id 
_pdbx_struct_conn_angle.ptnr2_label_alt_id 
_pdbx_struct_conn_angle.ptnr2_label_asym_id 
_pdbx_struct_conn_angle.ptnr2_label_comp_id 
_pdbx_struct_conn_angle.ptnr2_label_seq_id 
_pdbx_struct_conn_angle.ptnr2_auth_atom_id 
_pdbx_struct_conn_angle.ptnr2_auth_asym_id 
_pdbx_struct_conn_angle.ptnr2_auth_comp_id 
_pdbx_struct_conn_angle.ptnr2_auth_seq_id 
_pdbx_struct_conn_angle.ptnr2_PDB_ins_code 
_pdbx_struct_conn_angle.ptnr2_symmetry 
_pdbx_struct_conn_angle.ptnr3_label_atom_id 
_pdbx_struct_conn_angle.ptnr3_label_alt_id 
_pdbx_struct_conn_angle.ptnr3_label_asym_id 
_pdbx_struct_conn_angle.ptnr3_label_comp_id 
_pdbx_struct_conn_angle.ptnr3_label_seq_id 
_pdbx_struct_conn_angle.ptnr3_auth_atom_id 
_pdbx_struct_conn_angle.ptnr3_auth_asym_id 
_pdbx_struct_conn_angle.ptnr3_auth_comp_id 
_pdbx_struct_conn_angle.ptnr3_auth_seq_id 
_pdbx_struct_conn_angle.ptnr3_PDB_ins_code 
_pdbx_struct_conn_angle.ptnr3_symmetry 
_pdbx_struct_conn_angle.value 
_pdbx_struct_conn_angle.value_esd 
1  O42 ? C G3A . ? A G3A 101 ? 1_555 MG ? F MG . ? B MG 102 ? 1_555 O43 ? C G3A . ? A G3A 101 ? 1_555 68.8  ? 
2  O42 ? C G3A . ? A G3A 101 ? 1_555 MG ? F MG . ? B MG 102 ? 1_555 O42 ? C G3A . ? A G3A 101 ? 1_555 0.0   ? 
3  O43 ? C G3A . ? A G3A 101 ? 1_555 MG ? F MG . ? B MG 102 ? 1_555 O42 ? C G3A . ? A G3A 101 ? 1_555 68.8  ? 
4  O42 ? C G3A . ? A G3A 101 ? 1_555 MG ? F MG . ? B MG 102 ? 1_555 O43 ? C G3A . ? A G3A 101 ? 1_555 68.8  ? 
5  O43 ? C G3A . ? A G3A 101 ? 1_555 MG ? F MG . ? B MG 102 ? 1_555 O43 ? C G3A . ? A G3A 101 ? 1_555 0.0   ? 
6  O42 ? C G3A . ? A G3A 101 ? 1_555 MG ? F MG . ? B MG 102 ? 1_555 O43 ? C G3A . ? A G3A 101 ? 1_555 68.8  ? 
7  O42 ? E G3A . ? B G3A 101 ? 1_555 MG ? D MG . ? A MG 102 ? 1_555 O43 ? E G3A . ? B G3A 101 ? 1_555 64.4  ? 
8  O42 ? E G3A . ? B G3A 101 ? 1_555 MG ? D MG . ? A MG 102 ? 1_555 O42 ? E G3A . ? B G3A 101 ? 2_875 95.2  ? 
9  O43 ? E G3A . ? B G3A 101 ? 1_555 MG ? D MG . ? A MG 102 ? 1_555 O42 ? E G3A . ? B G3A 101 ? 2_875 103.6 ? 
10 O42 ? E G3A . ? B G3A 101 ? 1_555 MG ? D MG . ? A MG 102 ? 1_555 O43 ? E G3A . ? B G3A 101 ? 2_875 153.1 ? 
11 O43 ? E G3A . ? B G3A 101 ? 1_555 MG ? D MG . ? A MG 102 ? 1_555 O43 ? E G3A . ? B G3A 101 ? 2_875 101.8 ? 
12 O42 ? E G3A . ? B G3A 101 ? 2_875 MG ? D MG . ? A MG 102 ? 1_555 O43 ? E G3A . ? B G3A 101 ? 2_875 64.4  ? 
# 
loop_
_pdbx_audit_revision_history.ordinal 
_pdbx_audit_revision_history.data_content_type 
_pdbx_audit_revision_history.major_revision 
_pdbx_audit_revision_history.minor_revision 
_pdbx_audit_revision_history.revision_date 
1 'Structure model' 1 0 2023-05-31 
2 'Structure model' 1 1 2023-10-25 
3 'Structure model' 1 2 2023-12-13 
# 
_pdbx_audit_revision_details.ordinal             1 
_pdbx_audit_revision_details.revision_ordinal    1 
_pdbx_audit_revision_details.data_content_type   'Structure model' 
_pdbx_audit_revision_details.provider            repository 
_pdbx_audit_revision_details.type                'Initial release' 
_pdbx_audit_revision_details.description         ? 
_pdbx_audit_revision_details.details             ? 
# 
loop_
_pdbx_audit_revision_group.ordinal 
_pdbx_audit_revision_group.revision_ordinal 
_pdbx_audit_revision_group.data_content_type 
_pdbx_audit_revision_group.group 
1 2 'Structure model' 'Data collection'        
2 2 'Structure model' 'Refinement description' 
3 3 'Structure model' 'Database references'    
# 
loop_
_pdbx_audit_revision_category.ordinal 
_pdbx_audit_revision_category.revision_ordinal 
_pdbx_audit_revision_category.data_content_type 
_pdbx_audit_revision_category.category 
1 2 'Structure model' chem_comp_atom                
2 2 'Structure model' chem_comp_bond                
3 2 'Structure model' pdbx_initial_refinement_model 
4 3 'Structure model' citation                      
5 3 'Structure model' citation_author               
# 
loop_
_pdbx_audit_revision_item.ordinal 
_pdbx_audit_revision_item.revision_ordinal 
_pdbx_audit_revision_item.data_content_type 
_pdbx_audit_revision_item.item 
1  2 'Structure model' '_pdbx_initial_refinement_model.details' 
2  3 'Structure model' '_citation.country'                      
3  3 'Structure model' '_citation.journal_abbrev'               
4  3 'Structure model' '_citation.journal_id_CSD'               
5  3 'Structure model' '_citation.journal_id_ISSN'              
6  3 'Structure model' '_citation.journal_volume'               
7  3 'Structure model' '_citation.page_first'                   
8  3 'Structure model' '_citation.page_last'                    
9  3 'Structure model' '_citation.pdbx_database_id_DOI'         
10 3 'Structure model' '_citation.pdbx_database_id_PubMed'      
11 3 'Structure model' '_citation.title'                        
12 3 'Structure model' '_citation.year'                         
# 
loop_
_software.citation_id 
_software.classification 
_software.compiler_name 
_software.compiler_version 
_software.contact_author 
_software.contact_author_email 
_software.date 
_software.description 
_software.dependencies 
_software.hardware 
_software.language 
_software.location 
_software.mods 
_software.name 
_software.os 
_software.os_version 
_software.type 
_software.version 
_software.pdbx_ordinal 
? refinement       ? ? ? ? ? ? ? ? ? ? ? REFMAC   ? ? ? 5.8.0267 1 
? 'data reduction' ? ? ? ? ? ? ? ? ? ? ? HKL-2000 ? ? ? .        2 
? 'data scaling'   ? ? ? ? ? ? ? ? ? ? ? HKL-2000 ? ? ? .        3 
? phasing          ? ? ? ? ? ? ? ? ? ? ? PHASER   ? ? ? .        4 
# 
_pdbx_entry_details.entry_id                 8SWO 
_pdbx_entry_details.has_ligand_of_interest   Y 
_pdbx_entry_details.compound_details         ? 
_pdbx_entry_details.source_details           ? 
_pdbx_entry_details.nonpolymer_details       ? 
_pdbx_entry_details.sequence_details         ? 
# 
loop_
_chem_comp_atom.comp_id 
_chem_comp_atom.atom_id 
_chem_comp_atom.type_symbol 
_chem_comp_atom.pdbx_aromatic_flag 
_chem_comp_atom.pdbx_stereo_config 
_chem_comp_atom.pdbx_ordinal 
A   OP3    O  N N 1   
A   P      P  N N 2   
A   OP1    O  N N 3   
A   OP2    O  N N 4   
A   "O5'"  O  N N 5   
A   "C5'"  C  N N 6   
A   "C4'"  C  N R 7   
A   "O4'"  O  N N 8   
A   "C3'"  C  N S 9   
A   "O3'"  O  N N 10  
A   "C2'"  C  N R 11  
A   "O2'"  O  N N 12  
A   "C1'"  C  N R 13  
A   N9     N  Y N 14  
A   C8     C  Y N 15  
A   N7     N  Y N 16  
A   C5     C  Y N 17  
A   C6     C  Y N 18  
A   N6     N  N N 19  
A   N1     N  Y N 20  
A   C2     C  Y N 21  
A   N3     N  Y N 22  
A   C4     C  Y N 23  
A   HOP3   H  N N 24  
A   HOP2   H  N N 25  
A   "H5'"  H  N N 26  
A   "H5''" H  N N 27  
A   "H4'"  H  N N 28  
A   "H3'"  H  N N 29  
A   "HO3'" H  N N 30  
A   "H2'"  H  N N 31  
A   "HO2'" H  N N 32  
A   "H1'"  H  N N 33  
A   H8     H  N N 34  
A   H61    H  N N 35  
A   H62    H  N N 36  
A   H2     H  N N 37  
C   OP3    O  N N 38  
C   P      P  N N 39  
C   OP1    O  N N 40  
C   OP2    O  N N 41  
C   "O5'"  O  N N 42  
C   "C5'"  C  N N 43  
C   "C4'"  C  N R 44  
C   "O4'"  O  N N 45  
C   "C3'"  C  N S 46  
C   "O3'"  O  N N 47  
C   "C2'"  C  N R 48  
C   "O2'"  O  N N 49  
C   "C1'"  C  N R 50  
C   N1     N  N N 51  
C   C2     C  N N 52  
C   O2     O  N N 53  
C   N3     N  N N 54  
C   C4     C  N N 55  
C   N4     N  N N 56  
C   C5     C  N N 57  
C   C6     C  N N 58  
C   HOP3   H  N N 59  
C   HOP2   H  N N 60  
C   "H5'"  H  N N 61  
C   "H5''" H  N N 62  
C   "H4'"  H  N N 63  
C   "H3'"  H  N N 64  
C   "HO3'" H  N N 65  
C   "H2'"  H  N N 66  
C   "HO2'" H  N N 67  
C   "H1'"  H  N N 68  
C   H41    H  N N 69  
C   H42    H  N N 70  
C   H5     H  N N 71  
C   H6     H  N N 72  
G   OP3    O  N N 73  
G   P      P  N N 74  
G   OP1    O  N N 75  
G   OP2    O  N N 76  
G   "O5'"  O  N N 77  
G   "C5'"  C  N N 78  
G   "C4'"  C  N R 79  
G   "O4'"  O  N N 80  
G   "C3'"  C  N S 81  
G   "O3'"  O  N N 82  
G   "C2'"  C  N R 83  
G   "O2'"  O  N N 84  
G   "C1'"  C  N R 85  
G   N9     N  Y N 86  
G   C8     C  Y N 87  
G   N7     N  Y N 88  
G   C5     C  Y N 89  
G   C6     C  N N 90  
G   O6     O  N N 91  
G   N1     N  N N 92  
G   C2     C  N N 93  
G   N2     N  N N 94  
G   N3     N  N N 95  
G   C4     C  Y N 96  
G   HOP3   H  N N 97  
G   HOP2   H  N N 98  
G   "H5'"  H  N N 99  
G   "H5''" H  N N 100 
G   "H4'"  H  N N 101 
G   "H3'"  H  N N 102 
G   "HO3'" H  N N 103 
G   "H2'"  H  N N 104 
G   "HO2'" H  N N 105 
G   "H1'"  H  N N 106 
G   H8     H  N N 107 
G   H1     H  N N 108 
G   H21    H  N N 109 
G   H22    H  N N 110 
G3A O36    O  N N 111 
G3A C36    C  N N 112 
G3A N31    N  N N 113 
G3A C32    C  N N 114 
G3A N32    N  N N 115 
G3A N33    N  N N 116 
G3A C35    C  Y N 117 
G3A C34    C  Y N 118 
G3A N37    N  Y N 119 
G3A C38    C  Y N 120 
G3A N39    N  Y N 121 
G3A C41    C  N R 122 
G3A O44    O  N N 123 
G3A C42    C  N R 124 
G3A O42    O  N N 125 
G3A C43    C  N S 126 
G3A O43    O  N N 127 
G3A C44    C  N R 128 
G3A C45    C  N N 129 
G3A O45    O  N N 130 
G3A PA     P  N R 131 
G3A O1A    O  N N 132 
G3A O2A    O  N N 133 
G3A O1     O  N N 134 
G3A PB     P  N N 135 
G3A O2B    O  N N 136 
G3A O3B    O  N N 137 
G3A O3A    O  N N 138 
G3A PG     P  N R 139 
G3A O1G    O  N N 140 
G3A O2G    O  N N 141 
G3A O25    O  N N 142 
G3A C25    C  N N 143 
G3A C24    C  N R 144 
G3A C23    C  N S 145 
G3A O23    O  N N 146 
G3A C22    C  N R 147 
G3A O22    O  N N 148 
G3A O24    O  N N 149 
G3A C21    C  N R 150 
G3A N19    N  Y N 151 
G3A C14    C  Y N 152 
G3A N13    N  Y N 153 
G3A C12    C  Y N 154 
G3A N11    N  Y N 155 
G3A C18    C  Y N 156 
G3A N17    N  Y N 157 
G3A C15    C  Y N 158 
G3A C16    C  Y N 159 
G3A N16    N  N N 160 
G3A HN31   H  N N 161 
G3A H321   H  N N 162 
G3A H322   H  N N 163 
G3A H38    H  N N 164 
G3A H41    H  N N 165 
G3A H42    H  N N 166 
G3A HO42   H  N N 167 
G3A H43    H  N N 168 
G3A HO43   H  N N 169 
G3A H44    H  N N 170 
G3A H451   H  N N 171 
G3A H452   H  N N 172 
G3A HO1A   H  N N 173 
G3A HO2B   H  N N 174 
G3A HO2G   H  N N 175 
G3A H251   H  N N 176 
G3A H252   H  N N 177 
G3A H24    H  N N 178 
G3A H23    H  N N 179 
G3A HO23   H  N N 180 
G3A H22    H  N N 181 
G3A HO22   H  N N 182 
G3A H21    H  N N 183 
G3A H12    H  N N 184 
G3A H18    H  N N 185 
G3A H161   H  N N 186 
G3A H162   H  N N 187 
HOH O      O  N N 188 
HOH H1     H  N N 189 
HOH H2     H  N N 190 
LCC "O5'"  O  N N 191 
LCC "C5'"  C  N N 192 
LCC "C4'"  C  N R 193 
LCC "O4'"  O  N N 194 
LCC "C1'"  C  N R 195 
LCC N1     N  N N 196 
LCC C6     C  N N 197 
LCC C5     C  N N 198 
LCC C5M    C  N N 199 
LCC C4     C  N N 200 
LCC N4     N  N N 201 
LCC N3     N  N N 202 
LCC C2     C  N N 203 
LCC O2     O  N N 204 
LCC "C3'"  C  N S 205 
LCC "C2'"  C  N R 206 
LCC "O2'"  O  N N 207 
LCC "O3'"  O  N N 208 
LCC "C6'"  C  N N 209 
LCC P      P  N N 210 
LCC O1P    O  N N 211 
LCC O2P    O  N N 212 
LCC OXT    O  N N 213 
LCC "H5'1" H  N N 214 
LCC "H5'2" H  N N 215 
LCC "H1'"  H  N N 216 
LCC H6     H  N N 217 
LCC H5M1   H  N N 218 
LCC H5M2   H  N N 219 
LCC H5M3   H  N N 220 
LCC H41    H  N N 221 
LCC H42    H  N N 222 
LCC "H3'"  H  N N 223 
LCC "H2'1" H  N N 224 
LCC H3T    H  N N 225 
LCC "H6'1" H  N N 226 
LCC "H6'2" H  N N 227 
LCC H1P    H  N N 228 
LCC HXT    H  N N 229 
LCG P      P  N N 230 
LCG OP1    O  N N 231 
LCG "O5'"  O  N N 232 
LCG "C5'"  C  N N 233 
LCG "C3'"  C  N S 234 
LCG "C6'"  C  N N 235 
LCG N9     N  Y N 236 
LCG C8     C  Y N 237 
LCG C4     C  Y N 238 
LCG N7     N  Y N 239 
LCG C5     C  Y N 240 
LCG C6     C  N N 241 
LCG "C2'"  C  N R 242 
LCG O6     O  N N 243 
LCG "C4'"  C  N R 244 
LCG "C1'"  C  N R 245 
LCG C2     C  N N 246 
LCG N1     N  N N 247 
LCG "O4'"  O  N N 248 
LCG OP2    O  N N 249 
LCG N2     N  N N 250 
LCG N3     N  N N 251 
LCG "O2'"  O  N N 252 
LCG "O3'"  O  N N 253 
LCG OP3    O  N N 254 
LCG "H5'"  H  N N 255 
LCG "H5''" H  N N 256 
LCG "H3'"  H  N N 257 
LCG "H6'1" H  N N 258 
LCG "H6'2" H  N N 259 
LCG H8     H  N N 260 
LCG "H2'"  H  N N 261 
LCG "H1'"  H  N N 262 
LCG H1     H  N N 263 
LCG HOP2   H  N N 264 
LCG H21    H  N N 265 
LCG H22    H  N N 266 
LCG "HO3'" H  N N 267 
LCG HOP3   H  N N 268 
MG  MG     MG N N 269 
TLN P      P  N N 270 
TLN OP1    O  N N 271 
TLN OP2    O  N N 272 
TLN OP3    O  N N 273 
TLN "O5'"  O  N N 274 
TLN "C5'"  C  N N 275 
TLN "C4'"  C  N R 276 
TLN "O4'"  O  N N 277 
TLN "C1'"  C  N R 278 
TLN N1     N  N N 279 
TLN C6     C  N N 280 
TLN C5     C  N N 281 
TLN C5M    C  N N 282 
TLN C4     C  N N 283 
TLN O4     O  N N 284 
TLN N3     N  N N 285 
TLN C2     C  N N 286 
TLN O2     O  N N 287 
TLN "C3'"  C  N S 288 
TLN "C2'"  C  N R 289 
TLN "O2'"  O  N N 290 
TLN "O3'"  O  N N 291 
TLN "C6'"  C  N N 292 
TLN HOP2   H  N N 293 
TLN HOP3   H  N N 294 
TLN "H5'"  H  N N 295 
TLN "H5''" H  N N 296 
TLN "H1'"  H  N N 297 
TLN H6     H  N N 298 
TLN H71    H  N N 299 
TLN H72    H  N N 300 
TLN H73    H  N N 301 
TLN H3     H  N N 302 
TLN "H3'"  H  N N 303 
TLN "H2'"  H  N N 304 
TLN "HO3'" H  N N 305 
TLN "H6'1" H  N N 306 
TLN "H6'2" H  N N 307 
U   OP3    O  N N 308 
U   P      P  N N 309 
U   OP1    O  N N 310 
U   OP2    O  N N 311 
U   "O5'"  O  N N 312 
U   "C5'"  C  N N 313 
U   "C4'"  C  N R 314 
U   "O4'"  O  N N 315 
U   "C3'"  C  N S 316 
U   "O3'"  O  N N 317 
U   "C2'"  C  N R 318 
U   "O2'"  O  N N 319 
U   "C1'"  C  N R 320 
U   N1     N  N N 321 
U   C2     C  N N 322 
U   O2     O  N N 323 
U   N3     N  N N 324 
U   C4     C  N N 325 
U   O4     O  N N 326 
U   C5     C  N N 327 
U   C6     C  N N 328 
U   HOP3   H  N N 329 
U   HOP2   H  N N 330 
U   "H5'"  H  N N 331 
U   "H5''" H  N N 332 
U   "H4'"  H  N N 333 
U   "H3'"  H  N N 334 
U   "HO3'" H  N N 335 
U   "H2'"  H  N N 336 
U   "HO2'" H  N N 337 
U   "H1'"  H  N N 338 
U   H3     H  N N 339 
U   H5     H  N N 340 
U   H6     H  N N 341 
# 
loop_
_chem_comp_bond.comp_id 
_chem_comp_bond.atom_id_1 
_chem_comp_bond.atom_id_2 
_chem_comp_bond.value_order 
_chem_comp_bond.pdbx_aromatic_flag 
_chem_comp_bond.pdbx_stereo_config 
_chem_comp_bond.pdbx_ordinal 
A   OP3   P      sing N N 1   
A   OP3   HOP3   sing N N 2   
A   P     OP1    doub N N 3   
A   P     OP2    sing N N 4   
A   P     "O5'"  sing N N 5   
A   OP2   HOP2   sing N N 6   
A   "O5'" "C5'"  sing N N 7   
A   "C5'" "C4'"  sing N N 8   
A   "C5'" "H5'"  sing N N 9   
A   "C5'" "H5''" sing N N 10  
A   "C4'" "O4'"  sing N N 11  
A   "C4'" "C3'"  sing N N 12  
A   "C4'" "H4'"  sing N N 13  
A   "O4'" "C1'"  sing N N 14  
A   "C3'" "O3'"  sing N N 15  
A   "C3'" "C2'"  sing N N 16  
A   "C3'" "H3'"  sing N N 17  
A   "O3'" "HO3'" sing N N 18  
A   "C2'" "O2'"  sing N N 19  
A   "C2'" "C1'"  sing N N 20  
A   "C2'" "H2'"  sing N N 21  
A   "O2'" "HO2'" sing N N 22  
A   "C1'" N9     sing N N 23  
A   "C1'" "H1'"  sing N N 24  
A   N9    C8     sing Y N 25  
A   N9    C4     sing Y N 26  
A   C8    N7     doub Y N 27  
A   C8    H8     sing N N 28  
A   N7    C5     sing Y N 29  
A   C5    C6     sing Y N 30  
A   C5    C4     doub Y N 31  
A   C6    N6     sing N N 32  
A   C6    N1     doub Y N 33  
A   N6    H61    sing N N 34  
A   N6    H62    sing N N 35  
A   N1    C2     sing Y N 36  
A   C2    N3     doub Y N 37  
A   C2    H2     sing N N 38  
A   N3    C4     sing Y N 39  
C   OP3   P      sing N N 40  
C   OP3   HOP3   sing N N 41  
C   P     OP1    doub N N 42  
C   P     OP2    sing N N 43  
C   P     "O5'"  sing N N 44  
C   OP2   HOP2   sing N N 45  
C   "O5'" "C5'"  sing N N 46  
C   "C5'" "C4'"  sing N N 47  
C   "C5'" "H5'"  sing N N 48  
C   "C5'" "H5''" sing N N 49  
C   "C4'" "O4'"  sing N N 50  
C   "C4'" "C3'"  sing N N 51  
C   "C4'" "H4'"  sing N N 52  
C   "O4'" "C1'"  sing N N 53  
C   "C3'" "O3'"  sing N N 54  
C   "C3'" "C2'"  sing N N 55  
C   "C3'" "H3'"  sing N N 56  
C   "O3'" "HO3'" sing N N 57  
C   "C2'" "O2'"  sing N N 58  
C   "C2'" "C1'"  sing N N 59  
C   "C2'" "H2'"  sing N N 60  
C   "O2'" "HO2'" sing N N 61  
C   "C1'" N1     sing N N 62  
C   "C1'" "H1'"  sing N N 63  
C   N1    C2     sing N N 64  
C   N1    C6     sing N N 65  
C   C2    O2     doub N N 66  
C   C2    N3     sing N N 67  
C   N3    C4     doub N N 68  
C   C4    N4     sing N N 69  
C   C4    C5     sing N N 70  
C   N4    H41    sing N N 71  
C   N4    H42    sing N N 72  
C   C5    C6     doub N N 73  
C   C5    H5     sing N N 74  
C   C6    H6     sing N N 75  
G   OP3   P      sing N N 76  
G   OP3   HOP3   sing N N 77  
G   P     OP1    doub N N 78  
G   P     OP2    sing N N 79  
G   P     "O5'"  sing N N 80  
G   OP2   HOP2   sing N N 81  
G   "O5'" "C5'"  sing N N 82  
G   "C5'" "C4'"  sing N N 83  
G   "C5'" "H5'"  sing N N 84  
G   "C5'" "H5''" sing N N 85  
G   "C4'" "O4'"  sing N N 86  
G   "C4'" "C3'"  sing N N 87  
G   "C4'" "H4'"  sing N N 88  
G   "O4'" "C1'"  sing N N 89  
G   "C3'" "O3'"  sing N N 90  
G   "C3'" "C2'"  sing N N 91  
G   "C3'" "H3'"  sing N N 92  
G   "O3'" "HO3'" sing N N 93  
G   "C2'" "O2'"  sing N N 94  
G   "C2'" "C1'"  sing N N 95  
G   "C2'" "H2'"  sing N N 96  
G   "O2'" "HO2'" sing N N 97  
G   "C1'" N9     sing N N 98  
G   "C1'" "H1'"  sing N N 99  
G   N9    C8     sing Y N 100 
G   N9    C4     sing Y N 101 
G   C8    N7     doub Y N 102 
G   C8    H8     sing N N 103 
G   N7    C5     sing Y N 104 
G   C5    C6     sing N N 105 
G   C5    C4     doub Y N 106 
G   C6    O6     doub N N 107 
G   C6    N1     sing N N 108 
G   N1    C2     sing N N 109 
G   N1    H1     sing N N 110 
G   C2    N2     sing N N 111 
G   C2    N3     doub N N 112 
G   N2    H21    sing N N 113 
G   N2    H22    sing N N 114 
G   N3    C4     sing N N 115 
G3A O36   C36    doub N N 116 
G3A C36   N31    sing N N 117 
G3A C36   C35    sing N N 118 
G3A N31   C32    sing N N 119 
G3A N31   HN31   sing N N 120 
G3A C32   N32    sing N N 121 
G3A C32   N33    doub N N 122 
G3A N32   H321   sing N N 123 
G3A N32   H322   sing N N 124 
G3A N33   C34    sing N N 125 
G3A C35   C34    doub Y N 126 
G3A C35   N37    sing Y N 127 
G3A C34   N39    sing Y N 128 
G3A N37   C38    doub Y N 129 
G3A C38   N39    sing Y N 130 
G3A C38   H38    sing N N 131 
G3A N39   C41    sing N N 132 
G3A C41   C42    sing N N 133 
G3A C41   O44    sing N N 134 
G3A C41   H41    sing N N 135 
G3A O44   C44    sing N N 136 
G3A C42   O42    sing N N 137 
G3A C42   C43    sing N N 138 
G3A C42   H42    sing N N 139 
G3A O42   HO42   sing N N 140 
G3A C43   O43    sing N N 141 
G3A C43   C44    sing N N 142 
G3A C43   H43    sing N N 143 
G3A O43   HO43   sing N N 144 
G3A C44   C45    sing N N 145 
G3A C44   H44    sing N N 146 
G3A C45   O45    sing N N 147 
G3A C45   H451   sing N N 148 
G3A C45   H452   sing N N 149 
G3A O45   PA     sing N N 150 
G3A PA    O2A    doub N N 151 
G3A PA    O1     sing N N 152 
G3A PA    O1A    sing N N 153 
G3A O1A   HO1A   sing N N 154 
G3A O1    PB     sing N N 155 
G3A PB    O3A    sing N N 156 
G3A PB    O3B    doub N N 157 
G3A PB    O2B    sing N N 158 
G3A O2B   HO2B   sing N N 159 
G3A O3A   PG     sing N N 160 
G3A PG    O1G    doub N N 161 
G3A PG    O25    sing N N 162 
G3A PG    O2G    sing N N 163 
G3A O2G   HO2G   sing N N 164 
G3A O25   C25    sing N N 165 
G3A C25   C24    sing N N 166 
G3A C25   H251   sing N N 167 
G3A C25   H252   sing N N 168 
G3A C24   O24    sing N N 169 
G3A C24   C23    sing N N 170 
G3A C24   H24    sing N N 171 
G3A C23   C22    sing N N 172 
G3A C23   O23    sing N N 173 
G3A C23   H23    sing N N 174 
G3A O23   HO23   sing N N 175 
G3A C22   C21    sing N N 176 
G3A C22   O22    sing N N 177 
G3A C22   H22    sing N N 178 
G3A O22   HO22   sing N N 179 
G3A O24   C21    sing N N 180 
G3A C21   N19    sing N N 181 
G3A C21   H21    sing N N 182 
G3A N19   C14    sing Y N 183 
G3A N19   C18    sing Y N 184 
G3A C14   C15    doub Y N 185 
G3A C14   N13    sing Y N 186 
G3A N13   C12    doub Y N 187 
G3A C12   N11    sing Y N 188 
G3A C12   H12    sing N N 189 
G3A N11   C16    doub Y N 190 
G3A C18   N17    doub Y N 191 
G3A C18   H18    sing N N 192 
G3A N17   C15    sing Y N 193 
G3A C15   C16    sing Y N 194 
G3A C16   N16    sing N N 195 
G3A N16   H161   sing N N 196 
G3A N16   H162   sing N N 197 
HOH O     H1     sing N N 198 
HOH O     H2     sing N N 199 
LCC "O5'" "C5'"  sing N N 200 
LCC "O5'" P      sing N N 201 
LCC "C5'" "C4'"  sing N N 202 
LCC "C5'" "H5'1" sing N N 203 
LCC "C5'" "H5'2" sing N N 204 
LCC "C4'" "O4'"  sing N N 205 
LCC "C4'" "C3'"  sing N N 206 
LCC "C4'" "C6'"  sing N N 207 
LCC "O4'" "C1'"  sing N N 208 
LCC "C1'" N1     sing N N 209 
LCC "C1'" "C2'"  sing N N 210 
LCC "C1'" "H1'"  sing N N 211 
LCC N1    C6     sing N N 212 
LCC N1    C2     sing N N 213 
LCC C6    C5     doub N N 214 
LCC C6    H6     sing N N 215 
LCC C5    C5M    sing N N 216 
LCC C5    C4     sing N N 217 
LCC C5M   H5M1   sing N N 218 
LCC C5M   H5M2   sing N N 219 
LCC C5M   H5M3   sing N N 220 
LCC C4    N4     sing N N 221 
LCC C4    N3     doub N N 222 
LCC N4    H41    sing N N 223 
LCC N4    H42    sing N N 224 
LCC N3    C2     sing N N 225 
LCC C2    O2     doub N N 226 
LCC "C3'" "C2'"  sing N N 227 
LCC "C3'" "O3'"  sing N N 228 
LCC "C3'" "H3'"  sing N N 229 
LCC "C2'" "O2'"  sing N N 230 
LCC "C2'" "H2'1" sing N N 231 
LCC "O2'" "C6'"  sing N N 232 
LCC "O3'" H3T    sing N N 233 
LCC "C6'" "H6'1" sing N N 234 
LCC "C6'" "H6'2" sing N N 235 
LCC P     O1P    sing N N 236 
LCC P     O2P    doub N N 237 
LCC P     OXT    sing N N 238 
LCC O1P   H1P    sing N N 239 
LCC OXT   HXT    sing N N 240 
LCG P     OP1    doub N N 241 
LCG P     "O5'"  sing N N 242 
LCG P     OP2    sing N N 243 
LCG P     OP3    sing N N 244 
LCG "O5'" "C5'"  sing N N 245 
LCG "C5'" "C4'"  sing N N 246 
LCG "C5'" "H5'"  sing N N 247 
LCG "C5'" "H5''" sing N N 248 
LCG "C3'" "C2'"  sing N N 249 
LCG "C3'" "C4'"  sing N N 250 
LCG "C3'" "O3'"  sing N N 251 
LCG "C3'" "H3'"  sing N N 252 
LCG "C6'" "C4'"  sing N N 253 
LCG "C6'" "O2'"  sing N N 254 
LCG "C6'" "H6'1" sing N N 255 
LCG "C6'" "H6'2" sing N N 256 
LCG N9    C8     sing Y N 257 
LCG N9    C4     sing Y N 258 
LCG N9    "C1'"  sing N N 259 
LCG C8    N7     doub Y N 260 
LCG C8    H8     sing N N 261 
LCG C4    C5     doub Y N 262 
LCG C4    N3     sing N N 263 
LCG N7    C5     sing Y N 264 
LCG C5    C6     sing N N 265 
LCG C6    O6     doub N N 266 
LCG C6    N1     sing N N 267 
LCG "C2'" "C1'"  sing N N 268 
LCG "C2'" "O2'"  sing N N 269 
LCG "C2'" "H2'"  sing N N 270 
LCG "C4'" "O4'"  sing N N 271 
LCG "C1'" "O4'"  sing N N 272 
LCG "C1'" "H1'"  sing N N 273 
LCG C2    N1     sing N N 274 
LCG C2    N2     sing N N 275 
LCG C2    N3     doub N N 276 
LCG N1    H1     sing N N 277 
LCG OP2   HOP2   sing N N 278 
LCG N2    H21    sing N N 279 
LCG N2    H22    sing N N 280 
LCG "O3'" "HO3'" sing N N 281 
LCG OP3   HOP3   sing N N 282 
TLN P     OP1    doub N N 283 
TLN P     OP2    sing N N 284 
TLN P     OP3    sing N N 285 
TLN P     "O5'"  sing N N 286 
TLN OP2   HOP2   sing N N 287 
TLN OP3   HOP3   sing N N 288 
TLN "O5'" "C5'"  sing N N 289 
TLN "C5'" "C4'"  sing N N 290 
TLN "C5'" "H5'"  sing N N 291 
TLN "C5'" "H5''" sing N N 292 
TLN "C4'" "O4'"  sing N N 293 
TLN "C4'" "C3'"  sing N N 294 
TLN "C4'" "C6'"  sing N N 295 
TLN "O4'" "C1'"  sing N N 296 
TLN "C1'" N1     sing N N 297 
TLN "C1'" "C2'"  sing N N 298 
TLN "C1'" "H1'"  sing N N 299 
TLN N1    C6     sing N N 300 
TLN N1    C2     sing N N 301 
TLN C6    C5     doub N N 302 
TLN C6    H6     sing N N 303 
TLN C5    C5M    sing N N 304 
TLN C5    C4     sing N N 305 
TLN C5M   H71    sing N N 306 
TLN C5M   H72    sing N N 307 
TLN C5M   H73    sing N N 308 
TLN C4    O4     doub N N 309 
TLN C4    N3     sing N N 310 
TLN N3    C2     sing N N 311 
TLN N3    H3     sing N N 312 
TLN C2    O2     doub N N 313 
TLN "C3'" "C2'"  sing N N 314 
TLN "C3'" "O3'"  sing N N 315 
TLN "C3'" "H3'"  sing N N 316 
TLN "C2'" "O2'"  sing N N 317 
TLN "C2'" "H2'"  sing N N 318 
TLN "O2'" "C6'"  sing N N 319 
TLN "O3'" "HO3'" sing N N 320 
TLN "C6'" "H6'1" sing N N 321 
TLN "C6'" "H6'2" sing N N 322 
U   OP3   P      sing N N 323 
U   OP3   HOP3   sing N N 324 
U   P     OP1    doub N N 325 
U   P     OP2    sing N N 326 
U   P     "O5'"  sing N N 327 
U   OP2   HOP2   sing N N 328 
U   "O5'" "C5'"  sing N N 329 
U   "C5'" "C4'"  sing N N 330 
U   "C5'" "H5'"  sing N N 331 
U   "C5'" "H5''" sing N N 332 
U   "C4'" "O4'"  sing N N 333 
U   "C4'" "C3'"  sing N N 334 
U   "C4'" "H4'"  sing N N 335 
U   "O4'" "C1'"  sing N N 336 
U   "C3'" "O3'"  sing N N 337 
U   "C3'" "C2'"  sing N N 338 
U   "C3'" "H3'"  sing N N 339 
U   "O3'" "HO3'" sing N N 340 
U   "C2'" "O2'"  sing N N 341 
U   "C2'" "C1'"  sing N N 342 
U   "C2'" "H2'"  sing N N 343 
U   "O2'" "HO2'" sing N N 344 
U   "C1'" N1     sing N N 345 
U   "C1'" "H1'"  sing N N 346 
U   N1    C2     sing N N 347 
U   N1    C6     sing N N 348 
U   C2    O2     doub N N 349 
U   C2    N3     sing N N 350 
U   N3    C4     sing N N 351 
U   N3    H3     sing N N 352 
U   C4    O4     doub N N 353 
U   C4    C5     sing N N 354 
U   C5    C6     doub N N 355 
U   C5    H5     sing N N 356 
U   C6    H6     sing N N 357 
# 
_ndb_struct_conf_na.entry_id   8SWO 
_ndb_struct_conf_na.feature    'a-form double helix' 
# 
loop_
_ndb_struct_na_base_pair.model_number 
_ndb_struct_na_base_pair.i_label_asym_id 
_ndb_struct_na_base_pair.i_label_comp_id 
_ndb_struct_na_base_pair.i_label_seq_id 
_ndb_struct_na_base_pair.i_symmetry 
_ndb_struct_na_base_pair.j_label_asym_id 
_ndb_struct_na_base_pair.j_label_comp_id 
_ndb_struct_na_base_pair.j_label_seq_id 
_ndb_struct_na_base_pair.j_symmetry 
_ndb_struct_na_base_pair.shear 
_ndb_struct_na_base_pair.stretch 
_ndb_struct_na_base_pair.stagger 
_ndb_struct_na_base_pair.buckle 
_ndb_struct_na_base_pair.propeller 
_ndb_struct_na_base_pair.opening 
_ndb_struct_na_base_pair.pair_number 
_ndb_struct_na_base_pair.pair_name 
_ndb_struct_na_base_pair.i_auth_asym_id 
_ndb_struct_na_base_pair.i_auth_seq_id 
_ndb_struct_na_base_pair.i_PDB_ins_code 
_ndb_struct_na_base_pair.j_auth_asym_id 
_ndb_struct_na_base_pair.j_auth_seq_id 
_ndb_struct_na_base_pair.j_PDB_ins_code 
_ndb_struct_na_base_pair.hbond_type_28 
_ndb_struct_na_base_pair.hbond_type_12 
1 A LCG 4  1_555 B C   13 1_555 -0.230 -0.192 0.212  -0.361  -13.855 -1.247 1  A_LCG4:C13_B A 4  ? B 13 ? 19 1 
1 A A   5  1_555 B U   12 1_555 -0.047 -0.063 0.128  5.224   -12.638 -2.421 2  A_A5:U12_B   A 5  ? B 12 ? 20 1 
1 A C   6  1_555 B G   11 1_555 0.218  -0.111 -0.081 9.861   -19.206 -1.820 3  A_C6:G11_B   A 6  ? B 11 ? 19 1 
1 A U   7  1_555 B A   10 1_555 -0.074 0.013  0.089  2.756   -16.064 0.248  4  A_U7:A10_B   A 7  ? B 10 ? 20 1 
1 A U   8  1_555 B A   9  1_555 0.031  -0.051 0.086  2.585   -10.431 1.990  5  A_U8:A9_B    A 8  ? B 9  ? 20 1 
1 A A   9  1_555 B U   8  1_555 0.093  -0.068 0.096  -3.126  -17.158 5.595  6  A_A9:U8_B    A 9  ? B 8  ? 20 1 
1 A A   10 1_555 B U   7  1_555 -0.034 -0.123 0.074  -2.900  -12.177 0.057  7  A_A10:U7_B   A 10 ? B 7  ? 20 1 
1 A G   11 1_555 B C   6  1_555 -0.167 -0.093 -0.109 -10.730 -20.535 1.004  8  A_G11:C6_B   A 11 ? B 6  ? 19 1 
1 A U   12 1_555 B A   5  1_555 0.134  -0.071 0.087  -2.087  -13.088 -3.151 9  A_U12:A5_B   A 12 ? B 5  ? 20 1 
1 A C   13 1_555 B LCG 4  1_555 0.268  -0.181 0.117  0.111   -12.591 0.799  10 A_C13:LCG4_B A 13 ? B 4  ? 19 1 
# 
loop_
_ndb_struct_na_base_pair_step.model_number 
_ndb_struct_na_base_pair_step.i_label_asym_id_1 
_ndb_struct_na_base_pair_step.i_label_comp_id_1 
_ndb_struct_na_base_pair_step.i_label_seq_id_1 
_ndb_struct_na_base_pair_step.i_symmetry_1 
_ndb_struct_na_base_pair_step.j_label_asym_id_1 
_ndb_struct_na_base_pair_step.j_label_comp_id_1 
_ndb_struct_na_base_pair_step.j_label_seq_id_1 
_ndb_struct_na_base_pair_step.j_symmetry_1 
_ndb_struct_na_base_pair_step.i_label_asym_id_2 
_ndb_struct_na_base_pair_step.i_label_comp_id_2 
_ndb_struct_na_base_pair_step.i_label_seq_id_2 
_ndb_struct_na_base_pair_step.i_symmetry_2 
_ndb_struct_na_base_pair_step.j_label_asym_id_2 
_ndb_struct_na_base_pair_step.j_label_comp_id_2 
_ndb_struct_na_base_pair_step.j_label_seq_id_2 
_ndb_struct_na_base_pair_step.j_symmetry_2 
_ndb_struct_na_base_pair_step.shift 
_ndb_struct_na_base_pair_step.slide 
_ndb_struct_na_base_pair_step.rise 
_ndb_struct_na_base_pair_step.tilt 
_ndb_struct_na_base_pair_step.roll 
_ndb_struct_na_base_pair_step.twist 
_ndb_struct_na_base_pair_step.x_displacement 
_ndb_struct_na_base_pair_step.y_displacement 
_ndb_struct_na_base_pair_step.helical_rise 
_ndb_struct_na_base_pair_step.inclination 
_ndb_struct_na_base_pair_step.tip 
_ndb_struct_na_base_pair_step.helical_twist 
_ndb_struct_na_base_pair_step.step_number 
_ndb_struct_na_base_pair_step.step_name 
_ndb_struct_na_base_pair_step.i_auth_asym_id_1 
_ndb_struct_na_base_pair_step.i_auth_seq_id_1 
_ndb_struct_na_base_pair_step.i_PDB_ins_code_1 
_ndb_struct_na_base_pair_step.j_auth_asym_id_1 
_ndb_struct_na_base_pair_step.j_auth_seq_id_1 
_ndb_struct_na_base_pair_step.j_PDB_ins_code_1 
_ndb_struct_na_base_pair_step.i_auth_asym_id_2 
_ndb_struct_na_base_pair_step.i_auth_seq_id_2 
_ndb_struct_na_base_pair_step.i_PDB_ins_code_2 
_ndb_struct_na_base_pair_step.j_auth_asym_id_2 
_ndb_struct_na_base_pair_step.j_auth_seq_id_2 
_ndb_struct_na_base_pair_step.j_PDB_ins_code_2 
1 A LCG 4  1_555 B C 13 1_555 A A 5  1_555 B U   12 1_555 -0.052 -1.239 3.125 0.765  3.198  32.153 -2.758 0.220  2.989 5.756  
-1.377 32.317 1 AA_LCG4A5:U12C13_BB A 4  ? B 13 ? A 5  ? B 12 ? 
1 A A   5  1_555 B U 12 1_555 A C 6  1_555 B G   11 1_555 0.152  -1.598 3.167 0.692  3.802  33.085 -3.384 -0.157 2.973 6.649  
-1.209 33.303 2 AA_A5C6:G11U12_BB   A 5  ? B 12 ? A 6  ? B 11 ? 
1 A C   6  1_555 B G 11 1_555 A U 7  1_555 B A   10 1_555 -0.328 -1.801 3.400 -3.354 10.722 29.856 -5.146 0.014  2.633 19.943 
6.239  31.855 3 AA_C6U7:A10G11_BB   A 6  ? B 11 ? A 7  ? B 10 ? 
1 A U   7  1_555 B A 10 1_555 A U 8  1_555 B A   9  1_555 -0.063 -1.190 3.331 -1.903 8.367  31.171 -3.582 -0.214 2.921 15.212 
3.459  32.302 4 AA_U7U8:A9A10_BB    A 7  ? B 10 ? A 8  ? B 9  ? 
1 A U   8  1_555 B A 9  1_555 A A 9  1_555 B U   8  1_555 0.535  -1.554 3.192 2.069  19.947 32.182 -4.604 -0.598 1.962 32.362 
-3.356 37.778 5 AA_U8A9:U8A9_BB     A 8  ? B 9  ? A 9  ? B 8  ? 
1 A A   9  1_555 B U 8  1_555 A A 10 1_555 B U   7  1_555 -0.692 -1.494 3.255 -1.491 6.307  30.823 -3.879 1.009  2.929 11.705 
2.767  31.480 6 AA_A9A10:U7U8_BB    A 9  ? B 8  ? A 10 ? B 7  ? 
1 A A   10 1_555 B U 7  1_555 A G 11 1_555 B C   6  1_555 0.237  -1.522 3.481 3.354  8.179  31.668 -4.109 0.162  3.014 14.634 
-6.001 32.849 7 AA_A10G11:C6U7_BB   A 10 ? B 7  ? A 11 ? B 6  ? 
1 A G   11 1_555 B C 6  1_555 A U 12 1_555 B A   5  1_555 -0.289 -1.497 3.044 -1.795 3.306  33.289 -3.093 0.232  2.897 5.748  
3.120  33.494 8 AA_G11U12:A5C6_BB   A 11 ? B 6  ? A 12 ? B 5  ? 
1 A U   12 1_555 B A 5  1_555 A C 13 1_555 B LCG 4  1_555 0.468  -1.342 3.229 1.172  4.659  31.764 -3.229 -0.645 3.021 8.453  
-2.126 32.116 9 AA_U12C13:LCG4A5_BB A 12 ? B 5  ? A 13 ? B 4  ? 
# 
_pdbx_audit_support.funding_organization   'Not funded' 
_pdbx_audit_support.country                ? 
_pdbx_audit_support.grant_number           ? 
_pdbx_audit_support.ordinal                1 
# 
loop_
_pdbx_entity_instance_feature.ordinal 
_pdbx_entity_instance_feature.comp_id 
_pdbx_entity_instance_feature.asym_id 
_pdbx_entity_instance_feature.seq_num 
_pdbx_entity_instance_feature.auth_comp_id 
_pdbx_entity_instance_feature.auth_asym_id 
_pdbx_entity_instance_feature.auth_seq_num 
_pdbx_entity_instance_feature.feature_type 
_pdbx_entity_instance_feature.details 
1 G3A ? ? G3A ? ? 'SUBJECT OF INVESTIGATION' ? 
2 LCC ? ? LCC ? ? 'SUBJECT OF INVESTIGATION' ? 
3 LCG ? ? LCG ? ? 'SUBJECT OF INVESTIGATION' ? 
4 TLN ? ? TLN ? ? 'SUBJECT OF INVESTIGATION' ? 
# 
loop_
_pdbx_entity_nonpoly.entity_id 
_pdbx_entity_nonpoly.name 
_pdbx_entity_nonpoly.comp_id 
2 "GUANOSINE-P3-ADENOSINE-5',5'-TRIPHOSPHATE" G3A 
3 'MAGNESIUM ION'                             MG  
4 water                                       HOH 
# 
_pdbx_initial_refinement_model.id               1 
_pdbx_initial_refinement_model.entity_id_list   ? 
_pdbx_initial_refinement_model.type             'experimental model' 
_pdbx_initial_refinement_model.source_name      PDB 
_pdbx_initial_refinement_model.accession_code   5HBX 
_pdbx_initial_refinement_model.details          'PDB entry 5HBX' 
# 
_pdbx_struct_assembly_auth_evidence.id                     1 
_pdbx_struct_assembly_auth_evidence.assembly_id            1 
_pdbx_struct_assembly_auth_evidence.experimental_support   none 
_pdbx_struct_assembly_auth_evidence.details                ? 
# 
